data_7D35
# 
_entry.id   7D35 
# 
_audit_conform.dict_name       mmcif_pdbx.dic 
_audit_conform.dict_version    5.380 
_audit_conform.dict_location   http://mmcif.pdb.org/dictionaries/ascii/mmcif_pdbx.dic 
# 
loop_
_database_2.database_id 
_database_2.database_code 
_database_2.pdbx_database_accession 
_database_2.pdbx_DOI 
PDB   7D35         pdb_00007d35 10.2210/pdb7d35/pdb 
WWPDB D_1300018660 ?            ?                   
# 
_pdbx_database_status.status_code                     REL 
_pdbx_database_status.status_code_sf                  REL 
_pdbx_database_status.status_code_mr                  ? 
_pdbx_database_status.entry_id                        7D35 
_pdbx_database_status.recvd_initial_deposition_date   2020-09-18 
_pdbx_database_status.SG_entry                        N 
_pdbx_database_status.deposit_site                    PDBJ 
_pdbx_database_status.process_site                    PDBJ 
_pdbx_database_status.status_code_cs                  ? 
_pdbx_database_status.status_code_nmr_data            ? 
_pdbx_database_status.methods_development_category    ? 
_pdbx_database_status.pdb_format_compatible           Y 
# 
loop_
_audit_author.name 
_audit_author.pdbx_ordinal 
_audit_author.identifier_ORCID 
'Ku, B.'  1 ? 
'Lim, D.' 2 ? 
# 
_citation.abstract                  ? 
_citation.abstract_id_CAS           ? 
_citation.book_id_ISBN              ? 
_citation.book_publisher            ? 
_citation.book_publisher_city       ? 
_citation.book_title                ? 
_citation.coordinate_linkage        ? 
_citation.country                   KR 
_citation.database_id_Medline       ? 
_citation.details                   ? 
_citation.id                        primary 
_citation.journal_abbrev            J.Microbiol 
_citation.journal_id_ASTM           ? 
_citation.journal_id_CSD            ? 
_citation.journal_id_ISSN           1976-3794 
_citation.journal_full              ? 
_citation.journal_issue             ? 
_citation.journal_volume            59 
_citation.language                  ? 
_citation.page_first                410 
_citation.page_last                 416 
_citation.title                     'Crystal structure of human LC8 bound to a peptide from Ebola virus VP35.' 
_citation.year                      2021 
_citation.database_id_CSD           ? 
_citation.pdbx_database_id_DOI      10.1007/s12275-021-0641-7 
_citation.pdbx_database_id_PubMed   33630249 
_citation.unpublished_flag          ? 
# 
loop_
_citation_author.citation_id 
_citation_author.name 
_citation_author.ordinal 
_citation_author.identifier_ORCID 
primary 'Lim, D.'    1 ? 
primary 'Shin, H.C.' 2 ? 
primary 'Choi, J.S.' 3 ? 
primary 'Kim, S.J.'  4 ? 
primary 'Ku, B.'     5 ? 
# 
_cell.angle_alpha                  90.000 
_cell.angle_alpha_esd              ? 
_cell.angle_beta                   90.000 
_cell.angle_beta_esd               ? 
_cell.angle_gamma                  120.000 
_cell.angle_gamma_esd              ? 
_cell.entry_id                     7D35 
_cell.details                      ? 
_cell.formula_units_Z              ? 
_cell.length_a                     43.426 
_cell.length_a_esd                 ? 
_cell.length_b                     43.426 
_cell.length_b_esd                 ? 
_cell.length_c                     205.190 
_cell.length_c_esd                 ? 
_cell.volume                       ? 
_cell.volume_esd                   ? 
_cell.Z_PDB                        12 
_cell.reciprocal_angle_alpha       ? 
_cell.reciprocal_angle_beta        ? 
_cell.reciprocal_angle_gamma       ? 
_cell.reciprocal_angle_alpha_esd   ? 
_cell.reciprocal_angle_beta_esd    ? 
_cell.reciprocal_angle_gamma_esd   ? 
_cell.reciprocal_length_a          ? 
_cell.reciprocal_length_b          ? 
_cell.reciprocal_length_c          ? 
_cell.reciprocal_length_a_esd      ? 
_cell.reciprocal_length_b_esd      ? 
_cell.reciprocal_length_c_esd      ? 
_cell.pdbx_unique_axis             ? 
# 
_symmetry.entry_id                         7D35 
_symmetry.cell_setting                     ? 
_symmetry.Int_Tables_number                178 
_symmetry.space_group_name_Hall            ? 
_symmetry.space_group_name_H-M             'P 61 2 2' 
_symmetry.pdbx_full_space_group_name_H-M   ? 
# 
loop_
_entity.id 
_entity.type 
_entity.src_method 
_entity.pdbx_description 
_entity.formula_weight 
_entity.pdbx_number_of_molecules 
_entity.pdbx_ec 
_entity.pdbx_mutation 
_entity.pdbx_fragment 
_entity.details 
1 polymer man 'Dynein light chain 1, cytoplasmic'     10577.098 1  ? ? ? ? 
2 polymer syn 'Peptide from Polymerase cofactor VP35' 1180.226  1  ? ? ? ? 
3 water   nat water                                   18.015    17 ? ? ? ? 
# 
loop_
_entity_name_com.entity_id 
_entity_name_com.name 
1 '8 kDa dynein light chain,DLC8,Dynein light chain LC8-type 1,Protein inhibitor of neuronal nitric oxide synthase,PIN' 
2 'Ebola VP35,eVP35'                                                                                                    
# 
loop_
_entity_poly.entity_id 
_entity_poly.type 
_entity_poly.nstd_linkage 
_entity_poly.nstd_monomer 
_entity_poly.pdbx_seq_one_letter_code 
_entity_poly.pdbx_seq_one_letter_code_can 
_entity_poly.pdbx_strand_id 
_entity_poly.pdbx_target_identifier 
1 'polypeptide(L)' no no 
;GHMCDRKAVIKNADMSEEMQQDSVECATQALEKYNIEKDIAAHIKKEFDKKYNPTWHCIVGRNFGSYVTHETKHFIYFYL
GQVAILLFKSG
;
;GHMCDRKAVIKNADMSEEMQQDSVECATQALEKYNIEKDIAAHIKKEFDKKYNPTWHCIVGRNFGSYVTHETKHFIYFYL
GQVAILLFKSG
;
A ? 
2 'polypeptide(L)' no no KTRNSQTQTD                                                                                     KTRNSQTQTD 
B ? 
# 
loop_
_entity_poly_seq.entity_id 
_entity_poly_seq.num 
_entity_poly_seq.mon_id 
_entity_poly_seq.hetero 
1 1  GLY n 
1 2  HIS n 
1 3  MET n 
1 4  CYS n 
1 5  ASP n 
1 6  ARG n 
1 7  LYS n 
1 8  ALA n 
1 9  VAL n 
1 10 ILE n 
1 11 LYS n 
1 12 ASN n 
1 13 ALA n 
1 14 ASP n 
1 15 MET n 
1 16 SER n 
1 17 GLU n 
1 18 GLU n 
1 19 MET n 
1 20 GLN n 
1 21 GLN n 
1 22 ASP n 
1 23 SER n 
1 24 VAL n 
1 25 GLU n 
1 26 CYS n 
1 27 ALA n 
1 28 THR n 
1 29 GLN n 
1 30 ALA n 
1 31 LEU n 
1 32 GLU n 
1 33 LYS n 
1 34 TYR n 
1 35 ASN n 
1 36 ILE n 
1 37 GLU n 
1 38 LYS n 
1 39 ASP n 
1 40 ILE n 
1 41 ALA n 
1 42 ALA n 
1 43 HIS n 
1 44 ILE n 
1 45 LYS n 
1 46 LYS n 
1 47 GLU n 
1 48 PHE n 
1 49 ASP n 
1 50 LYS n 
1 51 LYS n 
1 52 TYR n 
1 53 ASN n 
1 54 PRO n 
1 55 THR n 
1 56 TRP n 
1 57 HIS n 
1 58 CYS n 
1 59 ILE n 
1 60 VAL n 
1 61 GLY n 
1 62 ARG n 
1 63 ASN n 
1 64 PHE n 
1 65 GLY n 
1 66 SER n 
1 67 TYR n 
1 68 VAL n 
1 69 THR n 
1 70 HIS n 
1 71 GLU n 
1 72 THR n 
1 73 LYS n 
1 74 HIS n 
1 75 PHE n 
1 76 ILE n 
1 77 TYR n 
1 78 PHE n 
1 79 TYR n 
1 80 LEU n 
1 81 GLY n 
1 82 GLN n 
1 83 VAL n 
1 84 ALA n 
1 85 ILE n 
1 86 LEU n 
1 87 LEU n 
1 88 PHE n 
1 89 LYS n 
1 90 SER n 
1 91 GLY n 
2 1  LYS n 
2 2  THR n 
2 3  ARG n 
2 4  ASN n 
2 5  SER n 
2 6  GLN n 
2 7  THR n 
2 8  GLN n 
2 9  THR n 
2 10 ASP n 
# 
_entity_src_gen.entity_id                          1 
_entity_src_gen.pdbx_src_id                        1 
_entity_src_gen.pdbx_alt_source_flag               sample 
_entity_src_gen.pdbx_seq_type                      'Biological sequence' 
_entity_src_gen.pdbx_beg_seq_num                   1 
_entity_src_gen.pdbx_end_seq_num                   91 
_entity_src_gen.gene_src_common_name               Human 
_entity_src_gen.gene_src_genus                     ? 
_entity_src_gen.pdbx_gene_src_gene                 'DYNLL1, DLC1, DNCL1, DNCLC1, HDLC1' 
_entity_src_gen.gene_src_species                   ? 
_entity_src_gen.gene_src_strain                    ? 
_entity_src_gen.gene_src_tissue                    ? 
_entity_src_gen.gene_src_tissue_fraction           ? 
_entity_src_gen.gene_src_details                   ? 
_entity_src_gen.pdbx_gene_src_fragment             ? 
_entity_src_gen.pdbx_gene_src_scientific_name      'Homo sapiens' 
_entity_src_gen.pdbx_gene_src_ncbi_taxonomy_id     9606 
_entity_src_gen.pdbx_gene_src_variant              ? 
_entity_src_gen.pdbx_gene_src_cell_line            ? 
_entity_src_gen.pdbx_gene_src_atcc                 ? 
_entity_src_gen.pdbx_gene_src_organ                ? 
_entity_src_gen.pdbx_gene_src_organelle            ? 
_entity_src_gen.pdbx_gene_src_cell                 ? 
_entity_src_gen.pdbx_gene_src_cellular_location    ? 
_entity_src_gen.host_org_common_name               ? 
_entity_src_gen.pdbx_host_org_scientific_name      'Escherichia coli' 
_entity_src_gen.pdbx_host_org_ncbi_taxonomy_id     562 
_entity_src_gen.host_org_genus                     ? 
_entity_src_gen.pdbx_host_org_gene                 ? 
_entity_src_gen.pdbx_host_org_organ                ? 
_entity_src_gen.host_org_species                   ? 
_entity_src_gen.pdbx_host_org_tissue               ? 
_entity_src_gen.pdbx_host_org_tissue_fraction      ? 
_entity_src_gen.pdbx_host_org_strain               ? 
_entity_src_gen.pdbx_host_org_variant              ? 
_entity_src_gen.pdbx_host_org_cell_line            ? 
_entity_src_gen.pdbx_host_org_atcc                 ? 
_entity_src_gen.pdbx_host_org_culture_collection   ? 
_entity_src_gen.pdbx_host_org_cell                 ? 
_entity_src_gen.pdbx_host_org_organelle            ? 
_entity_src_gen.pdbx_host_org_cellular_location    ? 
_entity_src_gen.pdbx_host_org_vector_type          ? 
_entity_src_gen.pdbx_host_org_vector               ? 
_entity_src_gen.host_org_details                   ? 
_entity_src_gen.expression_system_id               ? 
_entity_src_gen.plasmid_name                       ? 
_entity_src_gen.plasmid_details                    ? 
_entity_src_gen.pdbx_description                   ? 
# 
_pdbx_entity_src_syn.entity_id              2 
_pdbx_entity_src_syn.pdbx_src_id            1 
_pdbx_entity_src_syn.pdbx_alt_source_flag   sample 
_pdbx_entity_src_syn.pdbx_beg_seq_num       1 
_pdbx_entity_src_syn.pdbx_end_seq_num       10 
_pdbx_entity_src_syn.organism_scientific    'Ebola virus' 
_pdbx_entity_src_syn.organism_common_name   ? 
_pdbx_entity_src_syn.ncbi_taxonomy_id       1570291 
_pdbx_entity_src_syn.details                ? 
# 
loop_
_struct_ref.id 
_struct_ref.db_name 
_struct_ref.db_code 
_struct_ref.pdbx_db_accession 
_struct_ref.pdbx_db_isoform 
_struct_ref.entity_id 
_struct_ref.pdbx_seq_one_letter_code 
_struct_ref.pdbx_align_begin 
1 UNP DYL1_HUMAN P63167 ? 1 
;MCDRKAVIKNADMSEEMQQDSVECATQALEKYNIEKDIAAHIKKEFDKKYNPTWHCIVGRNFGSYVTHETKHFIYFYLGQ
VAILLFKSG
;
1  
2 UNP VP35_EBOZ5 Q6V1Q9 ? 2 KTRNSQTQTD                                                                                   67 
# 
loop_
_struct_ref_seq.align_id 
_struct_ref_seq.ref_id 
_struct_ref_seq.pdbx_PDB_id_code 
_struct_ref_seq.pdbx_strand_id 
_struct_ref_seq.seq_align_beg 
_struct_ref_seq.pdbx_seq_align_beg_ins_code 
_struct_ref_seq.seq_align_end 
_struct_ref_seq.pdbx_seq_align_end_ins_code 
_struct_ref_seq.pdbx_db_accession 
_struct_ref_seq.db_align_beg 
_struct_ref_seq.pdbx_db_align_beg_ins_code 
_struct_ref_seq.db_align_end 
_struct_ref_seq.pdbx_db_align_end_ins_code 
_struct_ref_seq.pdbx_auth_seq_align_beg 
_struct_ref_seq.pdbx_auth_seq_align_end 
1 1 7D35 A 3 ? 91 ? P63167 1  ? 89 ? 1  89 
2 2 7D35 B 1 ? 10 ? Q6V1Q9 67 ? 76 ? 67 76 
# 
loop_
_struct_ref_seq_dif.align_id 
_struct_ref_seq_dif.pdbx_pdb_id_code 
_struct_ref_seq_dif.mon_id 
_struct_ref_seq_dif.pdbx_pdb_strand_id 
_struct_ref_seq_dif.seq_num 
_struct_ref_seq_dif.pdbx_pdb_ins_code 
_struct_ref_seq_dif.pdbx_seq_db_name 
_struct_ref_seq_dif.pdbx_seq_db_accession_code 
_struct_ref_seq_dif.db_mon_id 
_struct_ref_seq_dif.pdbx_seq_db_seq_num 
_struct_ref_seq_dif.details 
_struct_ref_seq_dif.pdbx_auth_seq_num 
_struct_ref_seq_dif.pdbx_ordinal 
1 7D35 GLY A 1 ? UNP P63167 ? ? 'expression tag' -1 1 
1 7D35 HIS A 2 ? UNP P63167 ? ? 'expression tag' 0  2 
# 
loop_
_chem_comp.id 
_chem_comp.type 
_chem_comp.mon_nstd_flag 
_chem_comp.name 
_chem_comp.pdbx_synonyms 
_chem_comp.formula 
_chem_comp.formula_weight 
ALA 'L-peptide linking' y ALANINE         ? 'C3 H7 N O2'     89.093  
ARG 'L-peptide linking' y ARGININE        ? 'C6 H15 N4 O2 1' 175.209 
ASN 'L-peptide linking' y ASPARAGINE      ? 'C4 H8 N2 O3'    132.118 
ASP 'L-peptide linking' y 'ASPARTIC ACID' ? 'C4 H7 N O4'     133.103 
CYS 'L-peptide linking' y CYSTEINE        ? 'C3 H7 N O2 S'   121.158 
GLN 'L-peptide linking' y GLUTAMINE       ? 'C5 H10 N2 O3'   146.144 
GLU 'L-peptide linking' y 'GLUTAMIC ACID' ? 'C5 H9 N O4'     147.129 
GLY 'peptide linking'   y GLYCINE         ? 'C2 H5 N O2'     75.067  
HIS 'L-peptide linking' y HISTIDINE       ? 'C6 H10 N3 O2 1' 156.162 
HOH non-polymer         . WATER           ? 'H2 O'           18.015  
ILE 'L-peptide linking' y ISOLEUCINE      ? 'C6 H13 N O2'    131.173 
LEU 'L-peptide linking' y LEUCINE         ? 'C6 H13 N O2'    131.173 
LYS 'L-peptide linking' y LYSINE          ? 'C6 H15 N2 O2 1' 147.195 
MET 'L-peptide linking' y METHIONINE      ? 'C5 H11 N O2 S'  149.211 
PHE 'L-peptide linking' y PHENYLALANINE   ? 'C9 H11 N O2'    165.189 
PRO 'L-peptide linking' y PROLINE         ? 'C5 H9 N O2'     115.130 
SER 'L-peptide linking' y SERINE          ? 'C3 H7 N O3'     105.093 
THR 'L-peptide linking' y THREONINE       ? 'C4 H9 N O3'     119.119 
TRP 'L-peptide linking' y TRYPTOPHAN      ? 'C11 H12 N2 O2'  204.225 
TYR 'L-peptide linking' y TYROSINE        ? 'C9 H11 N O3'    181.189 
VAL 'L-peptide linking' y VALINE          ? 'C5 H11 N O2'    117.146 
# 
_exptl.absorpt_coefficient_mu     ? 
_exptl.absorpt_correction_T_max   ? 
_exptl.absorpt_correction_T_min   ? 
_exptl.absorpt_correction_type    ? 
_exptl.absorpt_process_details    ? 
_exptl.entry_id                   7D35 
_exptl.crystals_number            1 
_exptl.details                    ? 
_exptl.method                     'X-RAY DIFFRACTION' 
_exptl.method_details             ? 
# 
_exptl_crystal.colour                      ? 
_exptl_crystal.density_diffrn              ? 
_exptl_crystal.density_Matthews            2.42 
_exptl_crystal.density_method              ? 
_exptl_crystal.density_percent_sol         49.07 
_exptl_crystal.description                 ? 
_exptl_crystal.F_000                       ? 
_exptl_crystal.id                          1 
_exptl_crystal.preparation                 ? 
_exptl_crystal.size_max                    ? 
_exptl_crystal.size_mid                    ? 
_exptl_crystal.size_min                    ? 
_exptl_crystal.size_rad                    ? 
_exptl_crystal.colour_lustre               ? 
_exptl_crystal.colour_modifier             ? 
_exptl_crystal.colour_primary              ? 
_exptl_crystal.density_meas                ? 
_exptl_crystal.density_meas_esd            ? 
_exptl_crystal.density_meas_gt             ? 
_exptl_crystal.density_meas_lt             ? 
_exptl_crystal.density_meas_temp           ? 
_exptl_crystal.density_meas_temp_esd       ? 
_exptl_crystal.density_meas_temp_gt        ? 
_exptl_crystal.density_meas_temp_lt        ? 
_exptl_crystal.pdbx_crystal_image_url      ? 
_exptl_crystal.pdbx_crystal_image_format   ? 
_exptl_crystal.pdbx_mosaicity              ? 
_exptl_crystal.pdbx_mosaicity_esd          ? 
# 
_exptl_crystal_grow.apparatus       ? 
_exptl_crystal_grow.atmosphere      ? 
_exptl_crystal_grow.crystal_id      1 
_exptl_crystal_grow.details         ? 
_exptl_crystal_grow.method          'VAPOR DIFFUSION, SITTING DROP' 
_exptl_crystal_grow.method_ref      ? 
_exptl_crystal_grow.pH              ? 
_exptl_crystal_grow.pressure        ? 
_exptl_crystal_grow.pressure_esd    ? 
_exptl_crystal_grow.seeding         ? 
_exptl_crystal_grow.seeding_ref     ? 
_exptl_crystal_grow.temp            293 
_exptl_crystal_grow.temp_details    ? 
_exptl_crystal_grow.temp_esd        ? 
_exptl_crystal_grow.time            ? 
_exptl_crystal_grow.pdbx_details    
'200mM ammonium citrate dibasic, 200mM ammonium citrate tribasic (pH 5.5), 30% (w/v) polyethylene glycol 3350' 
_exptl_crystal_grow.pdbx_pH_range   ? 
# 
_diffrn.ambient_environment              ? 
_diffrn.ambient_temp                     93 
_diffrn.ambient_temp_details             ? 
_diffrn.ambient_temp_esd                 ? 
_diffrn.crystal_id                       1 
_diffrn.crystal_support                  ? 
_diffrn.crystal_treatment                ? 
_diffrn.details                          ? 
_diffrn.id                               1 
_diffrn.ambient_pressure                 ? 
_diffrn.ambient_pressure_esd             ? 
_diffrn.ambient_pressure_gt              ? 
_diffrn.ambient_pressure_lt              ? 
_diffrn.ambient_temp_gt                  ? 
_diffrn.ambient_temp_lt                  ? 
_diffrn.pdbx_serial_crystal_experiment   N 
# 
_diffrn_detector.details                      ? 
_diffrn_detector.detector                     CCD 
_diffrn_detector.diffrn_id                    1 
_diffrn_detector.type                         'ADSC QUANTUM 270' 
_diffrn_detector.area_resol_mean              ? 
_diffrn_detector.dtime                        ? 
_diffrn_detector.pdbx_frames_total            ? 
_diffrn_detector.pdbx_collection_time_total   ? 
_diffrn_detector.pdbx_collection_date         2019-12-10 
_diffrn_detector.pdbx_frequency               ? 
# 
_diffrn_radiation.collimation                      ? 
_diffrn_radiation.diffrn_id                        1 
_diffrn_radiation.filter_edge                      ? 
_diffrn_radiation.inhomogeneity                    ? 
_diffrn_radiation.monochromator                    ? 
_diffrn_radiation.polarisn_norm                    ? 
_diffrn_radiation.polarisn_ratio                   ? 
_diffrn_radiation.probe                            ? 
_diffrn_radiation.type                             ? 
_diffrn_radiation.xray_symbol                      ? 
_diffrn_radiation.wavelength_id                    1 
_diffrn_radiation.pdbx_monochromatic_or_laue_m_l   M 
_diffrn_radiation.pdbx_wavelength_list             ? 
_diffrn_radiation.pdbx_wavelength                  ? 
_diffrn_radiation.pdbx_diffrn_protocol             'SINGLE WAVELENGTH' 
_diffrn_radiation.pdbx_analyzer                    ? 
_diffrn_radiation.pdbx_scattering_type             x-ray 
# 
_diffrn_radiation_wavelength.id           1 
_diffrn_radiation_wavelength.wavelength   0.987 
_diffrn_radiation_wavelength.wt           1.0 
# 
_diffrn_source.current                     ? 
_diffrn_source.details                     ? 
_diffrn_source.diffrn_id                   1 
_diffrn_source.power                       ? 
_diffrn_source.size                        ? 
_diffrn_source.source                      SYNCHROTRON 
_diffrn_source.target                      ? 
_diffrn_source.type                        'PAL/PLS BEAMLINE 7A (6B, 6C1)' 
_diffrn_source.voltage                     ? 
_diffrn_source.take-off_angle              ? 
_diffrn_source.pdbx_wavelength_list        0.987 
_diffrn_source.pdbx_wavelength             ? 
_diffrn_source.pdbx_synchrotron_beamline   '7A (6B, 6C1)' 
_diffrn_source.pdbx_synchrotron_site       PAL/PLS 
# 
_reflns.B_iso_Wilson_estimate            ? 
_reflns.entry_id                         7D35 
_reflns.data_reduction_details           ? 
_reflns.data_reduction_method            ? 
_reflns.d_resolution_high                2.40 
_reflns.d_resolution_low                 50 
_reflns.details                          ? 
_reflns.limit_h_max                      ? 
_reflns.limit_h_min                      ? 
_reflns.limit_k_max                      ? 
_reflns.limit_k_min                      ? 
_reflns.limit_l_max                      ? 
_reflns.limit_l_min                      ? 
_reflns.number_all                       ? 
_reflns.number_obs                       4869 
_reflns.observed_criterion               ? 
_reflns.observed_criterion_F_max         ? 
_reflns.observed_criterion_F_min         ? 
_reflns.observed_criterion_I_max         ? 
_reflns.observed_criterion_I_min         ? 
_reflns.observed_criterion_sigma_F       ? 
_reflns.observed_criterion_sigma_I       ? 
_reflns.percent_possible_obs             95.0 
_reflns.R_free_details                   ? 
_reflns.Rmerge_F_all                     ? 
_reflns.Rmerge_F_obs                     ? 
_reflns.Friedel_coverage                 ? 
_reflns.number_gt                        ? 
_reflns.threshold_expression             ? 
_reflns.pdbx_redundancy                  4.7 
_reflns.pdbx_Rmerge_I_obs                0.094 
_reflns.pdbx_Rmerge_I_all                ? 
_reflns.pdbx_Rsym_value                  ? 
_reflns.pdbx_netI_over_av_sigmaI         ? 
_reflns.pdbx_netI_over_sigmaI            17.2 
_reflns.pdbx_res_netI_over_av_sigmaI_2   ? 
_reflns.pdbx_res_netI_over_sigmaI_2      ? 
_reflns.pdbx_chi_squared                 ? 
_reflns.pdbx_scaling_rejects             ? 
_reflns.pdbx_d_res_high_opt              ? 
_reflns.pdbx_d_res_low_opt               ? 
_reflns.pdbx_d_res_opt_method            ? 
_reflns.phase_calculation_details        ? 
_reflns.pdbx_Rrim_I_all                  ? 
_reflns.pdbx_Rpim_I_all                  ? 
_reflns.pdbx_d_opt                       ? 
_reflns.pdbx_number_measured_all         ? 
_reflns.pdbx_diffrn_id                   1 
_reflns.pdbx_ordinal                     1 
_reflns.pdbx_CC_half                     0.975 
_reflns.pdbx_CC_star                     ? 
_reflns.pdbx_R_split                     ? 
# 
_reflns_shell.d_res_high                  2.40 
_reflns_shell.d_res_low                   2.44 
_reflns_shell.meanI_over_sigI_all         ? 
_reflns_shell.meanI_over_sigI_obs         ? 
_reflns_shell.number_measured_all         ? 
_reflns_shell.number_measured_obs         ? 
_reflns_shell.number_possible             ? 
_reflns_shell.number_unique_all           ? 
_reflns_shell.number_unique_obs           225 
_reflns_shell.percent_possible_all        ? 
_reflns_shell.percent_possible_obs        ? 
_reflns_shell.Rmerge_F_all                ? 
_reflns_shell.Rmerge_F_obs                ? 
_reflns_shell.Rmerge_I_all                ? 
_reflns_shell.Rmerge_I_obs                0.310 
_reflns_shell.meanI_over_sigI_gt          ? 
_reflns_shell.meanI_over_uI_all           ? 
_reflns_shell.meanI_over_uI_gt            ? 
_reflns_shell.number_measured_gt          ? 
_reflns_shell.number_unique_gt            ? 
_reflns_shell.percent_possible_gt         ? 
_reflns_shell.Rmerge_F_gt                 ? 
_reflns_shell.Rmerge_I_gt                 ? 
_reflns_shell.pdbx_redundancy             ? 
_reflns_shell.pdbx_Rsym_value             ? 
_reflns_shell.pdbx_chi_squared            ? 
_reflns_shell.pdbx_netI_over_sigmaI_all   ? 
_reflns_shell.pdbx_netI_over_sigmaI_obs   ? 
_reflns_shell.pdbx_Rrim_I_all             ? 
_reflns_shell.pdbx_Rpim_I_all             ? 
_reflns_shell.pdbx_rejects                ? 
_reflns_shell.pdbx_ordinal                1 
_reflns_shell.pdbx_diffrn_id              1 
_reflns_shell.pdbx_CC_half                0.949 
_reflns_shell.pdbx_CC_star                ? 
_reflns_shell.pdbx_R_split                ? 
# 
_refine.aniso_B[1][1]                            ? 
_refine.aniso_B[1][2]                            ? 
_refine.aniso_B[1][3]                            ? 
_refine.aniso_B[2][2]                            ? 
_refine.aniso_B[2][3]                            ? 
_refine.aniso_B[3][3]                            ? 
_refine.B_iso_max                                73.300 
_refine.B_iso_mean                               33.0497 
_refine.B_iso_min                                12.390 
_refine.correlation_coeff_Fo_to_Fc               ? 
_refine.correlation_coeff_Fo_to_Fc_free          ? 
_refine.details                                  ? 
_refine.diff_density_max                         ? 
_refine.diff_density_max_esd                     ? 
_refine.diff_density_min                         ? 
_refine.diff_density_min_esd                     ? 
_refine.diff_density_rms                         ? 
_refine.diff_density_rms_esd                     ? 
_refine.entry_id                                 7D35 
_refine.pdbx_refine_id                           'X-RAY DIFFRACTION' 
_refine.ls_abs_structure_details                 ? 
_refine.ls_abs_structure_Flack                   ? 
_refine.ls_abs_structure_Flack_esd               ? 
_refine.ls_abs_structure_Rogers                  ? 
_refine.ls_abs_structure_Rogers_esd              ? 
_refine.ls_d_res_high                            2.4010 
_refine.ls_d_res_low                             30.3300 
_refine.ls_extinction_coef                       ? 
_refine.ls_extinction_coef_esd                   ? 
_refine.ls_extinction_expression                 ? 
_refine.ls_extinction_method                     ? 
_refine.ls_goodness_of_fit_all                   ? 
_refine.ls_goodness_of_fit_all_esd               ? 
_refine.ls_goodness_of_fit_obs                   ? 
_refine.ls_goodness_of_fit_obs_esd               ? 
_refine.ls_hydrogen_treatment                    ? 
_refine.ls_matrix_type                           ? 
_refine.ls_number_constraints                    ? 
_refine.ls_number_parameters                     ? 
_refine.ls_number_reflns_all                     ? 
_refine.ls_number_reflns_obs                     4860 
_refine.ls_number_reflns_R_free                  487 
_refine.ls_number_reflns_R_work                  4373 
_refine.ls_number_restraints                     ? 
_refine.ls_percent_reflns_obs                    96.2000 
_refine.ls_percent_reflns_R_free                 10.0200 
_refine.ls_R_factor_all                          ? 
_refine.ls_R_factor_obs                          0.2340 
_refine.ls_R_factor_R_free                       0.2917 
_refine.ls_R_factor_R_free_error                 ? 
_refine.ls_R_factor_R_free_error_details         ? 
_refine.ls_R_factor_R_work                       0.2276 
_refine.ls_R_Fsqd_factor_obs                     ? 
_refine.ls_R_I_factor_obs                        ? 
_refine.ls_redundancy_reflns_all                 ? 
_refine.ls_redundancy_reflns_obs                 ? 
_refine.ls_restrained_S_all                      ? 
_refine.ls_restrained_S_obs                      ? 
_refine.ls_shift_over_esd_max                    ? 
_refine.ls_shift_over_esd_mean                   ? 
_refine.ls_structure_factor_coef                 ? 
_refine.ls_weighting_details                     ? 
_refine.ls_weighting_scheme                      ? 
_refine.ls_wR_factor_all                         ? 
_refine.ls_wR_factor_obs                         ? 
_refine.ls_wR_factor_R_free                      ? 
_refine.ls_wR_factor_R_work                      ? 
_refine.occupancy_max                            ? 
_refine.occupancy_min                            ? 
_refine.solvent_model_details                    'FLAT BULK SOLVENT MODEL' 
_refine.solvent_model_param_bsol                 ? 
_refine.solvent_model_param_ksol                 ? 
_refine.pdbx_R_complete                          ? 
_refine.ls_R_factor_gt                           ? 
_refine.ls_goodness_of_fit_gt                    ? 
_refine.ls_goodness_of_fit_ref                   ? 
_refine.ls_shift_over_su_max                     ? 
_refine.ls_shift_over_su_max_lt                  ? 
_refine.ls_shift_over_su_mean                    ? 
_refine.ls_shift_over_su_mean_lt                 ? 
_refine.pdbx_ls_sigma_I                          ? 
_refine.pdbx_ls_sigma_F                          1.500 
_refine.pdbx_ls_sigma_Fsqd                       ? 
_refine.pdbx_data_cutoff_high_absF               ? 
_refine.pdbx_data_cutoff_high_rms_absF           ? 
_refine.pdbx_data_cutoff_low_absF                ? 
_refine.pdbx_isotropic_thermal_model             ? 
_refine.pdbx_ls_cross_valid_method               THROUGHOUT 
_refine.pdbx_method_to_determine_struct          'MOLECULAR REPLACEMENT' 
_refine.pdbx_starting_model                      1CMI 
_refine.pdbx_stereochemistry_target_values       ML 
_refine.pdbx_R_Free_selection_details            ? 
_refine.pdbx_stereochem_target_val_spec_case     ? 
_refine.pdbx_overall_ESU_R                       ? 
_refine.pdbx_overall_ESU_R_Free                  ? 
_refine.pdbx_solvent_vdw_probe_radii             1.1100 
_refine.pdbx_solvent_ion_probe_radii             ? 
_refine.pdbx_solvent_shrinkage_radii             0.9000 
_refine.pdbx_real_space_R                        ? 
_refine.pdbx_density_correlation                 ? 
_refine.pdbx_pd_number_of_powder_patterns        ? 
_refine.pdbx_pd_number_of_points                 ? 
_refine.pdbx_pd_meas_number_of_points            ? 
_refine.pdbx_pd_proc_ls_prof_R_factor            ? 
_refine.pdbx_pd_proc_ls_prof_wR_factor           ? 
_refine.pdbx_pd_Marquardt_correlation_coeff      ? 
_refine.pdbx_pd_Fsqrd_R_factor                   ? 
_refine.pdbx_pd_ls_matrix_band_width             ? 
_refine.pdbx_overall_phase_error                 28.4100 
_refine.pdbx_overall_SU_R_free_Cruickshank_DPI   ? 
_refine.pdbx_overall_SU_R_free_Blow_DPI          ? 
_refine.pdbx_overall_SU_R_Blow_DPI               ? 
_refine.pdbx_TLS_residual_ADP_flag               ? 
_refine.pdbx_diffrn_id                           1 
_refine.overall_SU_B                             ? 
_refine.overall_SU_ML                            0.3800 
_refine.overall_SU_R_Cruickshank_DPI             ? 
_refine.overall_SU_R_free                        ? 
_refine.overall_FOM_free_R_set                   ? 
_refine.overall_FOM_work_R_set                   ? 
_refine.pdbx_average_fsc_overall                 ? 
_refine.pdbx_average_fsc_work                    ? 
_refine.pdbx_average_fsc_free                    ? 
# 
_refine_hist.pdbx_refine_id                   'X-RAY DIFFRACTION' 
_refine_hist.cycle_id                         final 
_refine_hist.details                          ? 
_refine_hist.d_res_high                       2.4010 
_refine_hist.d_res_low                        30.3300 
_refine_hist.number_atoms_solvent             17 
_refine_hist.number_atoms_total               807 
_refine_hist.number_reflns_all                ? 
_refine_hist.number_reflns_obs                ? 
_refine_hist.number_reflns_R_free             ? 
_refine_hist.number_reflns_R_work             ? 
_refine_hist.R_factor_all                     ? 
_refine_hist.R_factor_obs                     ? 
_refine_hist.R_factor_R_free                  ? 
_refine_hist.R_factor_R_work                  ? 
_refine_hist.pdbx_number_residues_total       96 
_refine_hist.pdbx_B_iso_mean_ligand           ? 
_refine_hist.pdbx_B_iso_mean_solvent          32.12 
_refine_hist.pdbx_number_atoms_protein        790 
_refine_hist.pdbx_number_atoms_nucleic_acid   0 
_refine_hist.pdbx_number_atoms_ligand         0 
_refine_hist.pdbx_number_atoms_lipid          ? 
_refine_hist.pdbx_number_atoms_carb           ? 
_refine_hist.pdbx_pseudo_atom_details         ? 
# 
loop_
_refine_ls_restr.pdbx_refine_id 
_refine_ls_restr.criterion 
_refine_ls_restr.dev_ideal 
_refine_ls_restr.dev_ideal_target 
_refine_ls_restr.number 
_refine_ls_restr.rejects 
_refine_ls_restr.type 
_refine_ls_restr.weight 
_refine_ls_restr.pdbx_restraint_function 
'X-RAY DIFFRACTION' ? 0.007  ? 805  ? f_bond_d           ? ? 
'X-RAY DIFFRACTION' ? 0.911  ? 1080 ? f_angle_d          ? ? 
'X-RAY DIFFRACTION' ? 0.056  ? 116  ? f_chiral_restr     ? ? 
'X-RAY DIFFRACTION' ? 0.004  ? 137  ? f_plane_restr      ? ? 
'X-RAY DIFFRACTION' ? 17.059 ? 485  ? f_dihedral_angle_d ? ? 
# 
loop_
_refine_ls_shell.pdbx_refine_id 
_refine_ls_shell.d_res_high 
_refine_ls_shell.d_res_low 
_refine_ls_shell.number_reflns_all 
_refine_ls_shell.number_reflns_obs 
_refine_ls_shell.number_reflns_R_free 
_refine_ls_shell.number_reflns_R_work 
_refine_ls_shell.percent_reflns_obs 
_refine_ls_shell.percent_reflns_R_free 
_refine_ls_shell.R_factor_all 
_refine_ls_shell.R_factor_obs 
_refine_ls_shell.R_factor_R_free 
_refine_ls_shell.R_factor_R_free_error 
_refine_ls_shell.R_factor_R_work 
_refine_ls_shell.redundancy_reflns_all 
_refine_ls_shell.redundancy_reflns_obs 
_refine_ls_shell.wR_factor_all 
_refine_ls_shell.wR_factor_obs 
_refine_ls_shell.wR_factor_R_free 
_refine_ls_shell.wR_factor_R_work 
_refine_ls_shell.pdbx_R_complete 
_refine_ls_shell.pdbx_total_number_of_bins_used 
_refine_ls_shell.pdbx_phase_error 
_refine_ls_shell.pdbx_fsc_work 
_refine_ls_shell.pdbx_fsc_free 
'X-RAY DIFFRACTION' 2.4010 2.7479  . . 153 1369 95.0000 . . . 0.3728 0.0000 0.2943 . . . . . . . . . . . 
'X-RAY DIFFRACTION' 2.7479 3.4613  . . 157 1414 96.0000 . . . 0.3058 0.0000 0.2452 . . . . . . . . . . . 
'X-RAY DIFFRACTION' 3.4613 30.3300 . . 177 1590 98.0000 . . . 0.2568 0.0000 0.1977 . . . . . . . . . . . 
# 
_struct.entry_id                     7D35 
_struct.title                        'Human LC8 bound to ebola virus VP35(67-76)' 
_struct.pdbx_model_details           ? 
_struct.pdbx_formula_weight          ? 
_struct.pdbx_formula_weight_method   ? 
_struct.pdbx_model_type_details      ? 
_struct.pdbx_CASP_flag               N 
# 
_struct_keywords.entry_id        7D35 
_struct_keywords.text            'LC8, Ebola virus, EBOV, VP35, UNKNOWN FUNCTION' 
_struct_keywords.pdbx_keywords   'UNKNOWN FUNCTION' 
# 
loop_
_struct_asym.id 
_struct_asym.pdbx_blank_PDB_chainid_flag 
_struct_asym.pdbx_modified 
_struct_asym.entity_id 
_struct_asym.details 
A N N 1 ? 
B N N 2 ? 
C N N 3 ? 
D N N 3 ? 
# 
loop_
_struct_conf.conf_type_id 
_struct_conf.id 
_struct_conf.pdbx_PDB_helix_id 
_struct_conf.beg_label_comp_id 
_struct_conf.beg_label_asym_id 
_struct_conf.beg_label_seq_id 
_struct_conf.pdbx_beg_PDB_ins_code 
_struct_conf.end_label_comp_id 
_struct_conf.end_label_asym_id 
_struct_conf.end_label_seq_id 
_struct_conf.pdbx_end_PDB_ins_code 
_struct_conf.beg_auth_comp_id 
_struct_conf.beg_auth_asym_id 
_struct_conf.beg_auth_seq_id 
_struct_conf.end_auth_comp_id 
_struct_conf.end_auth_asym_id 
_struct_conf.end_auth_seq_id 
_struct_conf.pdbx_PDB_helix_class 
_struct_conf.details 
_struct_conf.pdbx_PDB_helix_length 
HELX_P HELX_P1 AA1 SER A 16 ? TYR A 34 ? SER A 14 TYR A 32 1 ? 19 
HELX_P HELX_P2 AA2 ILE A 36 ? ASN A 53 ? ILE A 34 ASN A 51 1 ? 18 
# 
_struct_conf_type.id          HELX_P 
_struct_conf_type.criteria    ? 
_struct_conf_type.reference   ? 
# 
_struct_mon_prot_cis.pdbx_id                1 
_struct_mon_prot_cis.label_comp_id          PRO 
_struct_mon_prot_cis.label_seq_id           54 
_struct_mon_prot_cis.label_asym_id          A 
_struct_mon_prot_cis.label_alt_id           . 
_struct_mon_prot_cis.pdbx_PDB_ins_code      ? 
_struct_mon_prot_cis.auth_comp_id           PRO 
_struct_mon_prot_cis.auth_seq_id            52 
_struct_mon_prot_cis.auth_asym_id           A 
_struct_mon_prot_cis.pdbx_label_comp_id_2   THR 
_struct_mon_prot_cis.pdbx_label_seq_id_2    55 
_struct_mon_prot_cis.pdbx_label_asym_id_2   A 
_struct_mon_prot_cis.pdbx_PDB_ins_code_2    ? 
_struct_mon_prot_cis.pdbx_auth_comp_id_2    THR 
_struct_mon_prot_cis.pdbx_auth_seq_id_2     53 
_struct_mon_prot_cis.pdbx_auth_asym_id_2    A 
_struct_mon_prot_cis.pdbx_PDB_model_num     1 
_struct_mon_prot_cis.pdbx_omega_angle       0.99 
# 
loop_
_struct_sheet.id 
_struct_sheet.type 
_struct_sheet.number_strands 
_struct_sheet.details 
AA1 ? 4 ? 
AA2 ? 2 ? 
# 
loop_
_struct_sheet_order.sheet_id 
_struct_sheet_order.range_id_1 
_struct_sheet_order.range_id_2 
_struct_sheet_order.offset 
_struct_sheet_order.sense 
AA1 1 2 ? anti-parallel 
AA1 2 3 ? anti-parallel 
AA1 3 4 ? anti-parallel 
AA2 1 2 ? anti-parallel 
# 
loop_
_struct_sheet_range.sheet_id 
_struct_sheet_range.id 
_struct_sheet_range.beg_label_comp_id 
_struct_sheet_range.beg_label_asym_id 
_struct_sheet_range.beg_label_seq_id 
_struct_sheet_range.pdbx_beg_PDB_ins_code 
_struct_sheet_range.end_label_comp_id 
_struct_sheet_range.end_label_asym_id 
_struct_sheet_range.end_label_seq_id 
_struct_sheet_range.pdbx_end_PDB_ins_code 
_struct_sheet_range.beg_auth_comp_id 
_struct_sheet_range.beg_auth_asym_id 
_struct_sheet_range.beg_auth_seq_id 
_struct_sheet_range.end_auth_comp_id 
_struct_sheet_range.end_auth_asym_id 
_struct_sheet_range.end_auth_seq_id 
AA1 1 ALA A 8  ? ASP A 14 ? ALA A 6  ASP A 12 
AA1 2 PHE A 75 ? LEU A 80 ? PHE A 73 LEU A 78 
AA1 3 VAL A 83 ? LYS A 89 ? VAL A 81 LYS A 87 
AA1 4 TRP A 56 ? GLY A 61 ? TRP A 54 GLY A 59 
AA2 1 GLY A 65 ? THR A 69 ? GLY A 63 THR A 67 
AA2 2 ASN B 4  ? GLN B 8  ? ASN B 70 GLN B 74 
# 
loop_
_pdbx_struct_sheet_hbond.sheet_id 
_pdbx_struct_sheet_hbond.range_id_1 
_pdbx_struct_sheet_hbond.range_id_2 
_pdbx_struct_sheet_hbond.range_1_label_atom_id 
_pdbx_struct_sheet_hbond.range_1_label_comp_id 
_pdbx_struct_sheet_hbond.range_1_label_asym_id 
_pdbx_struct_sheet_hbond.range_1_label_seq_id 
_pdbx_struct_sheet_hbond.range_1_PDB_ins_code 
_pdbx_struct_sheet_hbond.range_1_auth_atom_id 
_pdbx_struct_sheet_hbond.range_1_auth_comp_id 
_pdbx_struct_sheet_hbond.range_1_auth_asym_id 
_pdbx_struct_sheet_hbond.range_1_auth_seq_id 
_pdbx_struct_sheet_hbond.range_2_label_atom_id 
_pdbx_struct_sheet_hbond.range_2_label_comp_id 
_pdbx_struct_sheet_hbond.range_2_label_asym_id 
_pdbx_struct_sheet_hbond.range_2_label_seq_id 
_pdbx_struct_sheet_hbond.range_2_PDB_ins_code 
_pdbx_struct_sheet_hbond.range_2_auth_atom_id 
_pdbx_struct_sheet_hbond.range_2_auth_comp_id 
_pdbx_struct_sheet_hbond.range_2_auth_asym_id 
_pdbx_struct_sheet_hbond.range_2_auth_seq_id 
AA1 1 2 N VAL A 9  ? N VAL A 7  O TYR A 79 ? O TYR A 77 
AA1 2 3 N PHE A 78 ? N PHE A 76 O ILE A 85 ? O ILE A 83 
AA1 3 4 O LEU A 86 ? O LEU A 84 N ILE A 59 ? N ILE A 57 
AA2 1 2 N SER A 66 ? N SER A 64 O THR B 7  ? O THR B 73 
# 
_atom_sites.entry_id                    7D35 
_atom_sites.Cartn_transf_matrix[1][1]   ? 
_atom_sites.Cartn_transf_matrix[1][2]   ? 
_atom_sites.Cartn_transf_matrix[1][3]   ? 
_atom_sites.Cartn_transf_matrix[2][1]   ? 
_atom_sites.Cartn_transf_matrix[2][2]   ? 
_atom_sites.Cartn_transf_matrix[2][3]   ? 
_atom_sites.Cartn_transf_matrix[3][1]   ? 
_atom_sites.Cartn_transf_matrix[3][2]   ? 
_atom_sites.Cartn_transf_matrix[3][3]   ? 
_atom_sites.Cartn_transf_vector[1]      ? 
_atom_sites.Cartn_transf_vector[2]      ? 
_atom_sites.Cartn_transf_vector[3]      ? 
_atom_sites.fract_transf_matrix[1][1]   0.02275335 
_atom_sites.fract_transf_matrix[1][2]   0.01109548 
_atom_sites.fract_transf_matrix[1][3]   -0.00813763 
_atom_sites.fract_transf_matrix[2][1]   0.00269584 
_atom_sites.fract_transf_matrix[2][2]   0.02645248 
_atom_sites.fract_transf_matrix[2][3]   0.00016325 
_atom_sites.fract_transf_matrix[3][1]   0.00172788 
_atom_sites.fract_transf_matrix[3][2]   -0.00020419 
_atom_sites.fract_transf_matrix[3][3]   0.00455287 
_atom_sites.fract_transf_vector[1]      0.182899 
_atom_sites.fract_transf_vector[2]      -0.407489 
_atom_sites.fract_transf_vector[3]      -0.042899 
_atom_sites.solution_primary            ? 
_atom_sites.solution_secondary          ? 
_atom_sites.solution_hydrogens          ? 
_atom_sites.special_details             ? 
# 
loop_
_atom_type.symbol 
C 
N 
O 
S 
# 
loop_
_atom_site.group_PDB 
_atom_site.id 
_atom_site.type_symbol 
_atom_site.label_atom_id 
_atom_site.label_alt_id 
_atom_site.label_comp_id 
_atom_site.label_asym_id 
_atom_site.label_entity_id 
_atom_site.label_seq_id 
_atom_site.pdbx_PDB_ins_code 
_atom_site.Cartn_x 
_atom_site.Cartn_y 
_atom_site.Cartn_z 
_atom_site.occupancy 
_atom_site.B_iso_or_equiv 
_atom_site.pdbx_formal_charge 
_atom_site.auth_seq_id 
_atom_site.auth_comp_id 
_atom_site.auth_asym_id 
_atom_site.auth_atom_id 
_atom_site.pdbx_PDB_model_num 
ATOM   1   N N   . ASP A 1 5  ? -6.455  4.022   15.745  1.00 54.44 ? 3   ASP A N   1 
ATOM   2   C CA  . ASP A 1 5  ? -7.184  5.257   15.469  1.00 59.64 ? 3   ASP A CA  1 
ATOM   3   C C   . ASP A 1 5  ? -8.095  5.088   14.241  1.00 57.24 ? 3   ASP A C   1 
ATOM   4   O O   . ASP A 1 5  ? -9.327  5.178   14.351  1.00 52.89 ? 3   ASP A O   1 
ATOM   5   C CB  . ASP A 1 5  ? -6.189  6.410   15.270  1.00 59.68 ? 3   ASP A CB  1 
ATOM   6   C CG  . ASP A 1 5  ? -6.864  7.768   15.091  1.00 63.96 ? 3   ASP A CG  1 
ATOM   7   O OD1 . ASP A 1 5  ? -7.960  7.860   14.486  1.00 63.17 ? 3   ASP A OD1 1 
ATOM   8   O OD2 . ASP A 1 5  ? -6.285  8.767   15.575  1.00 69.58 ? 3   ASP A OD2 1 
ATOM   9   N N   . ARG A 1 6  ? -7.473  4.857   13.079  1.00 59.23 ? 4   ARG A N   1 
ATOM   10  C CA  . ARG A 1 6  ? -8.181  4.678   11.814  1.00 52.37 ? 4   ARG A CA  1 
ATOM   11  C C   . ARG A 1 6  ? -8.390  3.192   11.544  1.00 51.27 ? 4   ARG A C   1 
ATOM   12  O O   . ARG A 1 6  ? -7.492  2.378   11.781  1.00 53.00 ? 4   ARG A O   1 
ATOM   13  C CB  . ARG A 1 6  ? -7.386  5.291   10.660  1.00 52.59 ? 4   ARG A CB  1 
ATOM   14  C CG  . ARG A 1 6  ? -6.664  6.597   10.968  1.00 54.77 ? 4   ARG A CG  1 
ATOM   15  C CD  . ARG A 1 6  ? -7.597  7.787   10.931  1.00 58.00 ? 4   ARG A CD  1 
ATOM   16  N NE  . ARG A 1 6  ? -6.932  8.935   10.325  1.00 69.08 ? 4   ARG A NE  1 
ATOM   17  C CZ  . ARG A 1 6  ? -7.103  9.326   9.063   1.00 70.75 ? 4   ARG A CZ  1 
ATOM   18  N NH1 . ARG A 1 6  ? -7.939  8.672   8.256   1.00 58.11 ? 4   ARG A NH1 1 
ATOM   19  N NH2 . ARG A 1 6  ? -6.442  10.383  8.610   1.00 73.30 ? 4   ARG A NH2 1 
ATOM   20  N N   . LYS A 1 7  ? -9.567  2.842   11.027  1.00 46.58 ? 5   LYS A N   1 
ATOM   21  C CA  . LYS A 1 7  ? -9.947  1.438   10.870  1.00 41.48 ? 5   LYS A CA  1 
ATOM   22  C C   . LYS A 1 7  ? -9.322  0.865   9.599   1.00 45.25 ? 5   LYS A C   1 
ATOM   23  O O   . LYS A 1 7  ? -9.739  1.205   8.484   1.00 48.65 ? 5   LYS A O   1 
ATOM   24  C CB  . LYS A 1 7  ? -11.467 1.320   10.846  1.00 40.59 ? 5   LYS A CB  1 
ATOM   25  C CG  . LYS A 1 7  ? -12.010 -0.085  10.649  1.00 41.12 ? 5   LYS A CG  1 
ATOM   26  C CD  . LYS A 1 7  ? -13.491 -0.114  10.986  1.00 43.82 ? 5   LYS A CD  1 
ATOM   27  C CE  . LYS A 1 7  ? -14.320 -0.855  9.951   1.00 45.71 ? 5   LYS A CE  1 
ATOM   28  N NZ  . LYS A 1 7  ? -15.773 -0.701  10.241  1.00 48.10 ? 5   LYS A NZ  1 
ATOM   29  N N   . ALA A 1 8  ? -8.337  -0.025  9.755   1.00 39.57 ? 6   ALA A N   1 
ATOM   30  C CA  . ALA A 1 8  ? -7.736  -0.691  8.603   1.00 36.65 ? 6   ALA A CA  1 
ATOM   31  C C   . ALA A 1 8  ? -8.686  -1.743  8.032   1.00 40.69 ? 6   ALA A C   1 
ATOM   32  O O   . ALA A 1 8  ? -9.200  -2.591  8.765   1.00 43.34 ? 6   ALA A O   1 
ATOM   33  C CB  . ALA A 1 8  ? -6.406  -1.333  8.987   1.00 30.41 ? 6   ALA A CB  1 
ATOM   34  N N   . VAL A 1 9  ? -8.927  -1.683  6.721   1.00 44.43 ? 7   VAL A N   1 
ATOM   35  C CA  . VAL A 1 9  ? -9.770  -2.642  6.005   1.00 35.81 ? 7   VAL A CA  1 
ATOM   36  C C   . VAL A 1 9  ? -9.001  -3.077  4.763   1.00 34.82 ? 7   VAL A C   1 
ATOM   37  O O   . VAL A 1 9  ? -8.835  -2.283  3.832   1.00 37.92 ? 7   VAL A O   1 
ATOM   38  C CB  . VAL A 1 9  ? -11.129 -2.045  5.608   1.00 39.24 ? 7   VAL A CB  1 
ATOM   39  C CG1 . VAL A 1 9  ? -11.937 -3.057  4.787   1.00 36.00 ? 7   VAL A CG1 1 
ATOM   40  C CG2 . VAL A 1 9  ? -11.905 -1.572  6.828   1.00 38.23 ? 7   VAL A CG2 1 
ATOM   41  N N   . ILE A 1 10 ? -8.533  -4.322  4.735   1.00 34.26 ? 8   ILE A N   1 
ATOM   42  C CA  . ILE A 1 10 ? -7.823  -4.820  3.559   1.00 31.42 ? 8   ILE A CA  1 
ATOM   43  C C   . ILE A 1 10 ? -8.853  -5.241  2.521   1.00 34.28 ? 8   ILE A C   1 
ATOM   44  O O   . ILE A 1 10 ? -9.711  -6.089  2.789   1.00 39.50 ? 8   ILE A O   1 
ATOM   45  C CB  . ILE A 1 10 ? -6.879  -5.978  3.908   1.00 30.87 ? 8   ILE A CB  1 
ATOM   46  C CG1 . ILE A 1 10 ? -5.886  -5.548  4.985   1.00 29.17 ? 8   ILE A CG1 1 
ATOM   47  C CG2 . ILE A 1 10 ? -6.109  -6.425  2.672   1.00 29.37 ? 8   ILE A CG2 1 
ATOM   48  C CD1 . ILE A 1 10 ? -4.767  -6.542  5.203   1.00 34.31 ? 8   ILE A CD1 1 
ATOM   49  N N   . LYS A 1 11 ? -8.777  -4.638  1.331   1.00 30.81 ? 9   LYS A N   1 
ATOM   50  C CA  . LYS A 1 11 ? -9.752  -4.879  0.282   1.00 33.47 ? 9   LYS A CA  1 
ATOM   51  C C   . LYS A 1 11 ? -9.269  -5.881  -0.762  1.00 31.46 ? 9   LYS A C   1 
ATOM   52  O O   . LYS A 1 11 ? -10.100 -6.504  -1.432  1.00 29.54 ? 9   LYS A O   1 
ATOM   53  C CB  . LYS A 1 11 ? -10.120 -3.556  -0.406  1.00 33.30 ? 9   LYS A CB  1 
ATOM   54  C CG  . LYS A 1 11 ? -10.724 -2.490  0.511   1.00 35.16 ? 9   LYS A CG  1 
ATOM   55  C CD  . LYS A 1 11 ? -12.227 -2.679  0.704   1.00 39.00 ? 9   LYS A CD  1 
ATOM   56  C CE  . LYS A 1 11 ? -12.902 -1.405  1.232   1.00 39.74 ? 9   LYS A CE  1 
ATOM   57  N NZ  . LYS A 1 11 ? -14.401 -1.480  1.185   1.00 46.10 ? 9   LYS A NZ  1 
ATOM   58  N N   . ASN A 1 12 ? -7.958  -6.068  -0.892  1.00 26.75 ? 10  ASN A N   1 
ATOM   59  C CA  . ASN A 1 12 ? -7.398  -7.002  -1.855  1.00 28.78 ? 10  ASN A CA  1 
ATOM   60  C C   . ASN A 1 12 ? -5.920  -7.165  -1.550  1.00 29.32 ? 10  ASN A C   1 
ATOM   61  O O   . ASN A 1 12 ? -5.201  -6.171  -1.433  1.00 29.27 ? 10  ASN A O   1 
ATOM   62  C CB  . ASN A 1 12 ? -7.619  -6.494  -3.287  1.00 32.71 ? 10  ASN A CB  1 
ATOM   63  C CG  . ASN A 1 12 ? -7.082  -7.448  -4.359  1.00 35.83 ? 10  ASN A CG  1 
ATOM   64  O OD1 . ASN A 1 12 ? -6.426  -8.457  -4.068  1.00 31.14 ? 10  ASN A OD1 1 
ATOM   65  N ND2 . ASN A 1 12 ? -7.351  -7.107  -5.626  1.00 37.40 ? 10  ASN A ND2 1 
ATOM   66  N N   . ALA A 1 13 ? -5.451  -8.402  -1.421  1.00 30.51 ? 11  ALA A N   1 
ATOM   67  C CA  . ALA A 1 13 ? -4.041  -8.629  -1.128  1.00 32.67 ? 11  ALA A CA  1 
ATOM   68  C C   . ALA A 1 13 ? -3.569  -9.887  -1.835  1.00 35.71 ? 11  ALA A C   1 
ATOM   69  O O   . ALA A 1 13 ? -4.163  -10.956 -1.677  1.00 43.46 ? 11  ALA A O   1 
ATOM   70  C CB  . ALA A 1 13 ? -3.798  -8.743  0.382   1.00 33.39 ? 11  ALA A CB  1 
ATOM   71  N N   . ASP A 1 14 ? -2.513  -9.748  -2.626  1.00 34.77 ? 12  ASP A N   1 
ATOM   72  C CA  . ASP A 1 14 ? -1.706  -10.866 -3.090  1.00 35.02 ? 12  ASP A CA  1 
ATOM   73  C C   . ASP A 1 14 ? -0.389  -10.729 -2.331  1.00 39.28 ? 12  ASP A C   1 
ATOM   74  O O   . ASP A 1 14 ? 0.559   -10.091 -2.800  1.00 37.90 ? 12  ASP A O   1 
ATOM   75  C CB  . ASP A 1 14 ? -1.506  -10.831 -4.595  1.00 34.88 ? 12  ASP A CB  1 
ATOM   76  C CG  . ASP A 1 14 ? -0.454  -11.799 -5.053  1.00 36.89 ? 12  ASP A CG  1 
ATOM   77  O OD1 . ASP A 1 14 ? -0.378  -12.880 -4.439  1.00 42.01 ? 12  ASP A OD1 1 
ATOM   78  O OD2 . ASP A 1 14 ? 0.307   -11.494 -5.997  1.00 35.60 ? 12  ASP A OD2 1 
ATOM   79  N N   . MET A 1 15 ? -0.349  -11.305 -1.127  1.00 35.95 ? 13  MET A N   1 
ATOM   80  C CA  . MET A 1 15 ? 0.716   -10.968 -0.192  1.00 37.09 ? 13  MET A CA  1 
ATOM   81  C C   . MET A 1 15 ? 0.616   -11.807 1.072   1.00 39.23 ? 13  MET A C   1 
ATOM   82  O O   . MET A 1 15 ? -0.475  -11.930 1.648   1.00 35.26 ? 13  MET A O   1 
ATOM   83  C CB  . MET A 1 15 ? 0.635   -9.481  0.168   1.00 36.41 ? 13  MET A CB  1 
ATOM   84  C CG  . MET A 1 15 ? 1.637   -8.980  1.195   1.00 36.80 ? 13  MET A CG  1 
ATOM   85  S SD  . MET A 1 15 ? 1.390   -7.217  1.512   1.00 29.93 ? 13  MET A SD  1 
ATOM   86  C CE  . MET A 1 15 ? 2.364   -6.468  0.190   1.00 28.71 ? 13  MET A CE  1 
ATOM   87  N N   . SER A 1 16 ? 1.745   -12.367 1.529   1.00 36.66 ? 14  SER A N   1 
ATOM   88  C CA  . SER A 1 16 ? 1.737   -13.073 2.807   1.00 41.36 ? 14  SER A CA  1 
ATOM   89  C C   . SER A 1 16 ? 1.108   -12.185 3.874   1.00 42.38 ? 14  SER A C   1 
ATOM   90  O O   . SER A 1 16 ? 1.203   -10.952 3.830   1.00 39.85 ? 14  SER A O   1 
ATOM   91  C CB  . SER A 1 16 ? 3.151   -13.485 3.233   1.00 36.93 ? 14  SER A CB  1 
ATOM   92  O OG  . SER A 1 16 ? 3.790   -12.448 3.956   1.00 39.50 ? 14  SER A OG  1 
ATOM   93  N N   . GLU A 1 17 ? 0.414   -12.810 4.819   1.00 42.86 ? 15  GLU A N   1 
ATOM   94  C CA  . GLU A 1 17 ? -0.338  -11.996 5.756   1.00 48.79 ? 15  GLU A CA  1 
ATOM   95  C C   . GLU A 1 17 ? 0.570   -11.421 6.841   1.00 45.78 ? 15  GLU A C   1 
ATOM   96  O O   . GLU A 1 17 ? 0.173   -10.486 7.540   1.00 44.53 ? 15  GLU A O   1 
ATOM   97  C CB  . GLU A 1 17 ? -1.491  -12.811 6.341   1.00 51.93 ? 15  GLU A CB  1 
ATOM   98  C CG  . GLU A 1 17 ? -2.382  -12.018 7.289   1.00 53.83 ? 15  GLU A CG  1 
ATOM   99  C CD  . GLU A 1 17 ? -2.444  -12.609 8.683   1.00 65.24 ? 15  GLU A CD  1 
ATOM   100 O OE1 . GLU A 1 17 ? -3.035  -11.944 9.560   1.00 68.12 ? 15  GLU A OE1 1 
ATOM   101 O OE2 . GLU A 1 17 ? -1.922  -13.731 8.866   1.00 67.13 ? 15  GLU A OE2 1 
ATOM   102 N N   . GLU A 1 18 ? 1.797   -11.930 6.968   1.00 43.29 ? 16  GLU A N   1 
ATOM   103 C CA  . GLU A 1 18 ? 2.821   -11.206 7.711   1.00 49.17 ? 16  GLU A CA  1 
ATOM   104 C C   . GLU A 1 18 ? 3.051   -9.839  7.081   1.00 45.33 ? 16  GLU A C   1 
ATOM   105 O O   . GLU A 1 18 ? 2.912   -8.798  7.738   1.00 40.80 ? 16  GLU A O   1 
ATOM   106 C CB  . GLU A 1 18 ? 4.123   -12.015 7.735   1.00 45.75 ? 16  GLU A CB  1 
ATOM   107 C CG  . GLU A 1 18 ? 4.616   -12.394 9.123   1.00 55.93 ? 16  GLU A CG  1 
ATOM   108 C CD  . GLU A 1 18 ? 5.943   -13.172 9.083   1.00 62.44 ? 16  GLU A CD  1 
ATOM   109 O OE1 . GLU A 1 18 ? 6.241   -13.887 10.062  1.00 64.73 ? 16  GLU A OE1 1 
ATOM   110 O OE2 . GLU A 1 18 ? 6.683   -13.061 8.077   1.00 60.01 ? 16  GLU A OE2 1 
ATOM   111 N N   . MET A 1 19 ? 3.420   -9.834  5.796   1.00 42.39 ? 17  MET A N   1 
ATOM   112 C CA  . MET A 1 19 ? 3.647   -8.585  5.079   1.00 36.37 ? 17  MET A CA  1 
ATOM   113 C C   . MET A 1 19 ? 2.420   -7.689  5.102   1.00 34.70 ? 17  MET A C   1 
ATOM   114 O O   . MET A 1 19 ? 2.553   -6.459  5.149   1.00 33.11 ? 17  MET A O   1 
ATOM   115 C CB  . MET A 1 19 ? 4.048   -8.873  3.642   1.00 36.95 ? 17  MET A CB  1 
ATOM   116 C CG  . MET A 1 19 ? 5.525   -9.004  3.374   1.00 37.21 ? 17  MET A CG  1 
ATOM   117 S SD  . MET A 1 19 ? 5.770   -8.723  1.583   1.00 49.44 ? 17  MET A SD  1 
ATOM   118 C CE  . MET A 1 19 ? 7.355   -9.525  1.359   1.00 44.40 ? 17  MET A CE  1 
ATOM   119 N N   . GLN A 1 20 ? 1.220   -8.273  5.068   1.00 36.10 ? 18  GLN A N   1 
ATOM   120 C CA  . GLN A 1 20 ? 0.009   -7.462  5.139   1.00 36.96 ? 18  GLN A CA  1 
ATOM   121 C C   . GLN A 1 20 ? -0.031  -6.664  6.441   1.00 37.20 ? 18  GLN A C   1 
ATOM   122 O O   . GLN A 1 20 ? -0.180  -5.437  6.432   1.00 37.56 ? 18  GLN A O   1 
ATOM   123 C CB  . GLN A 1 20 ? -1.231  -8.349  4.993   1.00 36.00 ? 18  GLN A CB  1 
ATOM   124 C CG  . GLN A 1 20 ? -1.460  -8.874  3.586   1.00 38.65 ? 18  GLN A CG  1 
ATOM   125 C CD  . GLN A 1 20 ? -2.672  -9.787  3.481   1.00 37.99 ? 18  GLN A CD  1 
ATOM   126 O OE1 . GLN A 1 20 ? -3.732  -9.509  4.054   1.00 30.23 ? 18  GLN A OE1 1 
ATOM   127 N NE2 . GLN A 1 20 ? -2.522  -10.888 2.735   1.00 35.29 ? 18  GLN A NE2 1 
ATOM   128 N N   . GLN A 1 21 ? 0.115   -7.345  7.578   1.00 36.46 ? 19  GLN A N   1 
ATOM   129 C CA  . GLN A 1 21 ? 0.130   -6.634  8.853   1.00 38.42 ? 19  GLN A CA  1 
ATOM   130 C C   . GLN A 1 21 ? 1.238   -5.586  8.881   1.00 33.63 ? 19  GLN A C   1 
ATOM   131 O O   . GLN A 1 21 ? 1.047   -4.479  9.398   1.00 30.03 ? 19  GLN A O   1 
ATOM   132 C CB  . GLN A 1 21 ? 0.289   -7.628  10.009  1.00 45.41 ? 19  GLN A CB  1 
ATOM   133 C CG  . GLN A 1 21 ? -0.694  -8.808  9.963   1.00 50.13 ? 19  GLN A CG  1 
ATOM   134 C CD  . GLN A 1 21 ? -0.273  -9.993  10.838  1.00 59.72 ? 19  GLN A CD  1 
ATOM   135 O OE1 . GLN A 1 21 ? 0.881   -10.091 11.276  1.00 59.25 ? 19  GLN A OE1 1 
ATOM   136 N NE2 . GLN A 1 21 ? -1.214  -10.901 11.089  1.00 59.61 ? 19  GLN A NE2 1 
ATOM   137 N N   . ASP A 1 22 ? 2.397   -5.910  8.298   1.00 32.67 ? 20  ASP A N   1 
ATOM   138 C CA  . ASP A 1 22 ? 3.489   -4.950  8.253   1.00 28.49 ? 20  ASP A CA  1 
ATOM   139 C C   . ASP A 1 22 ? 3.140   -3.754  7.373   1.00 34.88 ? 20  ASP A C   1 
ATOM   140 O O   . ASP A 1 22 ? 3.423   -2.604  7.740   1.00 34.32 ? 20  ASP A O   1 
ATOM   141 C CB  . ASP A 1 22 ? 4.755   -5.636  7.758   1.00 31.86 ? 20  ASP A CB  1 
ATOM   142 C CG  . ASP A 1 22 ? 6.002   -4.824  8.049   1.00 40.61 ? 20  ASP A CG  1 
ATOM   143 O OD1 . ASP A 1 22 ? 6.017   -4.099  9.068   1.00 45.68 ? 20  ASP A OD1 1 
ATOM   144 O OD2 . ASP A 1 22 ? 6.981   -4.923  7.286   1.00 41.26 ? 20  ASP A OD2 1 
ATOM   145 N N   . SER A 1 23 ? 2.531   -4.004  6.207   1.00 29.55 ? 21  SER A N   1 
ATOM   146 C CA  . SER A 1 23 ? 2.057   -2.913  5.359   1.00 31.27 ? 21  SER A CA  1 
ATOM   147 C C   . SER A 1 23 ? 1.148   -1.980  6.147   1.00 30.23 ? 21  SER A C   1 
ATOM   148 O O   . SER A 1 23 ? 1.342   -0.759  6.171   1.00 29.47 ? 21  SER A O   1 
ATOM   149 C CB  . SER A 1 23 ? 1.301   -3.463  4.140   1.00 29.02 ? 21  SER A CB  1 
ATOM   150 O OG  . SER A 1 23 ? 2.146   -4.211  3.298   1.00 29.25 ? 21  SER A OG  1 
ATOM   151 N N   . VAL A 1 24 ? 0.129   -2.560  6.783   1.00 31.45 ? 22  VAL A N   1 
ATOM   152 C CA  . VAL A 1 24 ? -0.881  -1.798  7.506   1.00 30.78 ? 22  VAL A CA  1 
ATOM   153 C C   . VAL A 1 24 ? -0.250  -1.015  8.639   1.00 33.15 ? 22  VAL A C   1 
ATOM   154 O O   . VAL A 1 24 ? -0.699  0.089   8.969   1.00 35.08 ? 22  VAL A O   1 
ATOM   155 C CB  . VAL A 1 24 ? -1.977  -2.757  8.013   1.00 30.82 ? 22  VAL A CB  1 
ATOM   156 C CG1 . VAL A 1 24 ? -2.773  -2.140  9.146   1.00 25.96 ? 22  VAL A CG1 1 
ATOM   157 C CG2 . VAL A 1 24 ? -2.893  -3.133  6.869   1.00 30.52 ? 22  VAL A CG2 1 
ATOM   158 N N   . GLU A 1 25 ? 0.812   -1.560  9.232   1.00 31.52 ? 23  GLU A N   1 
ATOM   159 C CA  . GLU A 1 25 ? 1.505   -0.905  10.331  1.00 37.94 ? 23  GLU A CA  1 
ATOM   160 C C   . GLU A 1 25 ? 2.410   0.209   9.824   1.00 36.14 ? 23  GLU A C   1 
ATOM   161 O O   . GLU A 1 25 ? 2.382   1.334   10.344  1.00 34.59 ? 23  GLU A O   1 
ATOM   162 C CB  . GLU A 1 25 ? 2.317   -1.944  11.096  1.00 36.45 ? 23  GLU A CB  1 
ATOM   163 C CG  . GLU A 1 25 ? 2.707   -1.559  12.480  1.00 40.58 ? 23  GLU A CG  1 
ATOM   164 C CD  . GLU A 1 25 ? 3.150   -2.782  13.237  1.00 52.07 ? 23  GLU A CD  1 
ATOM   165 O OE1 . GLU A 1 25 ? 3.023   -3.887  12.644  1.00 46.75 ? 23  GLU A OE1 1 
ATOM   166 O OE2 . GLU A 1 25 ? 3.610   -2.648  14.400  1.00 44.63 ? 23  GLU A OE2 1 
ATOM   167 N N   . CYS A 1 26 ? 3.223   -0.099  8.810   1.00 30.95 ? 24  CYS A N   1 
ATOM   168 C CA  . CYS A 1 26 ? 4.072   0.914   8.196   1.00 35.50 ? 24  CYS A CA  1 
ATOM   169 C C   . CYS A 1 26 ? 3.252   2.112   7.723   1.00 36.46 ? 24  CYS A C   1 
ATOM   170 O O   . CYS A 1 26 ? 3.722   3.255   7.780   1.00 35.34 ? 24  CYS A O   1 
ATOM   171 C CB  . CYS A 1 26 ? 4.847   0.287   7.039   1.00 37.62 ? 24  CYS A CB  1 
ATOM   172 S SG  . CYS A 1 26 ? 5.979   1.388   6.168   1.00 38.18 ? 24  CYS A SG  1 
ATOM   173 N N   . ALA A 1 27 ? 2.016   1.870   7.281   1.00 34.10 ? 25  ALA A N   1 
ATOM   174 C CA  . ALA A 1 27 ? 1.140   2.942   6.830   1.00 32.41 ? 25  ALA A CA  1 
ATOM   175 C C   . ALA A 1 27 ? 0.479   3.666   7.995   1.00 31.65 ? 25  ALA A C   1 
ATOM   176 O O   . ALA A 1 27 ? 0.150   4.850   7.879   1.00 27.61 ? 25  ALA A O   1 
ATOM   177 C CB  . ALA A 1 27 ? 0.075   2.380   5.883   1.00 26.28 ? 25  ALA A CB  1 
ATOM   178 N N   . THR A 1 28 ? 0.238   2.967   9.106   1.00 34.17 ? 26  THR A N   1 
ATOM   179 C CA  . THR A 1 28 ? -0.188  3.649   10.323  1.00 34.32 ? 26  THR A CA  1 
ATOM   180 C C   . THR A 1 28 ? 0.874   4.645   10.769  1.00 32.55 ? 26  THR A C   1 
ATOM   181 O O   . THR A 1 28 ? 0.561   5.791   11.122  1.00 27.58 ? 26  THR A O   1 
ATOM   182 C CB  . THR A 1 28 ? -0.477  2.621   11.421  1.00 36.14 ? 26  THR A CB  1 
ATOM   183 O OG1 . THR A 1 28 ? -1.516  1.740   10.975  1.00 40.36 ? 26  THR A OG1 1 
ATOM   184 C CG2 . THR A 1 28 ? -0.924  3.302   12.710  1.00 33.22 ? 26  THR A CG2 1 
ATOM   185 N N   . GLN A 1 29 ? 2.143   4.227   10.716  1.00 32.48 ? 27  GLN A N   1 
ATOM   186 C CA  . GLN A 1 29 ? 3.248   5.117   11.039  1.00 31.12 ? 27  GLN A CA  1 
ATOM   187 C C   . GLN A 1 29 ? 3.291   6.309   10.110  1.00 30.97 ? 27  GLN A C   1 
ATOM   188 O O   . GLN A 1 29 ? 3.528   7.439   10.551  1.00 35.41 ? 27  GLN A O   1 
ATOM   189 C CB  . GLN A 1 29 ? 4.566   4.370   10.953  1.00 34.48 ? 27  GLN A CB  1 
ATOM   190 C CG  . GLN A 1 29 ? 4.875   3.507   12.162  1.00 43.54 ? 27  GLN A CG  1 
ATOM   191 C CD  . GLN A 1 29 ? 6.109   2.682   11.912  1.00 48.95 ? 27  GLN A CD  1 
ATOM   192 O OE1 . GLN A 1 29 ? 6.802   2.882   10.900  1.00 54.37 ? 27  GLN A OE1 1 
ATOM   193 N NE2 . GLN A 1 29 ? 6.379   1.729   12.794  1.00 42.74 ? 27  GLN A NE2 1 
ATOM   194 N N   . ALA A 1 30 ? 3.102   6.070   8.814   1.00 34.39 ? 28  ALA A N   1 
ATOM   195 C CA  . ALA A 1 30 ? 3.132   7.157   7.850   1.00 30.60 ? 28  ALA A CA  1 
ATOM   196 C C   . ALA A 1 30 ? 2.055   8.184   8.164   1.00 27.68 ? 28  ALA A C   1 
ATOM   197 O O   . ALA A 1 30 ? 2.302   9.392   8.096   1.00 28.03 ? 28  ALA A O   1 
ATOM   198 C CB  . ALA A 1 30 ? 2.969   6.600   6.434   1.00 27.13 ? 28  ALA A CB  1 
ATOM   199 N N   . LEU A 1 31 ? 0.857   7.718   8.527   1.00 27.81 ? 29  LEU A N   1 
ATOM   200 C CA  . LEU A 1 31 ? -0.244  8.619   8.864   1.00 33.48 ? 29  LEU A CA  1 
ATOM   201 C C   . LEU A 1 31 ? -0.032  9.332   10.192  1.00 33.46 ? 29  LEU A C   1 
ATOM   202 O O   . LEU A 1 31 ? -0.650  10.379  10.424  1.00 33.80 ? 29  LEU A O   1 
ATOM   203 C CB  . LEU A 1 31 ? -1.573  7.861   8.932   1.00 33.16 ? 29  LEU A CB  1 
ATOM   204 C CG  . LEU A 1 31 ? -2.331  7.588   7.647   1.00 32.41 ? 29  LEU A CG  1 
ATOM   205 C CD1 . LEU A 1 31 ? -3.781  7.256   7.968   1.00 41.05 ? 29  LEU A CD1 1 
ATOM   206 C CD2 . LEU A 1 31 ? -2.257  8.802   6.768   1.00 34.53 ? 29  LEU A CD2 1 
ATOM   207 N N   . GLU A 1 32 ? 0.783   8.767   11.085  1.00 36.64 ? 30  GLU A N   1 
ATOM   208 C CA  . GLU A 1 32 ? 1.093   9.449   12.336  1.00 36.28 ? 30  GLU A CA  1 
ATOM   209 C C   . GLU A 1 32 ? 2.136   10.534  12.117  1.00 32.24 ? 30  GLU A C   1 
ATOM   210 O O   . GLU A 1 32 ? 2.098   11.571  12.789  1.00 33.53 ? 30  GLU A O   1 
ATOM   211 C CB  . GLU A 1 32 ? 1.563   8.438   13.393  1.00 40.02 ? 30  GLU A CB  1 
ATOM   212 C CG  . GLU A 1 32 ? 0.422   7.632   14.044  1.00 40.38 ? 30  GLU A CG  1 
ATOM   213 C CD  . GLU A 1 32 ? 0.914   6.490   14.931  1.00 48.91 ? 30  GLU A CD  1 
ATOM   214 O OE1 . GLU A 1 32 ? 1.921   5.833   14.563  1.00 48.63 ? 30  GLU A OE1 1 
ATOM   215 O OE2 . GLU A 1 32 ? 0.301   6.259   16.005  1.00 55.82 ? 30  GLU A OE2 1 
ATOM   216 N N   . LYS A 1 33 ? 3.029   10.335  11.150  1.00 27.54 ? 31  LYS A N   1 
ATOM   217 C CA  . LYS A 1 33 ? 4.099   11.280  10.868  1.00 27.89 ? 31  LYS A CA  1 
ATOM   218 C C   . LYS A 1 33 ? 3.717   12.323  9.823   1.00 28.94 ? 31  LYS A C   1 
ATOM   219 O O   . LYS A 1 33 ? 4.049   13.500  9.982   1.00 32.52 ? 31  LYS A O   1 
ATOM   220 C CB  . LYS A 1 33 ? 5.345   10.517  10.421  1.00 25.64 ? 31  LYS A CB  1 
ATOM   221 C CG  . LYS A 1 33 ? 6.470   11.387  9.968   1.00 27.44 ? 31  LYS A CG  1 
ATOM   222 C CD  . LYS A 1 33 ? 7.808   10.696  10.173  1.00 28.26 ? 31  LYS A CD  1 
ATOM   223 C CE  . LYS A 1 33 ? 8.873   11.319  9.274   1.00 31.15 ? 31  LYS A CE  1 
ATOM   224 N NZ  . LYS A 1 33 ? 10.281  11.094  9.695   1.00 28.03 ? 31  LYS A NZ  1 
ATOM   225 N N   . TYR A 1 34 ? 3.022   11.930  8.756   1.00 32.52 ? 32  TYR A N   1 
ATOM   226 C CA  . TYR A 1 34 ? 2.797   12.789  7.600   1.00 27.02 ? 32  TYR A CA  1 
ATOM   227 C C   . TYR A 1 34 ? 1.306   13.021  7.356   1.00 30.02 ? 32  TYR A C   1 
ATOM   228 O O   . TYR A 1 34 ? 0.477   12.129  7.576   1.00 28.95 ? 32  TYR A O   1 
ATOM   229 C CB  . TYR A 1 34 ? 3.418   12.176  6.350   1.00 29.70 ? 32  TYR A CB  1 
ATOM   230 C CG  . TYR A 1 34 ? 4.926   12.032  6.362   1.00 26.78 ? 32  TYR A CG  1 
ATOM   231 C CD1 . TYR A 1 34 ? 5.760   13.150  6.304   1.00 29.02 ? 32  TYR A CD1 1 
ATOM   232 C CD2 . TYR A 1 34 ? 5.515   10.777  6.371   1.00 25.85 ? 32  TYR A CD2 1 
ATOM   233 C CE1 . TYR A 1 34 ? 7.151   13.019  6.283   1.00 30.97 ? 32  TYR A CE1 1 
ATOM   234 C CE2 . TYR A 1 34 ? 6.899   10.629  6.354   1.00 32.11 ? 32  TYR A CE2 1 
ATOM   235 C CZ  . TYR A 1 34 ? 7.718   11.750  6.310   1.00 35.05 ? 32  TYR A CZ  1 
ATOM   236 O OH  . TYR A 1 34 ? 9.097   11.592  6.298   1.00 29.52 ? 32  TYR A OH  1 
ATOM   237 N N   . ASN A 1 35 ? 0.972   14.219  6.872   1.00 30.01 ? 33  ASN A N   1 
ATOM   238 C CA  . ASN A 1 35 ? -0.419  14.565  6.611   1.00 31.08 ? 33  ASN A CA  1 
ATOM   239 C C   . ASN A 1 35 ? -0.753  14.638  5.143   1.00 30.77 ? 33  ASN A C   1 
ATOM   240 O O   . ASN A 1 35 ? -1.937  14.618  4.798   1.00 34.45 ? 33  ASN A O   1 
ATOM   241 C CB  . ASN A 1 35 ? -0.786  15.920  7.224   1.00 32.96 ? 33  ASN A CB  1 
ATOM   242 C CG  . ASN A 1 35 ? -1.083  15.831  8.696   1.00 33.17 ? 33  ASN A CG  1 
ATOM   243 O OD1 . ASN A 1 35 ? -0.614  16.654  9.480   1.00 32.80 ? 33  ASN A OD1 1 
ATOM   244 N ND2 . ASN A 1 35 ? -1.875  14.835  9.084   1.00 35.67 ? 33  ASN A ND2 1 
ATOM   245 N N   . ILE A 1 36 ? 0.248   14.757  4.282   1.00 34.31 ? 34  ILE A N   1 
ATOM   246 C CA  . ILE A 1 36 ? 0.044   14.941  2.852   1.00 25.87 ? 34  ILE A CA  1 
ATOM   247 C C   . ILE A 1 36 ? 0.314   13.619  2.149   1.00 25.78 ? 34  ILE A C   1 
ATOM   248 O O   . ILE A 1 36 ? 1.325   12.955  2.419   1.00 23.43 ? 34  ILE A O   1 
ATOM   249 C CB  . ILE A 1 36 ? 0.947   16.063  2.314   1.00 27.96 ? 34  ILE A CB  1 
ATOM   250 C CG1 . ILE A 1 36 ? 0.565   17.384  2.996   1.00 28.50 ? 34  ILE A CG1 1 
ATOM   251 C CG2 . ILE A 1 36 ? 0.882   16.149  0.763   1.00 24.03 ? 34  ILE A CG2 1 
ATOM   252 C CD1 . ILE A 1 36 ? 1.694   18.395  3.048   1.00 34.90 ? 34  ILE A CD1 1 
ATOM   253 N N   . GLU A 1 37 ? -0.581  13.258  1.223   1.00 24.37 ? 35  GLU A N   1 
ATOM   254 C CA  . GLU A 1 37 ? -0.606  11.909  0.664   1.00 23.36 ? 35  GLU A CA  1 
ATOM   255 C C   . GLU A 1 37 ? 0.720   11.526  0.007   1.00 23.34 ? 35  GLU A C   1 
ATOM   256 O O   . GLU A 1 37 ? 1.257   10.443  0.259   1.00 26.58 ? 35  GLU A O   1 
ATOM   257 C CB  . GLU A 1 37 ? -1.776  11.794  -0.322  1.00 23.36 ? 35  GLU A CB  1 
ATOM   258 C CG  . GLU A 1 37 ? -3.137  11.927  0.361   1.00 22.62 ? 35  GLU A CG  1 
ATOM   259 C CD  . GLU A 1 37 ? -4.296  12.143  -0.590  1.00 25.58 ? 35  GLU A CD  1 
ATOM   260 O OE1 . GLU A 1 37 ? -4.086  12.648  -1.714  1.00 27.32 ? 35  GLU A OE1 1 
ATOM   261 O OE2 . GLU A 1 37 ? -5.431  11.812  -0.192  1.00 28.01 ? 35  GLU A OE2 1 
ATOM   262 N N   . LYS A 1 38 ? 1.269   12.397  -0.841  1.00 23.64 ? 36  LYS A N   1 
ATOM   263 C CA  . LYS A 1 38 ? 2.546   12.076  -1.474  1.00 24.68 ? 36  LYS A CA  1 
ATOM   264 C C   . LYS A 1 38 ? 3.642   11.818  -0.443  1.00 28.09 ? 36  LYS A C   1 
ATOM   265 O O   . LYS A 1 38 ? 4.571   11.048  -0.709  1.00 27.32 ? 36  LYS A O   1 
ATOM   266 C CB  . LYS A 1 38 ? 2.971   13.200  -2.425  1.00 26.30 ? 36  LYS A CB  1 
ATOM   267 C CG  . LYS A 1 38 ? 3.206   14.572  -1.779  1.00 29.00 ? 36  LYS A CG  1 
ATOM   268 C CD  . LYS A 1 38 ? 4.067   15.470  -2.680  1.00 30.58 ? 36  LYS A CD  1 
ATOM   269 C CE  . LYS A 1 38 ? 3.986   16.954  -2.310  1.00 36.37 ? 36  LYS A CE  1 
ATOM   270 N NZ  . LYS A 1 38 ? 5.165   17.453  -1.518  1.00 42.13 ? 36  LYS A NZ  1 
ATOM   271 N N   . ASP A 1 39 ? 3.558   12.447  0.737   1.00 24.64 ? 37  ASP A N   1 
ATOM   272 C CA  . ASP A 1 39 ? 4.578   12.221  1.755   1.00 26.23 ? 37  ASP A CA  1 
ATOM   273 C C   . ASP A 1 39 ? 4.336   10.910  2.495   1.00 26.41 ? 37  ASP A C   1 
ATOM   274 O O   . ASP A 1 39 ? 5.291   10.202  2.847   1.00 21.70 ? 37  ASP A O   1 
ATOM   275 C CB  . ASP A 1 39 ? 4.609   13.389  2.733   1.00 30.41 ? 37  ASP A CB  1 
ATOM   276 C CG  . ASP A 1 39 ? 4.962   14.694  2.064   1.00 29.02 ? 37  ASP A CG  1 
ATOM   277 O OD1 . ASP A 1 39 ? 5.900   14.706  1.248   1.00 30.64 ? 37  ASP A OD1 1 
ATOM   278 O OD2 . ASP A 1 39 ? 4.296   15.705  2.352   1.00 31.15 ? 37  ASP A OD2 1 
ATOM   279 N N   . ILE A 1 40 ? 3.062   10.578  2.726   1.00 26.11 ? 38  ILE A N   1 
ATOM   280 C CA  . ILE A 1 40 ? 2.709   9.269   3.267   1.00 24.79 ? 38  ILE A CA  1 
ATOM   281 C C   . ILE A 1 40 ? 3.200   8.170   2.338   1.00 22.83 ? 38  ILE A C   1 
ATOM   282 O O   . ILE A 1 40 ? 3.858   7.215   2.767   1.00 20.59 ? 38  ILE A O   1 
ATOM   283 C CB  . ILE A 1 40 ? 1.190   9.178   3.490   1.00 23.28 ? 38  ILE A CB  1 
ATOM   284 C CG1 . ILE A 1 40 ? 0.757   10.106  4.617   1.00 22.62 ? 38  ILE A CG1 1 
ATOM   285 C CG2 . ILE A 1 40 ? 0.770   7.757   3.755   1.00 24.36 ? 38  ILE A CG2 1 
ATOM   286 C CD1 . ILE A 1 40 ? -0.600  10.670  4.418   1.00 23.47 ? 38  ILE A CD1 1 
ATOM   287 N N   . ALA A 1 41 ? 2.881   8.295   1.041   1.00 24.27 ? 39  ALA A N   1 
ATOM   288 C CA  . ALA A 1 41 ? 3.273   7.273   0.074   1.00 23.06 ? 39  ALA A CA  1 
ATOM   289 C C   . ALA A 1 41 ? 4.783   7.095   0.057   1.00 20.80 ? 39  ALA A C   1 
ATOM   290 O O   . ALA A 1 41 ? 5.277   5.965   -0.012  1.00 19.71 ? 39  ALA A O   1 
ATOM   291 C CB  . ALA A 1 41 ? 2.750   7.626   -1.331  1.00 18.33 ? 39  ALA A CB  1 
ATOM   292 N N   . ALA A 1 42 ? 5.531   8.203   0.136   1.00 22.40 ? 40  ALA A N   1 
ATOM   293 C CA  . ALA A 1 42 ? 6.988   8.119   0.099   1.00 22.64 ? 40  ALA A CA  1 
ATOM   294 C C   . ALA A 1 42 ? 7.536   7.362   1.301   1.00 23.62 ? 40  ALA A C   1 
ATOM   295 O O   . ALA A 1 42 ? 8.506   6.603   1.160   1.00 24.84 ? 40  ALA A O   1 
ATOM   296 C CB  . ALA A 1 42 ? 7.592   9.520   0.024   1.00 23.79 ? 40  ALA A CB  1 
ATOM   297 N N   . HIS A 1 43 ? 6.928   7.544   2.481   1.00 22.51 ? 41  HIS A N   1 
ATOM   298 C CA  . HIS A 1 43 ? 7.392   6.840   3.673   1.00 22.52 ? 41  HIS A CA  1 
ATOM   299 C C   . HIS A 1 43 ? 7.211   5.335   3.529   1.00 23.67 ? 41  HIS A C   1 
ATOM   300 O O   . HIS A 1 43 ? 8.085   4.559   3.926   1.00 22.25 ? 41  HIS A O   1 
ATOM   301 C CB  . HIS A 1 43 ? 6.647   7.353   4.907   1.00 24.56 ? 41  HIS A CB  1 
ATOM   302 C CG  . HIS A 1 43 ? 7.106   6.724   6.185   1.00 31.18 ? 41  HIS A CG  1 
ATOM   303 N ND1 . HIS A 1 43 ? 6.264   6.011   7.011   1.00 32.29 ? 41  HIS A ND1 1 
ATOM   304 C CD2 . HIS A 1 43 ? 8.331   6.676   6.761   1.00 26.32 ? 41  HIS A CD2 1 
ATOM   305 C CE1 . HIS A 1 43 ? 6.947   5.561   8.047   1.00 34.19 ? 41  HIS A CE1 1 
ATOM   306 N NE2 . HIS A 1 43 ? 8.203   5.948   7.916   1.00 32.25 ? 41  HIS A NE2 1 
ATOM   307 N N   . ILE A 1 44 ? 6.089   4.905   2.945   1.00 24.84 ? 42  ILE A N   1 
ATOM   308 C CA  . ILE A 1 44 ? 5.811   3.476   2.837   1.00 22.09 ? 42  ILE A CA  1 
ATOM   309 C C   . ILE A 1 44 ? 6.675   2.846   1.753   1.00 24.32 ? 42  ILE A C   1 
ATOM   310 O O   . ILE A 1 44 ? 7.253   1.773   1.948   1.00 26.21 ? 42  ILE A O   1 
ATOM   311 C CB  . ILE A 1 44 ? 4.318   3.236   2.576   1.00 18.58 ? 42  ILE A CB  1 
ATOM   312 C CG1 . ILE A 1 44 ? 3.473   4.029   3.557   1.00 20.00 ? 42  ILE A CG1 1 
ATOM   313 C CG2 . ILE A 1 44 ? 4.002   1.769   2.686   1.00 22.04 ? 42  ILE A CG2 1 
ATOM   314 C CD1 . ILE A 1 44 ? 2.043   4.189   3.106   1.00 17.32 ? 42  ILE A CD1 1 
ATOM   315 N N   . LYS A 1 45 ? 6.761   3.494   0.586   1.00 25.36 ? 43  LYS A N   1 
ATOM   316 C CA  . LYS A 1 45 ? 7.604   2.965   -0.484  1.00 25.05 ? 43  LYS A CA  1 
ATOM   317 C C   . LYS A 1 45 ? 9.042   2.813   -0.017  1.00 25.66 ? 43  LYS A C   1 
ATOM   318 O O   . LYS A 1 45 ? 9.706   1.822   -0.341  1.00 26.24 ? 43  LYS A O   1 
ATOM   319 C CB  . LYS A 1 45 ? 7.550   3.874   -1.716  1.00 25.56 ? 43  LYS A CB  1 
ATOM   320 C CG  . LYS A 1 45 ? 8.381   3.382   -2.929  1.00 27.27 ? 43  LYS A CG  1 
ATOM   321 C CD  . LYS A 1 45 ? 9.846   3.853   -2.881  1.00 26.58 ? 43  LYS A CD  1 
ATOM   322 C CE  . LYS A 1 45 ? 10.481  3.900   -4.265  1.00 24.32 ? 43  LYS A CE  1 
ATOM   323 N NZ  . LYS A 1 45 ? 10.646  2.568   -4.918  1.00 21.79 ? 43  LYS A NZ  1 
ATOM   324 N N   . LYS A 1 46 ? 9.554   3.799   0.720   1.00 27.26 ? 44  LYS A N   1 
ATOM   325 C CA  . LYS A 1 46 ? 10.957  3.736   1.115   1.00 26.80 ? 44  LYS A CA  1 
ATOM   326 C C   . LYS A 1 46 ? 11.160  2.700   2.207   1.00 25.78 ? 44  LYS A C   1 
ATOM   327 O O   . LYS A 1 46 ? 12.149  1.958   2.185   1.00 25.42 ? 44  LYS A O   1 
ATOM   328 C CB  . LYS A 1 46 ? 11.449  5.116   1.548   1.00 25.50 ? 44  LYS A CB  1 
ATOM   329 C CG  . LYS A 1 46 ? 11.515  6.104   0.391   1.00 24.99 ? 44  LYS A CG  1 
ATOM   330 C CD  . LYS A 1 46 ? 11.911  7.509   0.805   1.00 26.89 ? 44  LYS A CD  1 
ATOM   331 C CE  . LYS A 1 46 ? 12.625  8.219   -0.348  1.00 34.00 ? 44  LYS A CE  1 
ATOM   332 N NZ  . LYS A 1 46 ? 12.791  9.682   -0.127  1.00 35.16 ? 44  LYS A NZ  1 
ATOM   333 N N   . GLU A 1 47 ? 10.209  2.599   3.140   1.00 26.20 ? 45  GLU A N   1 
ATOM   334 C CA  . GLU A 1 47 ? 10.311  1.577   4.174   1.00 30.89 ? 45  GLU A CA  1 
ATOM   335 C C   . GLU A 1 47 ? 10.220  0.186   3.581   1.00 32.27 ? 45  GLU A C   1 
ATOM   336 O O   . GLU A 1 47 ? 10.944  -0.721  4.010   1.00 35.43 ? 45  GLU A O   1 
ATOM   337 C CB  . GLU A 1 47 ? 9.228   1.763   5.228   1.00 33.78 ? 45  GLU A CB  1 
ATOM   338 C CG  . GLU A 1 47 ? 9.555   2.856   6.220   1.00 38.70 ? 45  GLU A CG  1 
ATOM   339 C CD  . GLU A 1 47 ? 10.804  2.553   7.003   1.00 36.72 ? 45  GLU A CD  1 
ATOM   340 O OE1 . GLU A 1 47 ? 10.698  1.805   8.000   1.00 41.77 ? 45  GLU A OE1 1 
ATOM   341 O OE2 . GLU A 1 47 ? 11.891  3.031   6.590   1.00 40.57 ? 45  GLU A OE2 1 
ATOM   342 N N   . PHE A 1 48 ? 9.338   -0.006  2.594   1.00 31.69 ? 46  PHE A N   1 
ATOM   343 C CA  . PHE A 1 48 ? 9.247   -1.312  1.953   1.00 29.51 ? 46  PHE A CA  1 
ATOM   344 C C   . PHE A 1 48 ? 10.452  -1.579  1.062   1.00 27.22 ? 46  PHE A C   1 
ATOM   345 O O   . PHE A 1 48 ? 10.990  -2.689  1.063   1.00 28.67 ? 46  PHE A O   1 
ATOM   346 C CB  . PHE A 1 48 ? 7.933   -1.439  1.192   1.00 23.54 ? 46  PHE A CB  1 
ATOM   347 C CG  . PHE A 1 48 ? 6.901   -2.214  1.949   1.00 27.76 ? 46  PHE A CG  1 
ATOM   348 C CD1 . PHE A 1 48 ? 6.480   -1.774  3.204   1.00 28.61 ? 46  PHE A CD1 1 
ATOM   349 C CD2 . PHE A 1 48 ? 6.386   -3.401  1.449   1.00 24.27 ? 46  PHE A CD2 1 
ATOM   350 C CE1 . PHE A 1 48 ? 5.546   -2.487  3.937   1.00 26.88 ? 46  PHE A CE1 1 
ATOM   351 C CE2 . PHE A 1 48 ? 5.436   -4.117  2.172   1.00 27.16 ? 46  PHE A CE2 1 
ATOM   352 C CZ  . PHE A 1 48 ? 5.019   -3.653  3.422   1.00 28.54 ? 46  PHE A CZ  1 
ATOM   353 N N   . ASP A 1 49 ? 10.920  -0.577  0.327   1.00 27.41 ? 47  ASP A N   1 
ATOM   354 C CA  . ASP A 1 49 ? 12.195  -0.738  -0.366  1.00 31.23 ? 47  ASP A CA  1 
ATOM   355 C C   . ASP A 1 49 ? 13.300  -1.206  0.586   1.00 35.37 ? 47  ASP A C   1 
ATOM   356 O O   . ASP A 1 49 ? 14.194  -1.957  0.176   1.00 36.01 ? 47  ASP A O   1 
ATOM   357 C CB  . ASP A 1 49 ? 12.594  0.578   -1.038  1.00 30.67 ? 47  ASP A CB  1 
ATOM   358 C CG  . ASP A 1 49 ? 12.266  0.614   -2.531  1.00 31.44 ? 47  ASP A CG  1 
ATOM   359 O OD1 . ASP A 1 49 ? 11.383  -0.142  -2.995  1.00 31.46 ? 47  ASP A OD1 1 
ATOM   360 O OD2 . ASP A 1 49 ? 12.911  1.413   -3.243  1.00 26.95 ? 47  ASP A OD2 1 
ATOM   361 N N   . LYS A 1 50 ? 13.255  -0.781  1.857   1.00 33.73 ? 48  LYS A N   1 
ATOM   362 C CA  . LYS A 1 50 ? 14.260  -1.184  2.841   1.00 31.42 ? 48  LYS A CA  1 
ATOM   363 C C   . LYS A 1 50 ? 13.943  -2.560  3.428   1.00 35.62 ? 48  LYS A C   1 
ATOM   364 O O   . LYS A 1 50 ? 14.753  -3.487  3.344   1.00 36.96 ? 48  LYS A O   1 
ATOM   365 C CB  . LYS A 1 50 ? 14.347  -0.153  3.968   1.00 35.03 ? 48  LYS A CB  1 
ATOM   366 C CG  . LYS A 1 50 ? 15.027  1.179   3.658   1.00 37.99 ? 48  LYS A CG  1 
ATOM   367 C CD  . LYS A 1 50 ? 15.002  2.060   4.932   1.00 45.17 ? 48  LYS A CD  1 
ATOM   368 C CE  . LYS A 1 50 ? 15.526  3.488   4.722   1.00 55.12 ? 48  LYS A CE  1 
ATOM   369 N NZ  . LYS A 1 50 ? 14.633  4.365   3.903   1.00 52.02 ? 48  LYS A NZ  1 
ATOM   370 N N   . LYS A 1 51 ? 12.753  -2.714  4.016   1.00 33.84 ? 49  LYS A N   1 
ATOM   371 C CA  . LYS A 1 51 ? 12.393  -3.958  4.691   1.00 40.34 ? 49  LYS A CA  1 
ATOM   372 C C   . LYS A 1 51 ? 12.215  -5.148  3.739   1.00 40.87 ? 49  LYS A C   1 
ATOM   373 O O   . LYS A 1 51 ? 12.307  -6.297  4.191   1.00 40.59 ? 49  LYS A O   1 
ATOM   374 C CB  . LYS A 1 51 ? 11.116  -3.746  5.520   1.00 42.06 ? 49  LYS A CB  1 
ATOM   375 C CG  . LYS A 1 51 ? 11.375  -3.146  6.899   1.00 41.09 ? 49  LYS A CG  1 
ATOM   376 C CD  . LYS A 1 51 ? 10.439  -1.997  7.252   1.00 44.90 ? 49  LYS A CD  1 
ATOM   377 C CE  . LYS A 1 51 ? 8.996   -2.464  7.404   1.00 47.52 ? 49  LYS A CE  1 
ATOM   378 N NZ  . LYS A 1 51 ? 8.133   -1.372  7.945   1.00 49.95 ? 49  LYS A NZ  1 
ATOM   379 N N   . TYR A 1 52 ? 11.970  -4.923  2.440   1.00 36.89 ? 50  TYR A N   1 
ATOM   380 C CA  . TYR A 1 52 ? 11.680  -6.053  1.562   1.00 37.65 ? 50  TYR A CA  1 
ATOM   381 C C   . TYR A 1 52 ? 12.378  -5.993  0.212   1.00 35.76 ? 50  TYR A C   1 
ATOM   382 O O   . TYR A 1 52 ? 12.040  -6.795  -0.665  1.00 34.38 ? 50  TYR A O   1 
ATOM   383 C CB  . TYR A 1 52 ? 10.176  -6.187  1.349   1.00 32.97 ? 50  TYR A CB  1 
ATOM   384 C CG  . TYR A 1 52 ? 9.445   -6.477  2.638   1.00 39.60 ? 50  TYR A CG  1 
ATOM   385 C CD1 . TYR A 1 52 ? 8.688   -5.495  3.271   1.00 38.39 ? 50  TYR A CD1 1 
ATOM   386 C CD2 . TYR A 1 52 ? 9.532   -7.725  3.236   1.00 40.25 ? 50  TYR A CD2 1 
ATOM   387 C CE1 . TYR A 1 52 ? 8.023   -5.759  4.449   1.00 36.77 ? 50  TYR A CE1 1 
ATOM   388 C CE2 . TYR A 1 52 ? 8.868   -7.999  4.410   1.00 44.34 ? 50  TYR A CE2 1 
ATOM   389 C CZ  . TYR A 1 52 ? 8.119   -7.014  5.018   1.00 42.16 ? 50  TYR A CZ  1 
ATOM   390 O OH  . TYR A 1 52 ? 7.462   -7.299  6.195   1.00 42.41 ? 50  TYR A OH  1 
ATOM   391 N N   . ASN A 1 53 ? 13.345  -5.080  0.025   1.00 37.82 ? 51  ASN A N   1 
ATOM   392 C CA  . ASN A 1 53 ? 14.127  -4.873  -1.193  1.00 34.91 ? 51  ASN A CA  1 
ATOM   393 C C   . ASN A 1 53 ? 13.233  -4.205  -2.233  1.00 37.75 ? 51  ASN A C   1 
ATOM   394 O O   . ASN A 1 53 ? 12.002  -4.307  -2.143  1.00 35.46 ? 51  ASN A O   1 
ATOM   395 C CB  . ASN A 1 53 ? 14.726  -6.196  -1.703  1.00 38.25 ? 51  ASN A CB  1 
ATOM   396 C CG  . ASN A 1 53 ? 15.462  -6.987  -0.588  1.00 46.86 ? 51  ASN A CG  1 
ATOM   397 O OD1 . ASN A 1 53 ? 16.205  -6.417  0.225   1.00 39.15 ? 51  ASN A OD1 1 
ATOM   398 N ND2 . ASN A 1 53 ? 15.241  -8.301  -0.549  1.00 45.35 ? 51  ASN A ND2 1 
ATOM   399 N N   . PRO A 1 54 ? 13.803  -3.474  -3.211  1.00 34.68 ? 52  PRO A N   1 
ATOM   400 C CA  . PRO A 1 54 ? 13.037  -2.774  -4.249  1.00 35.36 ? 52  PRO A CA  1 
ATOM   401 C C   . PRO A 1 54 ? 12.487  -3.768  -5.271  1.00 36.69 ? 52  PRO A C   1 
ATOM   402 O O   . PRO A 1 54 ? 12.875  -4.936  -5.213  1.00 36.16 ? 52  PRO A O   1 
ATOM   403 C CB  . PRO A 1 54 ? 14.083  -1.829  -4.880  1.00 36.24 ? 52  PRO A CB  1 
ATOM   404 C CG  . PRO A 1 54 ? 15.258  -1.850  -3.947  1.00 37.46 ? 52  PRO A CG  1 
ATOM   405 C CD  . PRO A 1 54 ? 15.242  -3.215  -3.355  1.00 34.57 ? 52  PRO A CD  1 
ATOM   406 N N   . THR A 1 55 ? 11.617  -3.352  -6.190  1.00 38.48 ? 53  THR A N   1 
ATOM   407 C CA  . THR A 1 55 ? 11.135  -1.983  -6.333  1.00 32.97 ? 53  THR A CA  1 
ATOM   408 C C   . THR A 1 55 ? 9.655   -1.855  -6.027  1.00 31.86 ? 53  THR A C   1 
ATOM   409 O O   . THR A 1 55 ? 8.821   -2.417  -6.738  1.00 29.79 ? 53  THR A O   1 
ATOM   410 C CB  . THR A 1 55 ? 11.377  -1.478  -7.744  1.00 32.03 ? 53  THR A CB  1 
ATOM   411 O OG1 . THR A 1 55 ? 12.782  -1.503  -8.008  1.00 34.98 ? 53  THR A OG1 1 
ATOM   412 C CG2 . THR A 1 55 ? 10.855  -0.078  -7.874  1.00 27.26 ? 53  THR A CG2 1 
ATOM   413 N N   . TRP A 1 56 ? 9.325   -1.126  -4.963  1.00 29.66 ? 54  TRP A N   1 
ATOM   414 C CA  . TRP A 1 56 ? 7.930   -0.924  -4.615  1.00 24.47 ? 54  TRP A CA  1 
ATOM   415 C C   . TRP A 1 56 ? 7.440   0.421   -5.138  1.00 23.33 ? 54  TRP A C   1 
ATOM   416 O O   . TRP A 1 56 ? 8.219   1.299   -5.517  1.00 23.95 ? 54  TRP A O   1 
ATOM   417 C CB  . TRP A 1 56 ? 7.721   -1.015  -3.107  1.00 26.85 ? 54  TRP A CB  1 
ATOM   418 C CG  . TRP A 1 56 ? 8.068   -2.354  -2.538  1.00 28.34 ? 54  TRP A CG  1 
ATOM   419 C CD1 . TRP A 1 56 ? 9.320   -2.826  -2.263  1.00 26.70 ? 54  TRP A CD1 1 
ATOM   420 C CD2 . TRP A 1 56 ? 7.153   -3.393  -2.162  1.00 26.32 ? 54  TRP A CD2 1 
ATOM   421 N NE1 . TRP A 1 56 ? 9.241   -4.095  -1.744  1.00 29.51 ? 54  TRP A NE1 1 
ATOM   422 C CE2 . TRP A 1 56 ? 7.924   -4.468  -1.670  1.00 27.19 ? 54  TRP A CE2 1 
ATOM   423 C CE3 . TRP A 1 56 ? 5.761   -3.515  -2.183  1.00 23.75 ? 54  TRP A CE3 1 
ATOM   424 C CZ2 . TRP A 1 56 ? 7.347   -5.656  -1.211  1.00 26.43 ? 54  TRP A CZ2 1 
ATOM   425 C CZ3 . TRP A 1 56 ? 5.187   -4.697  -1.717  1.00 26.23 ? 54  TRP A CZ3 1 
ATOM   426 C CH2 . TRP A 1 56 ? 5.982   -5.751  -1.241  1.00 28.63 ? 54  TRP A CH2 1 
ATOM   427 N N   . HIS A 1 57 ? 6.121   0.553   -5.177  1.00 20.54 ? 55  HIS A N   1 
ATOM   428 C CA  . HIS A 1 57 ? 5.440   1.749   -5.637  1.00 18.11 ? 55  HIS A CA  1 
ATOM   429 C C   . HIS A 1 57 ? 4.215   1.924   -4.760  1.00 20.55 ? 55  HIS A C   1 
ATOM   430 O O   . HIS A 1 57 ? 3.601   0.940   -4.338  1.00 20.79 ? 55  HIS A O   1 
ATOM   431 C CB  . HIS A 1 57 ? 5.049   1.630   -7.108  1.00 18.83 ? 55  HIS A CB  1 
ATOM   432 C CG  . HIS A 1 57 ? 6.125   1.033   -7.958  1.00 19.01 ? 55  HIS A CG  1 
ATOM   433 N ND1 . HIS A 1 57 ? 7.039   1.800   -8.643  1.00 18.25 ? 55  HIS A ND1 1 
ATOM   434 C CD2 . HIS A 1 57 ? 6.455   -0.258  -8.198  1.00 19.81 ? 55  HIS A CD2 1 
ATOM   435 C CE1 . HIS A 1 57 ? 7.872   1.007   -9.294  1.00 21.61 ? 55  HIS A CE1 1 
ATOM   436 N NE2 . HIS A 1 57 ? 7.543   -0.244  -9.035  1.00 22.29 ? 55  HIS A NE2 1 
ATOM   437 N N   . CYS A 1 58 ? 3.871   3.166   -4.459  1.00 20.72 ? 56  CYS A N   1 
ATOM   438 C CA  . CYS A 1 58 ? 2.834   3.391   -3.467  1.00 19.68 ? 56  CYS A CA  1 
ATOM   439 C C   . CYS A 1 58 ? 1.972   4.577   -3.854  1.00 16.86 ? 56  CYS A C   1 
ATOM   440 O O   . CYS A 1 58 ? 2.485   5.648   -4.189  1.00 17.31 ? 56  CYS A O   1 
ATOM   441 C CB  . CYS A 1 58 ? 3.436   3.605   -2.075  1.00 16.37 ? 56  CYS A CB  1 
ATOM   442 S SG  . CYS A 1 58 ? 2.173   3.680   -0.808  1.00 12.39 ? 56  CYS A SG  1 
ATOM   443 N N   . ILE A 1 59 ? 0.658   4.374   -3.804  1.00 17.58 ? 57  ILE A N   1 
ATOM   444 C CA  . ILE A 1 59 ? -0.314  5.428   -4.052  1.00 17.97 ? 57  ILE A CA  1 
ATOM   445 C C   . ILE A 1 59 ? -1.183  5.566   -2.813  1.00 18.08 ? 57  ILE A C   1 
ATOM   446 O O   . ILE A 1 59 ? -1.734  4.573   -2.331  1.00 17.14 ? 57  ILE A O   1 
ATOM   447 C CB  . ILE A 1 59 ? -1.195  5.126   -5.278  1.00 16.24 ? 57  ILE A CB  1 
ATOM   448 C CG1 . ILE A 1 59 ? -0.375  4.485   -6.422  1.00 12.41 ? 57  ILE A CG1 1 
ATOM   449 C CG2 . ILE A 1 59 ? -1.997  6.366   -5.641  1.00 15.86 ? 57  ILE A CG2 1 
ATOM   450 C CD1 . ILE A 1 59 ? 0.762   5.300   -6.926  1.00 13.71 ? 57  ILE A CD1 1 
ATOM   451 N N   . VAL A 1 60 ? -1.336  6.797   -2.330  1.00 16.08 ? 58  VAL A N   1 
ATOM   452 C CA  . VAL A 1 60 ? -2.184  7.102   -1.187  1.00 17.85 ? 58  VAL A CA  1 
ATOM   453 C C   . VAL A 1 60 ? -3.161  8.193   -1.596  1.00 20.16 ? 58  VAL A C   1 
ATOM   454 O O   . VAL A 1 60 ? -2.737  9.224   -2.122  1.00 20.34 ? 58  VAL A O   1 
ATOM   455 C CB  . VAL A 1 60 ? -1.343  7.552   0.024   1.00 20.56 ? 58  VAL A CB  1 
ATOM   456 C CG1 . VAL A 1 60 ? -2.225  7.832   1.217   1.00 17.27 ? 58  VAL A CG1 1 
ATOM   457 C CG2 . VAL A 1 60 ? -0.286  6.501   0.356   1.00 18.97 ? 58  VAL A CG2 1 
ATOM   458 N N   . GLY A 1 61 ? -4.458  7.975   -1.357  1.00 20.05 ? 59  GLY A N   1 
ATOM   459 C CA  . GLY A 1 61 ? -5.450  8.972   -1.755  1.00 26.80 ? 59  GLY A CA  1 
ATOM   460 C C   . GLY A 1 61 ? -6.873  8.523   -1.487  1.00 25.27 ? 59  GLY A C   1 
ATOM   461 O O   . GLY A 1 61 ? -7.131  7.383   -1.100  1.00 26.03 ? 59  GLY A O   1 
ATOM   462 N N   . ARG A 1 62 ? -7.805  9.457   -1.705  1.00 25.85 ? 60  ARG A N   1 
ATOM   463 C CA  . ARG A 1 62 ? -9.214  9.225   -1.423  1.00 29.86 ? 60  ARG A CA  1 
ATOM   464 C C   . ARG A 1 62 ? -10.050 8.900   -2.655  1.00 34.39 ? 60  ARG A C   1 
ATOM   465 O O   . ARG A 1 62 ? -11.130 8.312   -2.512  1.00 29.79 ? 60  ARG A O   1 
ATOM   466 C CB  . ARG A 1 62 ? -9.825  10.452  -0.740  1.00 31.79 ? 60  ARG A CB  1 
ATOM   467 C CG  . ARG A 1 62 ? -9.420  10.636  0.704   1.00 34.53 ? 60  ARG A CG  1 
ATOM   468 C CD  . ARG A 1 62 ? -9.893  11.965  1.241   1.00 33.66 ? 60  ARG A CD  1 
ATOM   469 N NE  . ARG A 1 62 ? -9.053  12.412  2.350   1.00 56.52 ? 60  ARG A NE  1 
ATOM   470 C CZ  . ARG A 1 62 ? -9.215  12.041  3.621   1.00 50.75 ? 60  ARG A CZ  1 
ATOM   471 N NH1 . ARG A 1 62 ? -10.199 11.221  3.960   1.00 50.04 ? 60  ARG A NH1 1 
ATOM   472 N NH2 . ARG A 1 62 ? -8.393  12.494  4.561   1.00 46.97 ? 60  ARG A NH2 1 
ATOM   473 N N   . ASN A 1 63 ? -9.584  9.255   -3.851  1.00 30.76 ? 61  ASN A N   1 
ATOM   474 C CA  . ASN A 1 63 ? -10.351 8.988   -5.062  1.00 39.59 ? 61  ASN A CA  1 
ATOM   475 C C   . ASN A 1 63 ? -9.355  8.701   -6.182  1.00 29.67 ? 61  ASN A C   1 
ATOM   476 O O   . ASN A 1 63 ? -8.705  9.622   -6.690  1.00 30.89 ? 61  ASN A O   1 
ATOM   477 C CB  . ASN A 1 63 ? -11.264 10.160  -5.392  1.00 47.50 ? 61  ASN A CB  1 
ATOM   478 C CG  . ASN A 1 63 ? -11.888 10.048  -6.758  1.00 48.17 ? 61  ASN A CG  1 
ATOM   479 O OD1 . ASN A 1 63 ? -11.213 10.144  -7.771  1.00 35.85 ? 61  ASN A OD1 1 
ATOM   480 N ND2 . ASN A 1 63 ? -13.188 9.813   -6.790  1.00 38.89 ? 61  ASN A ND2 1 
ATOM   481 N N   . PHE A 1 64 ? -9.238  7.428   -6.552  1.00 27.43 ? 62  PHE A N   1 
ATOM   482 C CA  . PHE A 1 64 ? -8.410  7.028   -7.682  1.00 21.52 ? 62  PHE A CA  1 
ATOM   483 C C   . PHE A 1 64 ? -8.762  5.603   -8.066  1.00 20.77 ? 62  PHE A C   1 
ATOM   484 O O   . PHE A 1 64 ? -9.286  4.830   -7.263  1.00 22.75 ? 62  PHE A O   1 
ATOM   485 C CB  . PHE A 1 64 ? -6.912  7.141   -7.372  1.00 19.35 ? 62  PHE A CB  1 
ATOM   486 C CG  . PHE A 1 64 ? -6.425  6.175   -6.327  1.00 19.09 ? 62  PHE A CG  1 
ATOM   487 C CD1 . PHE A 1 64 ? -6.509  6.495   -4.971  1.00 22.19 ? 62  PHE A CD1 1 
ATOM   488 C CD2 . PHE A 1 64 ? -5.863  4.955   -6.692  1.00 16.83 ? 62  PHE A CD2 1 
ATOM   489 C CE1 . PHE A 1 64 ? -6.042  5.621   -3.994  1.00 20.31 ? 62  PHE A CE1 1 
ATOM   490 C CE2 . PHE A 1 64 ? -5.395  4.066   -5.725  1.00 17.70 ? 62  PHE A CE2 1 
ATOM   491 C CZ  . PHE A 1 64 ? -5.483  4.398   -4.371  1.00 18.81 ? 62  PHE A CZ  1 
ATOM   492 N N   . GLY A 1 65 ? -8.476  5.272   -9.323  1.00 20.04 ? 63  GLY A N   1 
ATOM   493 C CA  . GLY A 1 65 ? -8.527  3.909   -9.783  1.00 16.13 ? 63  GLY A CA  1 
ATOM   494 C C   . GLY A 1 65 ? -7.170  3.573   -10.375 1.00 17.54 ? 63  GLY A C   1 
ATOM   495 O O   . GLY A 1 65 ? -6.419  4.459   -10.764 1.00 17.40 ? 63  GLY A O   1 
ATOM   496 N N   . SER A 1 66 ? -6.856  2.287   -10.411 1.00 16.20 ? 64  SER A N   1 
ATOM   497 C CA  . SER A 1 66 ? -5.512  1.896   -10.798 1.00 16.09 ? 64  SER A CA  1 
ATOM   498 C C   . SER A 1 66 ? -5.542  0.654   -11.674 1.00 18.73 ? 64  SER A C   1 
ATOM   499 O O   . SER A 1 66 ? -6.487  -0.134  -11.635 1.00 18.46 ? 64  SER A O   1 
ATOM   500 C CB  . SER A 1 66 ? -4.632  1.616   -9.577  1.00 16.14 ? 64  SER A CB  1 
ATOM   501 O OG  . SER A 1 66 ? -5.054  0.438   -8.898  1.00 17.99 ? 64  SER A OG  1 
ATOM   502 N N   . TYR A 1 67 ? -4.470  0.486   -12.452 1.00 18.18 ? 65  TYR A N   1 
ATOM   503 C CA  . TYR A 1 67 ? -4.184  -0.770  -13.133 1.00 18.31 ? 65  TYR A CA  1 
ATOM   504 C C   . TYR A 1 67 ? -2.673  -0.925  -13.278 1.00 21.37 ? 65  TYR A C   1 
ATOM   505 O O   . TYR A 1 67 ? -2.020  -0.103  -13.927 1.00 21.73 ? 65  TYR A O   1 
ATOM   506 C CB  . TYR A 1 67 ? -4.873  -0.817  -14.493 1.00 23.60 ? 65  TYR A CB  1 
ATOM   507 C CG  . TYR A 1 67 ? -4.838  -2.188  -15.058 1.00 23.42 ? 65  TYR A CG  1 
ATOM   508 C CD1 . TYR A 1 67 ? -5.686  -3.176  -14.565 1.00 23.92 ? 65  TYR A CD1 1 
ATOM   509 C CD2 . TYR A 1 67 ? -3.932  -2.518  -16.045 1.00 23.41 ? 65  TYR A CD2 1 
ATOM   510 C CE1 . TYR A 1 67 ? -5.643  -4.452  -15.063 1.00 27.88 ? 65  TYR A CE1 1 
ATOM   511 C CE2 . TYR A 1 67 ? -3.881  -3.785  -16.553 1.00 29.78 ? 65  TYR A CE2 1 
ATOM   512 C CZ  . TYR A 1 67 ? -4.741  -4.752  -16.064 1.00 32.85 ? 65  TYR A CZ  1 
ATOM   513 O OH  . TYR A 1 67 ? -4.681  -6.026  -16.594 1.00 39.62 ? 65  TYR A OH  1 
ATOM   514 N N   . VAL A 1 68 ? -2.113  -1.977  -12.677 1.00 20.09 ? 66  VAL A N   1 
ATOM   515 C CA  . VAL A 1 68 ? -0.676  -2.077  -12.440 1.00 21.24 ? 66  VAL A CA  1 
ATOM   516 C C   . VAL A 1 68 ? -0.257  -3.535  -12.562 1.00 25.24 ? 66  VAL A C   1 
ATOM   517 O O   . VAL A 1 68 ? -1.080  -4.452  -12.481 1.00 25.56 ? 66  VAL A O   1 
ATOM   518 C CB  . VAL A 1 68 ? -0.270  -1.526  -11.049 1.00 19.36 ? 66  VAL A CB  1 
ATOM   519 C CG1 . VAL A 1 68 ? -0.732  -0.084  -10.877 1.00 16.58 ? 66  VAL A CG1 1 
ATOM   520 C CG2 . VAL A 1 68 ? -0.838  -2.407  -9.947  1.00 18.50 ? 66  VAL A CG2 1 
ATOM   521 N N   . THR A 1 69 ? 1.053   -3.738  -12.741 1.00 23.76 ? 67  THR A N   1 
ATOM   522 C CA  . THR A 1 69 ? 1.655   -5.058  -12.896 1.00 26.97 ? 67  THR A CA  1 
ATOM   523 C C   . THR A 1 69 ? 2.641   -5.287  -11.757 1.00 29.46 ? 67  THR A C   1 
ATOM   524 O O   . THR A 1 69 ? 3.668   -4.602  -11.659 1.00 30.58 ? 67  THR A O   1 
ATOM   525 C CB  . THR A 1 69 ? 2.342   -5.186  -14.247 1.00 26.89 ? 67  THR A CB  1 
ATOM   526 O OG1 . THR A 1 69 ? 1.398   -4.898  -15.295 1.00 33.49 ? 67  THR A OG1 1 
ATOM   527 C CG2 . THR A 1 69 ? 2.905   -6.593  -14.437 1.00 26.60 ? 67  THR A CG2 1 
ATOM   528 N N   . HIS A 1 70 ? 2.334   -6.260  -10.912 1.00 32.84 ? 68  HIS A N   1 
ATOM   529 C CA  . HIS A 1 70 ? 3.048   -6.484  -9.663  1.00 37.24 ? 68  HIS A CA  1 
ATOM   530 C C   . HIS A 1 70 ? 3.501   -7.930  -9.586  1.00 37.22 ? 68  HIS A C   1 
ATOM   531 O O   . HIS A 1 70 ? 2.714   -8.850  -9.844  1.00 39.68 ? 68  HIS A O   1 
ATOM   532 C CB  . HIS A 1 70 ? 2.172   -6.178  -8.453  1.00 30.31 ? 68  HIS A CB  1 
ATOM   533 C CG  . HIS A 1 70 ? 0.949   -7.032  -8.373  1.00 32.82 ? 68  HIS A CG  1 
ATOM   534 N ND1 . HIS A 1 70 ? 0.938   -8.257  -7.741  1.00 34.50 ? 68  HIS A ND1 1 
ATOM   535 C CD2 . HIS A 1 70 ? -0.311  -6.833  -8.827  1.00 31.51 ? 68  HIS A CD2 1 
ATOM   536 C CE1 . HIS A 1 70 ? -0.272  -8.779  -7.818  1.00 34.58 ? 68  HIS A CE1 1 
ATOM   537 N NE2 . HIS A 1 70 ? -1.052  -7.932  -8.466  1.00 34.09 ? 68  HIS A NE2 1 
ATOM   538 N N   . GLU A 1 71 ? 4.766   -8.121  -9.235  1.00 36.36 ? 69  GLU A N   1 
ATOM   539 C CA  . GLU A 1 71 ? 5.264   -9.446  -8.924  1.00 37.98 ? 69  GLU A CA  1 
ATOM   540 C C   . GLU A 1 71 ? 4.304   -10.129 -7.963  1.00 40.89 ? 69  GLU A C   1 
ATOM   541 O O   . GLU A 1 71 ? 3.722   -9.483  -7.084  1.00 39.18 ? 69  GLU A O   1 
ATOM   542 C CB  . GLU A 1 71 ? 6.666   -9.317  -8.335  1.00 39.98 ? 69  GLU A CB  1 
ATOM   543 C CG  . GLU A 1 71 ? 7.216   -10.509 -7.606  1.00 45.02 ? 69  GLU A CG  1 
ATOM   544 C CD  . GLU A 1 71 ? 8.634   -10.224 -7.157  1.00 53.97 ? 69  GLU A CD  1 
ATOM   545 O OE1 . GLU A 1 71 ? 9.270   -9.366  -7.820  1.00 54.01 ? 69  GLU A OE1 1 
ATOM   546 O OE2 . GLU A 1 71 ? 9.100   -10.820 -6.149  1.00 56.71 ? 69  GLU A OE2 1 
ATOM   547 N N   . THR A 1 72 ? 4.084   -11.426 -8.186  1.00 42.68 ? 70  THR A N   1 
ATOM   548 C CA  . THR A 1 72 ? 3.174   -12.192 -7.341  1.00 41.35 ? 70  THR A CA  1 
ATOM   549 C C   . THR A 1 72 ? 3.575   -12.094 -5.867  1.00 42.77 ? 70  THR A C   1 
ATOM   550 O O   . THR A 1 72 ? 4.754   -11.956 -5.521  1.00 40.09 ? 70  THR A O   1 
ATOM   551 C CB  . THR A 1 72 ? 3.145   -13.661 -7.776  1.00 40.20 ? 70  THR A CB  1 
ATOM   552 O OG1 . THR A 1 72 ? 4.489   -14.141 -7.937  1.00 45.87 ? 70  THR A OG1 1 
ATOM   553 C CG2 . THR A 1 72 ? 2.382   -13.828 -9.093  1.00 45.19 ? 70  THR A CG2 1 
ATOM   554 N N   . LYS A 1 73 ? 2.560   -12.166 -4.998  1.00 42.59 ? 71  LYS A N   1 
ATOM   555 C CA  . LYS A 1 73 ? 2.702   -12.069 -3.540  1.00 41.98 ? 71  LYS A CA  1 
ATOM   556 C C   . LYS A 1 73 ? 3.413   -10.786 -3.124  1.00 42.34 ? 71  LYS A C   1 
ATOM   557 O O   . LYS A 1 73 ? 4.173   -10.767 -2.150  1.00 40.99 ? 71  LYS A O   1 
ATOM   558 C CB  . LYS A 1 73 ? 3.395   -13.300 -2.946  1.00 39.60 ? 71  LYS A CB  1 
ATOM   559 C CG  . LYS A 1 73 ? 2.623   -14.577 -3.196  1.00 44.80 ? 71  LYS A CG  1 
ATOM   560 C CD  . LYS A 1 73 ? 2.689   -15.512 -1.995  1.00 51.70 ? 71  LYS A CD  1 
ATOM   561 C CE  . LYS A 1 73 ? 1.283   -15.941 -1.560  1.00 42.59 ? 71  LYS A CE  1 
ATOM   562 N NZ  . LYS A 1 73 ? 1.326   -17.002 -0.506  1.00 56.68 ? 71  LYS A NZ  1 
ATOM   563 N N   . HIS A 1 74 ? 3.158   -9.704  -3.863  1.00 38.03 ? 72  HIS A N   1 
ATOM   564 C CA  . HIS A 1 74 ? 3.770   -8.413  -3.570  1.00 36.49 ? 72  HIS A CA  1 
ATOM   565 C C   . HIS A 1 74 ? 2.818   -7.282  -3.930  1.00 29.87 ? 72  HIS A C   1 
ATOM   566 O O   . HIS A 1 74 ? 3.207   -6.298  -4.561  1.00 28.57 ? 72  HIS A O   1 
ATOM   567 C CB  . HIS A 1 74 ? 5.115   -8.264  -4.285  1.00 37.53 ? 72  HIS A CB  1 
ATOM   568 C CG  . HIS A 1 74 ? 6.193   -9.105  -3.679  1.00 42.79 ? 72  HIS A CG  1 
ATOM   569 N ND1 . HIS A 1 74 ? 6.385   -10.427 -4.023  1.00 42.52 ? 72  HIS A ND1 1 
ATOM   570 C CD2 . HIS A 1 74 ? 7.088   -8.838  -2.695  1.00 40.47 ? 72  HIS A CD2 1 
ATOM   571 C CE1 . HIS A 1 74 ? 7.378   -10.924 -3.304  1.00 47.37 ? 72  HIS A CE1 1 
ATOM   572 N NE2 . HIS A 1 74 ? 7.820   -9.982  -2.490  1.00 43.55 ? 72  HIS A NE2 1 
ATOM   573 N N   . PHE A 1 75 ? 1.560   -7.412  -3.503  1.00 29.49 ? 73  PHE A N   1 
ATOM   574 C CA  . PHE A 1 75 ? 0.496   -6.461  -3.785  1.00 27.63 ? 73  PHE A CA  1 
ATOM   575 C C   . PHE A 1 75 ? -0.417  -6.407  -2.577  1.00 27.78 ? 73  PHE A C   1 
ATOM   576 O O   . PHE A 1 75 ? -0.694  -7.441  -1.965  1.00 29.10 ? 73  PHE A O   1 
ATOM   577 C CB  . PHE A 1 75 ? -0.320  -6.867  -5.030  1.00 28.21 ? 73  PHE A CB  1 
ATOM   578 C CG  . PHE A 1 75 ? -1.533  -5.995  -5.292  1.00 25.19 ? 73  PHE A CG  1 
ATOM   579 C CD1 . PHE A 1 75 ? -1.462  -4.949  -6.190  1.00 23.81 ? 73  PHE A CD1 1 
ATOM   580 C CD2 . PHE A 1 75 ? -2.735  -6.226  -4.637  1.00 24.51 ? 73  PHE A CD2 1 
ATOM   581 C CE1 . PHE A 1 75 ? -2.550  -4.156  -6.425  1.00 21.65 ? 73  PHE A CE1 1 
ATOM   582 C CE2 . PHE A 1 75 ? -3.829  -5.430  -4.863  1.00 21.85 ? 73  PHE A CE2 1 
ATOM   583 C CZ  . PHE A 1 75 ? -3.738  -4.390  -5.759  1.00 21.85 ? 73  PHE A CZ  1 
ATOM   584 N N   . ILE A 1 76 ? -0.881  -5.200  -2.243  1.00 24.29 ? 74  ILE A N   1 
ATOM   585 C CA  . ILE A 1 76 ? -1.857  -4.991  -1.184  1.00 24.35 ? 74  ILE A CA  1 
ATOM   586 C C   . ILE A 1 76 ? -2.592  -3.698  -1.497  1.00 23.51 ? 74  ILE A C   1 
ATOM   587 O O   . ILE A 1 76 ? -2.049  -2.795  -2.135  1.00 23.73 ? 74  ILE A O   1 
ATOM   588 C CB  . ILE A 1 76 ? -1.185  -4.962  0.216   1.00 30.45 ? 74  ILE A CB  1 
ATOM   589 C CG1 . ILE A 1 76 ? -2.212  -5.177  1.327   1.00 29.68 ? 74  ILE A CG1 1 
ATOM   590 C CG2 . ILE A 1 76 ? -0.446  -3.654  0.452   1.00 26.77 ? 74  ILE A CG2 1 
ATOM   591 C CD1 . ILE A 1 76 ? -1.591  -5.276  2.697   1.00 32.49 ? 74  ILE A CD1 1 
ATOM   592 N N   . TYR A 1 77 ? -3.849  -3.629  -1.077  1.00 23.91 ? 75  TYR A N   1 
ATOM   593 C CA  . TYR A 1 77 ? -4.696  -2.466  -1.340  1.00 24.90 ? 75  TYR A CA  1 
ATOM   594 C C   . TYR A 1 77 ? -5.709  -2.389  -0.205  1.00 26.88 ? 75  TYR A C   1 
ATOM   595 O O   . TYR A 1 77 ? -6.636  -3.204  -0.137  1.00 26.18 ? 75  TYR A O   1 
ATOM   596 C CB  . TYR A 1 77 ? -5.387  -2.559  -2.717  1.00 24.03 ? 75  TYR A CB  1 
ATOM   597 C CG  . TYR A 1 77 ? -6.477  -1.514  -2.921  1.00 22.06 ? 75  TYR A CG  1 
ATOM   598 C CD1 . TYR A 1 77 ? -6.167  -0.162  -3.016  1.00 21.74 ? 75  TYR A CD1 1 
ATOM   599 C CD2 . TYR A 1 77 ? -7.815  -1.880  -3.000  1.00 25.11 ? 75  TYR A CD2 1 
ATOM   600 C CE1 . TYR A 1 77 ? -7.160  0.800   -3.184  1.00 20.89 ? 75  TYR A CE1 1 
ATOM   601 C CE2 . TYR A 1 77 ? -8.820  -0.922  -3.170  1.00 22.73 ? 75  TYR A CE2 1 
ATOM   602 C CZ  . TYR A 1 77 ? -8.479  0.411   -3.261  1.00 22.28 ? 75  TYR A CZ  1 
ATOM   603 O OH  . TYR A 1 77 ? -9.454  1.357   -3.416  1.00 22.26 ? 75  TYR A OH  1 
ATOM   604 N N   . PHE A 1 78 ? -5.528  -1.421  0.690   1.00 29.23 ? 76  PHE A N   1 
ATOM   605 C CA  . PHE A 1 78 ? -6.322  -1.336  1.909   1.00 28.61 ? 76  PHE A CA  1 
ATOM   606 C C   . PHE A 1 78 ? -6.667  0.116   2.213   1.00 27.42 ? 76  PHE A C   1 
ATOM   607 O O   . PHE A 1 78 ? -5.996  1.047   1.768   1.00 25.25 ? 76  PHE A O   1 
ATOM   608 C CB  . PHE A 1 78 ? -5.578  -1.962  3.096   1.00 28.59 ? 76  PHE A CB  1 
ATOM   609 C CG  . PHE A 1 78 ? -4.202  -1.386  3.319   1.00 27.89 ? 76  PHE A CG  1 
ATOM   610 C CD1 . PHE A 1 78 ? -3.126  -1.803  2.548   1.00 26.60 ? 76  PHE A CD1 1 
ATOM   611 C CD2 . PHE A 1 78 ? -3.983  -0.432  4.304   1.00 26.93 ? 76  PHE A CD2 1 
ATOM   612 C CE1 . PHE A 1 78 ? -1.859  -1.274  2.747   1.00 25.17 ? 76  PHE A CE1 1 
ATOM   613 C CE2 . PHE A 1 78 ? -2.712  0.099   4.509   1.00 24.61 ? 76  PHE A CE2 1 
ATOM   614 C CZ  . PHE A 1 78 ? -1.654  -0.323  3.733   1.00 23.73 ? 76  PHE A CZ  1 
ATOM   615 N N   . TYR A 1 79 ? -7.731  0.290   2.989   1.00 30.65 ? 77  TYR A N   1 
ATOM   616 C CA  . TYR A 1 79 ? -8.098  1.583   3.541   1.00 30.95 ? 77  TYR A CA  1 
ATOM   617 C C   . TYR A 1 79 ? -7.534  1.754   4.953   1.00 38.39 ? 77  TYR A C   1 
ATOM   618 O O   . TYR A 1 79 ? -7.219  0.788   5.660   1.00 34.13 ? 77  TYR A O   1 
ATOM   619 C CB  . TYR A 1 79 ? -9.618  1.749   3.567   1.00 30.58 ? 77  TYR A CB  1 
ATOM   620 C CG  . TYR A 1 79 ? -10.213 2.275   2.281   1.00 32.82 ? 77  TYR A CG  1 
ATOM   621 C CD1 . TYR A 1 79 ? -10.642 3.594   2.184   1.00 30.69 ? 77  TYR A CD1 1 
ATOM   622 C CD2 . TYR A 1 79 ? -10.347 1.451   1.156   1.00 33.47 ? 77  TYR A CD2 1 
ATOM   623 C CE1 . TYR A 1 79 ? -11.192 4.076   1.014   1.00 36.47 ? 77  TYR A CE1 1 
ATOM   624 C CE2 . TYR A 1 79 ? -10.894 1.929   -0.024  1.00 30.58 ? 77  TYR A CE2 1 
ATOM   625 C CZ  . TYR A 1 79 ? -11.315 3.242   -0.088  1.00 33.95 ? 77  TYR A CZ  1 
ATOM   626 O OH  . TYR A 1 79 ? -11.871 3.729   -1.251  1.00 32.17 ? 77  TYR A OH  1 
ATOM   627 N N   . LEU A 1 80 ? -7.386  3.018   5.344   1.00 36.23 ? 78  LEU A N   1 
ATOM   628 C CA  . LEU A 1 80 ? -7.033  3.410   6.705   1.00 36.65 ? 78  LEU A CA  1 
ATOM   629 C C   . LEU A 1 80 ? -7.964  4.572   7.034   1.00 41.34 ? 78  LEU A C   1 
ATOM   630 O O   . LEU A 1 80 ? -7.757  5.698   6.571   1.00 42.25 ? 78  LEU A O   1 
ATOM   631 C CB  . LEU A 1 80 ? -5.567  3.799   6.821   1.00 27.95 ? 78  LEU A CB  1 
ATOM   632 C CG  . LEU A 1 80 ? -4.689  2.654   7.297   1.00 32.88 ? 78  LEU A CG  1 
ATOM   633 C CD1 . LEU A 1 80 ? -3.253  3.110   7.441   1.00 31.13 ? 78  LEU A CD1 1 
ATOM   634 C CD2 . LEU A 1 80 ? -5.218  2.150   8.630   1.00 36.09 ? 78  LEU A CD2 1 
ATOM   635 N N   . GLY A 1 81 ? -8.995  4.294   7.815   1.00 42.83 ? 79  GLY A N   1 
ATOM   636 C CA  . GLY A 1 81 ? -10.078 5.248   7.882   1.00 43.70 ? 79  GLY A CA  1 
ATOM   637 C C   . GLY A 1 81 ? -10.569 5.468   6.471   1.00 44.57 ? 79  GLY A C   1 
ATOM   638 O O   . GLY A 1 81 ? -10.818 4.516   5.721   1.00 39.09 ? 79  GLY A O   1 
ATOM   639 N N   . GLN A 1 82 ? -10.653 6.738   6.079   1.00 49.18 ? 80  GLN A N   1 
ATOM   640 C CA  . GLN A 1 82 ? -11.157 7.079   4.757   1.00 43.24 ? 80  GLN A CA  1 
ATOM   641 C C   . GLN A 1 82 ? -10.104 6.923   3.666   1.00 42.47 ? 80  GLN A C   1 
ATOM   642 O O   . GLN A 1 82 ? -10.468 6.734   2.503   1.00 38.22 ? 80  GLN A O   1 
ATOM   643 C CB  . GLN A 1 82 ? -11.709 8.508   4.769   1.00 50.86 ? 80  GLN A CB  1 
ATOM   644 C CG  . GLN A 1 82 ? -12.967 8.711   5.636   1.00 52.40 ? 80  GLN A CG  1 
ATOM   645 C CD  . GLN A 1 82 ? -14.268 8.344   4.909   1.00 69.33 ? 80  GLN A CD  1 
ATOM   646 O OE1 . GLN A 1 82 ? -14.548 7.165   4.655   1.00 68.99 ? 80  GLN A OE1 1 
ATOM   647 N NE2 . GLN A 1 82 ? -15.067 9.360   4.570   1.00 71.15 ? 80  GLN A NE2 1 
ATOM   648 N N   . VAL A 1 83 ? -8.822  6.930   4.025   1.00 42.42 ? 81  VAL A N   1 
ATOM   649 C CA  . VAL A 1 83 ? -7.732  6.991   3.056   1.00 32.64 ? 81  VAL A CA  1 
ATOM   650 C C   . VAL A 1 83 ? -7.372  5.599   2.554   1.00 33.41 ? 81  VAL A C   1 
ATOM   651 O O   . VAL A 1 83 ? -7.107  4.689   3.350   1.00 32.66 ? 81  VAL A O   1 
ATOM   652 C CB  . VAL A 1 83 ? -6.501  7.654   3.681   1.00 33.55 ? 81  VAL A CB  1 
ATOM   653 C CG1 . VAL A 1 83 ? -5.487  7.945   2.604   1.00 29.46 ? 81  VAL A CG1 1 
ATOM   654 C CG2 . VAL A 1 83 ? -6.898  8.908   4.435   1.00 44.14 ? 81  VAL A CG2 1 
ATOM   655 N N   . ALA A 1 84 ? -7.264  5.454   1.227   1.00 29.97 ? 82  ALA A N   1 
ATOM   656 C CA  . ALA A 1 84 ? -6.879  4.199   0.589   1.00 27.79 ? 82  ALA A CA  1 
ATOM   657 C C   . ALA A 1 84 ? -5.402  4.212   0.196   1.00 24.40 ? 82  ALA A C   1 
ATOM   658 O O   . ALA A 1 84 ? -4.891  5.220   -0.306  1.00 24.93 ? 82  ALA A O   1 
ATOM   659 C CB  . ALA A 1 84 ? -7.755  3.925   -0.642  1.00 24.13 ? 82  ALA A CB  1 
ATOM   660 N N   . ILE A 1 85 ? -4.727  3.076   0.411   1.00 21.83 ? 83  ILE A N   1 
ATOM   661 C CA  . ILE A 1 85 ? -3.303  2.902   0.134   1.00 19.02 ? 83  ILE A CA  1 
ATOM   662 C C   . ILE A 1 85 ? -3.129  1.719   -0.811  1.00 19.20 ? 83  ILE A C   1 
ATOM   663 O O   . ILE A 1 85 ? -3.728  0.660   -0.602  1.00 19.79 ? 83  ILE A O   1 
ATOM   664 C CB  . ILE A 1 85 ? -2.476  2.674   1.418   1.00 18.58 ? 83  ILE A CB  1 
ATOM   665 C CG1 . ILE A 1 85 ? -2.595  3.867   2.357   1.00 22.02 ? 83  ILE A CG1 1 
ATOM   666 C CG2 . ILE A 1 85 ? -1.004  2.429   1.074   1.00 14.91 ? 83  ILE A CG2 1 
ATOM   667 C CD1 . ILE A 1 85 ? -3.678  3.744   3.386   1.00 22.52 ? 83  ILE A CD1 1 
ATOM   668 N N   . LEU A 1 86 ? -2.301  1.902   -1.840  1.00 19.45 ? 84  LEU A N   1 
ATOM   669 C CA  . LEU A 1 86 ? -1.968  0.872   -2.815  1.00 18.01 ? 84  LEU A CA  1 
ATOM   670 C C   . LEU A 1 86 ? -0.459  0.739   -2.817  1.00 15.46 ? 84  LEU A C   1 
ATOM   671 O O   . LEU A 1 86 ? 0.243   1.731   -3.009  1.00 16.63 ? 84  LEU A O   1 
ATOM   672 C CB  . LEU A 1 86 ? -2.486  1.232   -4.214  1.00 15.42 ? 84  LEU A CB  1 
ATOM   673 C CG  . LEU A 1 86 ? -1.958  0.417   -5.406  1.00 19.98 ? 84  LEU A CG  1 
ATOM   674 C CD1 . LEU A 1 86 ? -2.473  -0.992  -5.323  1.00 18.48 ? 84  LEU A CD1 1 
ATOM   675 C CD2 . LEU A 1 86 ? -2.324  1.036   -6.787  1.00 18.59 ? 84  LEU A CD2 1 
ATOM   676 N N   . LEU A 1 87 ? 0.033   -0.483  -2.617  1.00 16.90 ? 85  LEU A N   1 
ATOM   677 C CA  . LEU A 1 87 ? 1.445   -0.754  -2.398  1.00 19.25 ? 85  LEU A CA  1 
ATOM   678 C C   . LEU A 1 87 ? 1.789   -2.060  -3.092  1.00 20.57 ? 85  LEU A C   1 
ATOM   679 O O   . LEU A 1 87 ? 1.103   -3.065  -2.888  1.00 22.96 ? 85  LEU A O   1 
ATOM   680 C CB  . LEU A 1 87 ? 1.761   -0.826  -0.889  1.00 18.04 ? 85  LEU A CB  1 
ATOM   681 C CG  . LEU A 1 87 ? 3.182   -1.250  -0.500  1.00 19.86 ? 85  LEU A CG  1 
ATOM   682 C CD1 . LEU A 1 87 ? 4.219   -0.259  -0.993  1.00 18.52 ? 85  LEU A CD1 1 
ATOM   683 C CD2 . LEU A 1 87 ? 3.293   -1.432  0.999   1.00 22.82 ? 85  LEU A CD2 1 
ATOM   684 N N   . PHE A 1 88 ? 2.837   -2.052  -3.908  1.00 15.93 ? 86  PHE A N   1 
ATOM   685 C CA  . PHE A 1 88 ? 3.104   -3.207  -4.749  1.00 23.99 ? 86  PHE A CA  1 
ATOM   686 C C   . PHE A 1 88 ? 4.519   -3.115  -5.289  1.00 25.73 ? 86  PHE A C   1 
ATOM   687 O O   . PHE A 1 88 ? 5.125   -2.042  -5.323  1.00 26.46 ? 86  PHE A O   1 
ATOM   688 C CB  . PHE A 1 88 ? 2.082   -3.333  -5.902  1.00 24.49 ? 86  PHE A CB  1 
ATOM   689 C CG  . PHE A 1 88 ? 2.256   -2.321  -7.020  1.00 21.71 ? 86  PHE A CG  1 
ATOM   690 C CD1 . PHE A 1 88 ? 1.599   -1.096  -6.982  1.00 19.25 ? 86  PHE A CD1 1 
ATOM   691 C CD2 . PHE A 1 88 ? 3.041   -2.613  -8.128  1.00 23.59 ? 86  PHE A CD2 1 
ATOM   692 C CE1 . PHE A 1 88 ? 1.745   -0.181  -8.015  1.00 15.90 ? 86  PHE A CE1 1 
ATOM   693 C CE2 . PHE A 1 88 ? 3.192   -1.690  -9.167  1.00 20.82 ? 86  PHE A CE2 1 
ATOM   694 C CZ  . PHE A 1 88 ? 2.547   -0.479  -9.102  1.00 16.53 ? 86  PHE A CZ  1 
ATOM   695 N N   . LYS A 1 89 ? 5.028   -4.255  -5.736  1.00 24.43 ? 87  LYS A N   1 
ATOM   696 C CA  . LYS A 1 89 ? 6.418   -4.385  -6.155  1.00 29.32 ? 87  LYS A CA  1 
ATOM   697 C C   . LYS A 1 89 ? 6.457   -4.716  -7.642  1.00 32.54 ? 87  LYS A C   1 
ATOM   698 O O   . LYS A 1 89 ? 6.043   -5.809  -8.043  1.00 31.53 ? 87  LYS A O   1 
ATOM   699 C CB  . LYS A 1 89 ? 7.114   -5.463  -5.325  1.00 31.88 ? 87  LYS A CB  1 
ATOM   700 C CG  . LYS A 1 89 ? 8.610   -5.582  -5.532  1.00 32.37 ? 87  LYS A CG  1 
ATOM   701 C CD  . LYS A 1 89 ? 9.094   -6.878  -4.917  1.00 34.96 ? 87  LYS A CD  1 
ATOM   702 C CE  . LYS A 1 89 ? 10.589  -6.887  -4.743  1.00 38.20 ? 87  LYS A CE  1 
ATOM   703 N NZ  . LYS A 1 89 ? 11.138  -8.247  -5.017  1.00 48.02 ? 87  LYS A NZ  1 
ATOM   704 N N   . SER A 1 90 ? 6.976   -3.776  -8.443  1.00 35.04 ? 88  SER A N   1 
ATOM   705 C CA  . SER A 1 90 ? 7.020   -3.841  -9.916  1.00 36.06 ? 88  SER A CA  1 
ATOM   706 C C   . SER A 1 90 ? 7.291   -5.237  -10.476 1.00 45.62 ? 88  SER A C   1 
ATOM   707 O O   . SER A 1 90 ? 8.421   -5.734  -10.421 1.00 47.85 ? 88  SER A O   1 
ATOM   708 C CB  . SER A 1 90 ? 8.086   -2.874  -10.457 1.00 33.70 ? 88  SER A CB  1 
ATOM   709 O OG  . SER A 1 90 ? 9.391   -3.433  -10.406 1.00 35.85 ? 88  SER A OG  1 
ATOM   710 N N   . LYS B 2 1  ? 7.025   -14.378 -11.009 1.00 50.34 ? 67  LYS B N   1 
ATOM   711 C CA  . LYS B 2 1  ? 6.228   -14.016 -12.178 1.00 46.91 ? 67  LYS B CA  1 
ATOM   712 C C   . LYS B 2 1  ? 5.331   -12.807 -11.905 1.00 45.85 ? 67  LYS B C   1 
ATOM   713 O O   . LYS B 2 1  ? 5.195   -12.355 -10.767 1.00 51.01 ? 67  LYS B O   1 
ATOM   714 C CB  . LYS B 2 1  ? 5.371   -15.201 -12.646 1.00 49.56 ? 67  LYS B CB  1 
ATOM   715 C CG  . LYS B 2 1  ? 4.793   -16.061 -11.528 1.00 51.24 ? 67  LYS B CG  1 
ATOM   716 C CD  . LYS B 2 1  ? 3.941   -17.183 -12.101 1.00 53.35 ? 67  LYS B CD  1 
ATOM   717 C CE  . LYS B 2 1  ? 2.557   -16.678 -12.506 1.00 50.88 ? 67  LYS B CE  1 
ATOM   718 N NZ  . LYS B 2 1  ? 1.580   -17.788 -12.727 1.00 49.39 ? 67  LYS B NZ  1 
ATOM   719 N N   . THR B 2 2  ? 4.720   -12.297 -12.968 1.00 48.72 ? 68  THR B N   1 
ATOM   720 C CA  . THR B 2 2  ? 3.907   -11.093 -12.925 1.00 44.40 ? 68  THR B CA  1 
ATOM   721 C C   . THR B 2 2  ? 2.443   -11.434 -12.664 1.00 42.33 ? 68  THR B C   1 
ATOM   722 O O   . THR B 2 2  ? 2.017   -12.587 -12.715 1.00 45.70 ? 68  THR B O   1 
ATOM   723 C CB  . THR B 2 2  ? 4.036   -10.307 -14.242 1.00 51.15 ? 68  THR B CB  1 
ATOM   724 O OG1 . THR B 2 2  ? 3.085   -9.276  -14.309 1.00 57.27 ? 68  THR B OG1 1 
ATOM   725 C CG2 . THR B 2 2  ? 3.852   -11.197 -15.445 1.00 49.86 ? 68  THR B CG2 1 
ATOM   726 N N   . ARG B 2 3  ? 1.671   -10.394 -12.383 1.00 41.48 ? 69  ARG B N   1 
ATOM   727 C CA  . ARG B 2 3  ? 0.222   -10.478 -12.322 1.00 36.44 ? 69  ARG B CA  1 
ATOM   728 C C   . ARG B 2 3  ? -0.306  -9.054  -12.374 1.00 36.83 ? 69  ARG B C   1 
ATOM   729 O O   . ARG B 2 3  ? 0.367   -8.116  -11.936 1.00 36.20 ? 69  ARG B O   1 
ATOM   730 C CB  . ARG B 2 3  ? -0.259  -11.200 -11.060 1.00 37.84 ? 69  ARG B CB  1 
ATOM   731 C CG  . ARG B 2 3  ? -1.672  -11.739 -11.170 1.00 39.02 ? 69  ARG B CG  1 
ATOM   732 C CD  . ARG B 2 3  ? -2.069  -12.573 -9.948  1.00 47.68 ? 69  ARG B CD  1 
ATOM   733 N NE  . ARG B 2 3  ? -2.280  -11.755 -8.752  1.00 48.79 ? 69  ARG B NE  1 
ATOM   734 C CZ  . ARG B 2 3  ? -3.318  -10.935 -8.577  1.00 50.87 ? 69  ARG B CZ  1 
ATOM   735 N NH1 . ARG B 2 3  ? -4.244  -10.815 -9.533  1.00 51.65 ? 69  ARG B NH1 1 
ATOM   736 N NH2 . ARG B 2 3  ? -3.429  -10.225 -7.451  1.00 39.16 ? 69  ARG B NH2 1 
ATOM   737 N N   . ASN B 2 4  ? -1.495  -8.893  -12.941 1.00 34.64 ? 70  ASN B N   1 
ATOM   738 C CA  . ASN B 2 4  ? -2.109  -7.582  -13.065 1.00 30.15 ? 70  ASN B CA  1 
ATOM   739 C C   . ASN B 2 4  ? -3.225  -7.428  -12.040 1.00 30.95 ? 70  ASN B C   1 
ATOM   740 O O   . ASN B 2 4  ? -3.891  -8.395  -11.661 1.00 31.38 ? 70  ASN B O   1 
ATOM   741 C CB  . ASN B 2 4  ? -2.644  -7.361  -14.483 1.00 31.08 ? 70  ASN B CB  1 
ATOM   742 C CG  . ASN B 2 4  ? -1.535  -7.315  -15.524 1.00 33.86 ? 70  ASN B CG  1 
ATOM   743 O OD1 . ASN B 2 4  ? -0.371  -7.640  -15.243 1.00 33.19 ? 70  ASN B OD1 1 
ATOM   744 N ND2 . ASN B 2 4  ? -1.890  -6.916  -16.734 1.00 32.21 ? 70  ASN B ND2 1 
ATOM   745 N N   . SER B 2 5  ? -3.404  -6.196  -11.567 1.00 26.92 ? 71  SER B N   1 
ATOM   746 C CA  . SER B 2 5  ? -4.379  -5.921  -10.525 1.00 24.97 ? 71  SER B CA  1 
ATOM   747 C C   . SER B 2 5  ? -5.063  -4.598  -10.809 1.00 22.84 ? 71  SER B C   1 
ATOM   748 O O   . SER B 2 5  ? -4.472  -3.677  -11.380 1.00 22.04 ? 71  SER B O   1 
ATOM   749 C CB  . SER B 2 5  ? -3.740  -5.888  -9.112  1.00 25.36 ? 71  SER B CB  1 
ATOM   750 O OG  . SER B 2 5  ? -3.534  -7.192  -8.589  1.00 25.80 ? 71  SER B OG  1 
ATOM   751 N N   . GLN B 2 6  ? -6.317  -4.516  -10.384 1.00 21.92 ? 72  GLN B N   1 
ATOM   752 C CA  . GLN B 2 6  ? -7.150  -3.344  -10.555 1.00 21.09 ? 72  GLN B CA  1 
ATOM   753 C C   . GLN B 2 6  ? -7.661  -2.905  -9.192  1.00 23.21 ? 72  GLN B C   1 
ATOM   754 O O   . GLN B 2 6  ? -7.878  -3.740  -8.310  1.00 24.36 ? 72  GLN B O   1 
ATOM   755 C CB  . GLN B 2 6  ? -8.296  -3.674  -11.481 1.00 25.88 ? 72  GLN B CB  1 
ATOM   756 C CG  . GLN B 2 6  ? -8.890  -2.515  -12.202 1.00 32.06 ? 72  GLN B CG  1 
ATOM   757 C CD  . GLN B 2 6  ? -9.769  -2.978  -13.353 1.00 34.47 ? 72  GLN B CD  1 
ATOM   758 O OE1 . GLN B 2 6  ? -10.327 -4.082  -13.312 1.00 32.93 ? 72  GLN B OE1 1 
ATOM   759 N NE2 . GLN B 2 6  ? -9.903  -2.133  -14.385 1.00 32.81 ? 72  GLN B NE2 1 
ATOM   760 N N   . THR B 2 7  ? -7.807  -1.592  -9.001  1.00 23.63 ? 73  THR B N   1 
ATOM   761 C CA  . THR B 2 7  ? -8.370  -1.032  -7.778  1.00 22.80 ? 73  THR B CA  1 
ATOM   762 C C   . THR B 2 7  ? -9.240  0.161   -8.135  1.00 21.73 ? 73  THR B C   1 
ATOM   763 O O   . THR B 2 7  ? -8.938  0.909   -9.065  1.00 18.49 ? 73  THR B O   1 
ATOM   764 C CB  . THR B 2 7  ? -7.301  -0.558  -6.752  1.00 22.64 ? 73  THR B CB  1 
ATOM   765 O OG1 . THR B 2 7  ? -6.843  0.761   -7.094  1.00 18.31 ? 73  THR B OG1 1 
ATOM   766 C CG2 . THR B 2 7  ? -6.116  -1.511  -6.684  1.00 19.14 ? 73  THR B CG2 1 
ATOM   767 N N   . GLN B 2 8  ? -10.298 0.352   -7.354  1.00 25.19 ? 74  GLN B N   1 
ATOM   768 C CA  . GLN B 2 8  ? -11.161 1.520   -7.440  1.00 25.58 ? 74  GLN B CA  1 
ATOM   769 C C   . GLN B 2 8  ? -11.511 1.977   -6.030  1.00 23.10 ? 74  GLN B C   1 
ATOM   770 O O   . GLN B 2 8  ? -11.836 1.156   -5.175  1.00 24.44 ? 74  GLN B O   1 
ATOM   771 C CB  . GLN B 2 8  ? -12.439 1.196   -8.215  1.00 26.94 ? 74  GLN B CB  1 
ATOM   772 C CG  . GLN B 2 8  ? -13.325 2.384   -8.466  1.00 24.77 ? 74  GLN B CG  1 
ATOM   773 C CD  . GLN B 2 8  ? -12.603 3.455   -9.234  1.00 24.29 ? 74  GLN B CD  1 
ATOM   774 O OE1 . GLN B 2 8  ? -11.958 3.178   -10.236 1.00 36.86 ? 74  GLN B OE1 1 
ATOM   775 N NE2 . GLN B 2 8  ? -12.691 4.686   -8.760  1.00 24.99 ? 74  GLN B NE2 1 
ATOM   776 N N   . THR B 2 9  ? -11.437 3.278   -5.780  1.00 24.03 ? 75  THR B N   1 
ATOM   777 C CA  . THR B 2 9  ? -11.895 3.789   -4.501  1.00 27.75 ? 75  THR B CA  1 
ATOM   778 C C   . THR B 2 9  ? -13.412 3.871   -4.479  1.00 29.70 ? 75  THR B C   1 
ATOM   779 O O   . THR B 2 9  ? -14.055 4.117   -5.499  1.00 34.74 ? 75  THR B O   1 
ATOM   780 C CB  . THR B 2 9  ? -11.310 5.170   -4.190  1.00 26.75 ? 75  THR B CB  1 
ATOM   781 O OG1 . THR B 2 9  ? -11.531 6.062   -5.289  1.00 28.24 ? 75  THR B OG1 1 
ATOM   782 C CG2 . THR B 2 9  ? -9.831  5.066   -3.897  1.00 25.00 ? 75  THR B CG2 1 
ATOM   783 N N   . ASP B 2 10 ? -13.970 3.685   -3.291  1.00 37.79 ? 76  ASP B N   1 
ATOM   784 C CA  . ASP B 2 10 ? -15.411 3.695   -3.080  1.00 40.90 ? 76  ASP B CA  1 
ATOM   785 C C   . ASP B 2 10 ? -15.963 5.106   -2.892  1.00 39.08 ? 76  ASP B C   1 
ATOM   786 O O   . ASP B 2 10 ? -15.282 6.094   -3.174  1.00 38.08 ? 76  ASP B O   1 
ATOM   787 C CB  . ASP B 2 10 ? -15.747 2.822   -1.867  1.00 40.92 ? 76  ASP B CB  1 
ATOM   788 C CG  . ASP B 2 10 ? -15.572 1.348   -2.162  1.00 46.32 ? 76  ASP B CG  1 
ATOM   789 O OD1 . ASP B 2 10 ? -16.247 0.861   -3.100  1.00 47.73 ? 76  ASP B OD1 1 
ATOM   790 O OD2 . ASP B 2 10 ? -14.740 0.688   -1.500  1.00 43.43 ? 76  ASP B OD2 1 
HETATM 791 O O   . HOH C 3 .  ? -5.295  3.457   17.539  1.00 50.83 ? 101 HOH A O   1 
HETATM 792 O O   . HOH C 3 .  ? 9.090   -6.897  -12.362 1.00 33.47 ? 102 HOH A O   1 
HETATM 793 O O   . HOH C 3 .  ? 5.313   18.143  0.911   1.00 27.28 ? 103 HOH A O   1 
HETATM 794 O O   . HOH C 3 .  ? 10.992  9.735   11.714  1.00 26.25 ? 104 HOH A O   1 
HETATM 795 O O   . HOH C 3 .  ? 14.896  -6.266  2.512   1.00 30.86 ? 105 HOH A O   1 
HETATM 796 O O   . HOH C 3 .  ? 9.104   -14.566 7.909   1.00 60.31 ? 106 HOH A O   1 
HETATM 797 O O   . HOH C 3 .  ? 11.814  -4.429  -9.136  1.00 28.68 ? 107 HOH A O   1 
HETATM 798 O O   . HOH C 3 .  ? -2.980  15.275  0.742   1.00 22.06 ? 108 HOH A O   1 
HETATM 799 O O   . HOH C 3 .  ? 10.429  8.752   5.588   1.00 31.98 ? 109 HOH A O   1 
HETATM 800 O O   . HOH C 3 .  ? 11.950  6.455   5.278   1.00 29.13 ? 110 HOH A O   1 
HETATM 801 O O   . HOH C 3 .  ? -16.290 2.148   7.713   1.00 31.43 ? 111 HOH A O   1 
HETATM 802 O O   . HOH C 3 .  ? 10.077  11.245  2.525   1.00 33.72 ? 112 HOH A O   1 
HETATM 803 O O   . HOH C 3 .  ? 7.639   20.464  -0.723  1.00 22.58 ? 113 HOH A O   1 
HETATM 804 O O   . HOH C 3 .  ? -14.268 2.217   2.947   1.00 39.41 ? 114 HOH A O   1 
HETATM 805 O O   . HOH C 3 .  ? 12.816  9.149   6.142   1.00 27.74 ? 115 HOH A O   1 
HETATM 806 O O   . HOH D 3 .  ? -11.485 -2.232  -6.125  1.00 20.33 ? 101 HOH B O   1 
HETATM 807 O O   . HOH D 3 .  ? -13.034 -2.993  -7.961  1.00 29.93 ? 102 HOH B O   1 
# 
loop_
_pdbx_poly_seq_scheme.asym_id 
_pdbx_poly_seq_scheme.entity_id 
_pdbx_poly_seq_scheme.seq_id 
_pdbx_poly_seq_scheme.mon_id 
_pdbx_poly_seq_scheme.ndb_seq_num 
_pdbx_poly_seq_scheme.pdb_seq_num 
_pdbx_poly_seq_scheme.auth_seq_num 
_pdbx_poly_seq_scheme.pdb_mon_id 
_pdbx_poly_seq_scheme.auth_mon_id 
_pdbx_poly_seq_scheme.pdb_strand_id 
_pdbx_poly_seq_scheme.pdb_ins_code 
_pdbx_poly_seq_scheme.hetero 
A 1 1  GLY 1  -1 ?  ?   ?   A . n 
A 1 2  HIS 2  0  ?  ?   ?   A . n 
A 1 3  MET 3  1  ?  ?   ?   A . n 
A 1 4  CYS 4  2  ?  ?   ?   A . n 
A 1 5  ASP 5  3  3  ASP ASP A . n 
A 1 6  ARG 6  4  4  ARG ARG A . n 
A 1 7  LYS 7  5  5  LYS LYS A . n 
A 1 8  ALA 8  6  6  ALA ALA A . n 
A 1 9  VAL 9  7  7  VAL VAL A . n 
A 1 10 ILE 10 8  8  ILE ILE A . n 
A 1 11 LYS 11 9  9  LYS LYS A . n 
A 1 12 ASN 12 10 10 ASN ASN A . n 
A 1 13 ALA 13 11 11 ALA ALA A . n 
A 1 14 ASP 14 12 12 ASP ASP A . n 
A 1 15 MET 15 13 13 MET MET A . n 
A 1 16 SER 16 14 14 SER SER A . n 
A 1 17 GLU 17 15 15 GLU GLU A . n 
A 1 18 GLU 18 16 16 GLU GLU A . n 
A 1 19 MET 19 17 17 MET MET A . n 
A 1 20 GLN 20 18 18 GLN GLN A . n 
A 1 21 GLN 21 19 19 GLN GLN A . n 
A 1 22 ASP 22 20 20 ASP ASP A . n 
A 1 23 SER 23 21 21 SER SER A . n 
A 1 24 VAL 24 22 22 VAL VAL A . n 
A 1 25 GLU 25 23 23 GLU GLU A . n 
A 1 26 CYS 26 24 24 CYS CYS A . n 
A 1 27 ALA 27 25 25 ALA ALA A . n 
A 1 28 THR 28 26 26 THR THR A . n 
A 1 29 GLN 29 27 27 GLN GLN A . n 
A 1 30 ALA 30 28 28 ALA ALA A . n 
A 1 31 LEU 31 29 29 LEU LEU A . n 
A 1 32 GLU 32 30 30 GLU GLU A . n 
A 1 33 LYS 33 31 31 LYS LYS A . n 
A 1 34 TYR 34 32 32 TYR TYR A . n 
A 1 35 ASN 35 33 33 ASN ASN A . n 
A 1 36 ILE 36 34 34 ILE ILE A . n 
A 1 37 GLU 37 35 35 GLU GLU A . n 
A 1 38 LYS 38 36 36 LYS LYS A . n 
A 1 39 ASP 39 37 37 ASP ASP A . n 
A 1 40 ILE 40 38 38 ILE ILE A . n 
A 1 41 ALA 41 39 39 ALA ALA A . n 
A 1 42 ALA 42 40 40 ALA ALA A . n 
A 1 43 HIS 43 41 41 HIS HIS A . n 
A 1 44 ILE 44 42 42 ILE ILE A . n 
A 1 45 LYS 45 43 43 LYS LYS A . n 
A 1 46 LYS 46 44 44 LYS LYS A . n 
A 1 47 GLU 47 45 45 GLU GLU A . n 
A 1 48 PHE 48 46 46 PHE PHE A . n 
A 1 49 ASP 49 47 47 ASP ASP A . n 
A 1 50 LYS 50 48 48 LYS LYS A . n 
A 1 51 LYS 51 49 49 LYS LYS A . n 
A 1 52 TYR 52 50 50 TYR TYR A . n 
A 1 53 ASN 53 51 51 ASN ASN A . n 
A 1 54 PRO 54 52 52 PRO PRO A . n 
A 1 55 THR 55 53 53 THR THR A . n 
A 1 56 TRP 56 54 54 TRP TRP A . n 
A 1 57 HIS 57 55 55 HIS HIS A . n 
A 1 58 CYS 58 56 56 CYS CYS A . n 
A 1 59 ILE 59 57 57 ILE ILE A . n 
A 1 60 VAL 60 58 58 VAL VAL A . n 
A 1 61 GLY 61 59 59 GLY GLY A . n 
A 1 62 ARG 62 60 60 ARG ARG A . n 
A 1 63 ASN 63 61 61 ASN ASN A . n 
A 1 64 PHE 64 62 62 PHE PHE A . n 
A 1 65 GLY 65 63 63 GLY GLY A . n 
A 1 66 SER 66 64 64 SER SER A . n 
A 1 67 TYR 67 65 65 TYR TYR A . n 
A 1 68 VAL 68 66 66 VAL VAL A . n 
A 1 69 THR 69 67 67 THR THR A . n 
A 1 70 HIS 70 68 68 HIS HIS A . n 
A 1 71 GLU 71 69 69 GLU GLU A . n 
A 1 72 THR 72 70 70 THR THR A . n 
A 1 73 LYS 73 71 71 LYS LYS A . n 
A 1 74 HIS 74 72 72 HIS HIS A . n 
A 1 75 PHE 75 73 73 PHE PHE A . n 
A 1 76 ILE 76 74 74 ILE ILE A . n 
A 1 77 TYR 77 75 75 TYR TYR A . n 
A 1 78 PHE 78 76 76 PHE PHE A . n 
A 1 79 TYR 79 77 77 TYR TYR A . n 
A 1 80 LEU 80 78 78 LEU LEU A . n 
A 1 81 GLY 81 79 79 GLY GLY A . n 
A 1 82 GLN 82 80 80 GLN GLN A . n 
A 1 83 VAL 83 81 81 VAL VAL A . n 
A 1 84 ALA 84 82 82 ALA ALA A . n 
A 1 85 ILE 85 83 83 ILE ILE A . n 
A 1 86 LEU 86 84 84 LEU LEU A . n 
A 1 87 LEU 87 85 85 LEU LEU A . n 
A 1 88 PHE 88 86 86 PHE PHE A . n 
A 1 89 LYS 89 87 87 LYS LYS A . n 
A 1 90 SER 90 88 88 SER SER A . n 
A 1 91 GLY 91 89 ?  ?   ?   A . n 
B 2 1  LYS 1  67 67 LYS LYS B . n 
B 2 2  THR 2  68 68 THR THR B . n 
B 2 3  ARG 3  69 69 ARG ARG B . n 
B 2 4  ASN 4  70 70 ASN ASN B . n 
B 2 5  SER 5  71 71 SER SER B . n 
B 2 6  GLN 6  72 72 GLN GLN B . n 
B 2 7  THR 7  73 73 THR THR B . n 
B 2 8  GLN 8  74 74 GLN GLN B . n 
B 2 9  THR 9  75 75 THR THR B . n 
B 2 10 ASP 10 76 76 ASP ASP B . n 
# 
loop_
_pdbx_nonpoly_scheme.asym_id 
_pdbx_nonpoly_scheme.entity_id 
_pdbx_nonpoly_scheme.mon_id 
_pdbx_nonpoly_scheme.ndb_seq_num 
_pdbx_nonpoly_scheme.pdb_seq_num 
_pdbx_nonpoly_scheme.auth_seq_num 
_pdbx_nonpoly_scheme.pdb_mon_id 
_pdbx_nonpoly_scheme.auth_mon_id 
_pdbx_nonpoly_scheme.pdb_strand_id 
_pdbx_nonpoly_scheme.pdb_ins_code 
C 3 HOH 1  101 10 HOH HOH A . 
C 3 HOH 2  102 17 HOH HOH A . 
C 3 HOH 3  103 2  HOH HOH A . 
C 3 HOH 4  104 4  HOH HOH A . 
C 3 HOH 5  105 5  HOH HOH A . 
C 3 HOH 6  106 11 HOH HOH A . 
C 3 HOH 7  107 13 HOH HOH A . 
C 3 HOH 8  108 1  HOH HOH A . 
C 3 HOH 9  109 12 HOH HOH A . 
C 3 HOH 10 110 16 HOH HOH A . 
C 3 HOH 11 111 6  HOH HOH A . 
C 3 HOH 12 112 14 HOH HOH A . 
C 3 HOH 13 113 3  HOH HOH A . 
C 3 HOH 14 114 7  HOH HOH A . 
C 3 HOH 15 115 15 HOH HOH A . 
D 3 HOH 1  101 9  HOH HOH B . 
D 3 HOH 2  102 8  HOH HOH B . 
# 
_pdbx_struct_assembly.id                   1 
_pdbx_struct_assembly.details              author_and_software_defined_assembly 
_pdbx_struct_assembly.method_details       PISA 
_pdbx_struct_assembly.oligomeric_details   tetrameric 
_pdbx_struct_assembly.oligomeric_count     4 
# 
_pdbx_struct_assembly_gen.assembly_id       1 
_pdbx_struct_assembly_gen.oper_expression   1,2 
_pdbx_struct_assembly_gen.asym_id_list      A,B,C,D 
# 
loop_
_pdbx_struct_assembly_prop.biol_id 
_pdbx_struct_assembly_prop.type 
_pdbx_struct_assembly_prop.value 
_pdbx_struct_assembly_prop.details 
1 'ABSA (A^2)' 5020 ? 
1 MORE         -15  ? 
1 'SSA (A^2)'  8830 ? 
# 
loop_
_pdbx_struct_oper_list.id 
_pdbx_struct_oper_list.type 
_pdbx_struct_oper_list.name 
_pdbx_struct_oper_list.symmetry_operation 
_pdbx_struct_oper_list.matrix[1][1] 
_pdbx_struct_oper_list.matrix[1][2] 
_pdbx_struct_oper_list.matrix[1][3] 
_pdbx_struct_oper_list.vector[1] 
_pdbx_struct_oper_list.matrix[2][1] 
_pdbx_struct_oper_list.matrix[2][2] 
_pdbx_struct_oper_list.matrix[2][3] 
_pdbx_struct_oper_list.vector[2] 
_pdbx_struct_oper_list.matrix[3][1] 
_pdbx_struct_oper_list.matrix[3][2] 
_pdbx_struct_oper_list.matrix[3][3] 
_pdbx_struct_oper_list.vector[3] 
1 'identity operation'         1_555  x,y,z        1.0000000000 0.0000000000  0.0000000000  0.0000000000  0.0000000000  1.0000000000  0.0000000000 0.0000000000 0.0000000000  0.0000000000 1.0000000000  0.0000000000   
2 'crystal symmetry operation' 10_554 -y,-x,-z-1/6 0.1379731592 -0.8713006844 -0.4709549073 -0.4937049009 -0.8713006844 -0.3328797990 0.3605913986 8.6469631568 -0.4709549073 0.3605913986 -0.8050933602 -17.1904522454 
# 
loop_
_pdbx_audit_revision_history.ordinal 
_pdbx_audit_revision_history.data_content_type 
_pdbx_audit_revision_history.major_revision 
_pdbx_audit_revision_history.minor_revision 
_pdbx_audit_revision_history.revision_date 
1 'Structure model' 1 0 2021-04-14 
2 'Structure model' 1 1 2023-11-29 
# 
_pdbx_audit_revision_details.ordinal             1 
_pdbx_audit_revision_details.revision_ordinal    1 
_pdbx_audit_revision_details.data_content_type   'Structure model' 
_pdbx_audit_revision_details.provider            repository 
_pdbx_audit_revision_details.type                'Initial release' 
_pdbx_audit_revision_details.description         ? 
_pdbx_audit_revision_details.details             ? 
# 
loop_
_pdbx_audit_revision_group.ordinal 
_pdbx_audit_revision_group.revision_ordinal 
_pdbx_audit_revision_group.data_content_type 
_pdbx_audit_revision_group.group 
1 2 'Structure model' 'Data collection'        
2 2 'Structure model' 'Database references'    
3 2 'Structure model' 'Refinement description' 
# 
loop_
_pdbx_audit_revision_category.ordinal 
_pdbx_audit_revision_category.revision_ordinal 
_pdbx_audit_revision_category.data_content_type 
_pdbx_audit_revision_category.category 
1 2 'Structure model' chem_comp_atom                
2 2 'Structure model' chem_comp_bond                
3 2 'Structure model' database_2                    
4 2 'Structure model' pdbx_initial_refinement_model 
# 
loop_
_pdbx_audit_revision_item.ordinal 
_pdbx_audit_revision_item.revision_ordinal 
_pdbx_audit_revision_item.data_content_type 
_pdbx_audit_revision_item.item 
1 2 'Structure model' '_database_2.pdbx_DOI'                
2 2 'Structure model' '_database_2.pdbx_database_accession' 
# 
loop_
_software.citation_id 
_software.classification 
_software.compiler_name 
_software.compiler_version 
_software.contact_author 
_software.contact_author_email 
_software.date 
_software.description 
_software.dependencies 
_software.hardware 
_software.language 
_software.location 
_software.mods 
_software.name 
_software.os 
_software.os_version 
_software.type 
_software.version 
_software.pdbx_ordinal 
? refinement        ? ? ? ? ? ? ? ? ? ? ? PHENIX      ? ? ? 1.10.1_2155 1 
? 'data extraction' ? ? ? ? ? ? ? ? ? ? ? PDB_EXTRACT ? ? ? 3.25        2 
? 'data reduction'  ? ? ? ? ? ? ? ? ? ? ? HKL-2000    ? ? ? .           3 
? 'data scaling'    ? ? ? ? ? ? ? ? ? ? ? HKL-2000    ? ? ? .           4 
? phasing           ? ? ? ? ? ? ? ? ? ? ? MOLREP      ? ? ? .           5 
# 
loop_
_pdbx_validate_torsion.id 
_pdbx_validate_torsion.PDB_model_num 
_pdbx_validate_torsion.auth_comp_id 
_pdbx_validate_torsion.auth_asym_id 
_pdbx_validate_torsion.auth_seq_id 
_pdbx_validate_torsion.PDB_ins_code 
_pdbx_validate_torsion.label_alt_id 
_pdbx_validate_torsion.phi 
_pdbx_validate_torsion.psi 
1 1 MET A 13 ? ? -176.23 133.71 
2 1 ASN A 51 ? ? 73.39   155.33 
3 1 HIS A 72 ? ? -147.24 47.32  
# 
loop_
_pdbx_unobs_or_zero_occ_residues.id 
_pdbx_unobs_or_zero_occ_residues.PDB_model_num 
_pdbx_unobs_or_zero_occ_residues.polymer_flag 
_pdbx_unobs_or_zero_occ_residues.occupancy_flag 
_pdbx_unobs_or_zero_occ_residues.auth_asym_id 
_pdbx_unobs_or_zero_occ_residues.auth_comp_id 
_pdbx_unobs_or_zero_occ_residues.auth_seq_id 
_pdbx_unobs_or_zero_occ_residues.PDB_ins_code 
_pdbx_unobs_or_zero_occ_residues.label_asym_id 
_pdbx_unobs_or_zero_occ_residues.label_comp_id 
_pdbx_unobs_or_zero_occ_residues.label_seq_id 
1 1 Y 1 A GLY -1 ? A GLY 1  
2 1 Y 1 A HIS 0  ? A HIS 2  
3 1 Y 1 A MET 1  ? A MET 3  
4 1 Y 1 A CYS 2  ? A CYS 4  
5 1 Y 1 A GLY 89 ? A GLY 91 
# 
loop_
_chem_comp_atom.comp_id 
_chem_comp_atom.atom_id 
_chem_comp_atom.type_symbol 
_chem_comp_atom.pdbx_aromatic_flag 
_chem_comp_atom.pdbx_stereo_config 
_chem_comp_atom.pdbx_ordinal 
ALA N    N N N 1   
ALA CA   C N S 2   
ALA C    C N N 3   
ALA O    O N N 4   
ALA CB   C N N 5   
ALA OXT  O N N 6   
ALA H    H N N 7   
ALA H2   H N N 8   
ALA HA   H N N 9   
ALA HB1  H N N 10  
ALA HB2  H N N 11  
ALA HB3  H N N 12  
ALA HXT  H N N 13  
ARG N    N N N 14  
ARG CA   C N S 15  
ARG C    C N N 16  
ARG O    O N N 17  
ARG CB   C N N 18  
ARG CG   C N N 19  
ARG CD   C N N 20  
ARG NE   N N N 21  
ARG CZ   C N N 22  
ARG NH1  N N N 23  
ARG NH2  N N N 24  
ARG OXT  O N N 25  
ARG H    H N N 26  
ARG H2   H N N 27  
ARG HA   H N N 28  
ARG HB2  H N N 29  
ARG HB3  H N N 30  
ARG HG2  H N N 31  
ARG HG3  H N N 32  
ARG HD2  H N N 33  
ARG HD3  H N N 34  
ARG HE   H N N 35  
ARG HH11 H N N 36  
ARG HH12 H N N 37  
ARG HH21 H N N 38  
ARG HH22 H N N 39  
ARG HXT  H N N 40  
ASN N    N N N 41  
ASN CA   C N S 42  
ASN C    C N N 43  
ASN O    O N N 44  
ASN CB   C N N 45  
ASN CG   C N N 46  
ASN OD1  O N N 47  
ASN ND2  N N N 48  
ASN OXT  O N N 49  
ASN H    H N N 50  
ASN H2   H N N 51  
ASN HA   H N N 52  
ASN HB2  H N N 53  
ASN HB3  H N N 54  
ASN HD21 H N N 55  
ASN HD22 H N N 56  
ASN HXT  H N N 57  
ASP N    N N N 58  
ASP CA   C N S 59  
ASP C    C N N 60  
ASP O    O N N 61  
ASP CB   C N N 62  
ASP CG   C N N 63  
ASP OD1  O N N 64  
ASP OD2  O N N 65  
ASP OXT  O N N 66  
ASP H    H N N 67  
ASP H2   H N N 68  
ASP HA   H N N 69  
ASP HB2  H N N 70  
ASP HB3  H N N 71  
ASP HD2  H N N 72  
ASP HXT  H N N 73  
CYS N    N N N 74  
CYS CA   C N R 75  
CYS C    C N N 76  
CYS O    O N N 77  
CYS CB   C N N 78  
CYS SG   S N N 79  
CYS OXT  O N N 80  
CYS H    H N N 81  
CYS H2   H N N 82  
CYS HA   H N N 83  
CYS HB2  H N N 84  
CYS HB3  H N N 85  
CYS HG   H N N 86  
CYS HXT  H N N 87  
GLN N    N N N 88  
GLN CA   C N S 89  
GLN C    C N N 90  
GLN O    O N N 91  
GLN CB   C N N 92  
GLN CG   C N N 93  
GLN CD   C N N 94  
GLN OE1  O N N 95  
GLN NE2  N N N 96  
GLN OXT  O N N 97  
GLN H    H N N 98  
GLN H2   H N N 99  
GLN HA   H N N 100 
GLN HB2  H N N 101 
GLN HB3  H N N 102 
GLN HG2  H N N 103 
GLN HG3  H N N 104 
GLN HE21 H N N 105 
GLN HE22 H N N 106 
GLN HXT  H N N 107 
GLU N    N N N 108 
GLU CA   C N S 109 
GLU C    C N N 110 
GLU O    O N N 111 
GLU CB   C N N 112 
GLU CG   C N N 113 
GLU CD   C N N 114 
GLU OE1  O N N 115 
GLU OE2  O N N 116 
GLU OXT  O N N 117 
GLU H    H N N 118 
GLU H2   H N N 119 
GLU HA   H N N 120 
GLU HB2  H N N 121 
GLU HB3  H N N 122 
GLU HG2  H N N 123 
GLU HG3  H N N 124 
GLU HE2  H N N 125 
GLU HXT  H N N 126 
GLY N    N N N 127 
GLY CA   C N N 128 
GLY C    C N N 129 
GLY O    O N N 130 
GLY OXT  O N N 131 
GLY H    H N N 132 
GLY H2   H N N 133 
GLY HA2  H N N 134 
GLY HA3  H N N 135 
GLY HXT  H N N 136 
HIS N    N N N 137 
HIS CA   C N S 138 
HIS C    C N N 139 
HIS O    O N N 140 
HIS CB   C N N 141 
HIS CG   C Y N 142 
HIS ND1  N Y N 143 
HIS CD2  C Y N 144 
HIS CE1  C Y N 145 
HIS NE2  N Y N 146 
HIS OXT  O N N 147 
HIS H    H N N 148 
HIS H2   H N N 149 
HIS HA   H N N 150 
HIS HB2  H N N 151 
HIS HB3  H N N 152 
HIS HD1  H N N 153 
HIS HD2  H N N 154 
HIS HE1  H N N 155 
HIS HE2  H N N 156 
HIS HXT  H N N 157 
HOH O    O N N 158 
HOH H1   H N N 159 
HOH H2   H N N 160 
ILE N    N N N 161 
ILE CA   C N S 162 
ILE C    C N N 163 
ILE O    O N N 164 
ILE CB   C N S 165 
ILE CG1  C N N 166 
ILE CG2  C N N 167 
ILE CD1  C N N 168 
ILE OXT  O N N 169 
ILE H    H N N 170 
ILE H2   H N N 171 
ILE HA   H N N 172 
ILE HB   H N N 173 
ILE HG12 H N N 174 
ILE HG13 H N N 175 
ILE HG21 H N N 176 
ILE HG22 H N N 177 
ILE HG23 H N N 178 
ILE HD11 H N N 179 
ILE HD12 H N N 180 
ILE HD13 H N N 181 
ILE HXT  H N N 182 
LEU N    N N N 183 
LEU CA   C N S 184 
LEU C    C N N 185 
LEU O    O N N 186 
LEU CB   C N N 187 
LEU CG   C N N 188 
LEU CD1  C N N 189 
LEU CD2  C N N 190 
LEU OXT  O N N 191 
LEU H    H N N 192 
LEU H2   H N N 193 
LEU HA   H N N 194 
LEU HB2  H N N 195 
LEU HB3  H N N 196 
LEU HG   H N N 197 
LEU HD11 H N N 198 
LEU HD12 H N N 199 
LEU HD13 H N N 200 
LEU HD21 H N N 201 
LEU HD22 H N N 202 
LEU HD23 H N N 203 
LEU HXT  H N N 204 
LYS N    N N N 205 
LYS CA   C N S 206 
LYS C    C N N 207 
LYS O    O N N 208 
LYS CB   C N N 209 
LYS CG   C N N 210 
LYS CD   C N N 211 
LYS CE   C N N 212 
LYS NZ   N N N 213 
LYS OXT  O N N 214 
LYS H    H N N 215 
LYS H2   H N N 216 
LYS HA   H N N 217 
LYS HB2  H N N 218 
LYS HB3  H N N 219 
LYS HG2  H N N 220 
LYS HG3  H N N 221 
LYS HD2  H N N 222 
LYS HD3  H N N 223 
LYS HE2  H N N 224 
LYS HE3  H N N 225 
LYS HZ1  H N N 226 
LYS HZ2  H N N 227 
LYS HZ3  H N N 228 
LYS HXT  H N N 229 
MET N    N N N 230 
MET CA   C N S 231 
MET C    C N N 232 
MET O    O N N 233 
MET CB   C N N 234 
MET CG   C N N 235 
MET SD   S N N 236 
MET CE   C N N 237 
MET OXT  O N N 238 
MET H    H N N 239 
MET H2   H N N 240 
MET HA   H N N 241 
MET HB2  H N N 242 
MET HB3  H N N 243 
MET HG2  H N N 244 
MET HG3  H N N 245 
MET HE1  H N N 246 
MET HE2  H N N 247 
MET HE3  H N N 248 
MET HXT  H N N 249 
PHE N    N N N 250 
PHE CA   C N S 251 
PHE C    C N N 252 
PHE O    O N N 253 
PHE CB   C N N 254 
PHE CG   C Y N 255 
PHE CD1  C Y N 256 
PHE CD2  C Y N 257 
PHE CE1  C Y N 258 
PHE CE2  C Y N 259 
PHE CZ   C Y N 260 
PHE OXT  O N N 261 
PHE H    H N N 262 
PHE H2   H N N 263 
PHE HA   H N N 264 
PHE HB2  H N N 265 
PHE HB3  H N N 266 
PHE HD1  H N N 267 
PHE HD2  H N N 268 
PHE HE1  H N N 269 
PHE HE2  H N N 270 
PHE HZ   H N N 271 
PHE HXT  H N N 272 
PRO N    N N N 273 
PRO CA   C N S 274 
PRO C    C N N 275 
PRO O    O N N 276 
PRO CB   C N N 277 
PRO CG   C N N 278 
PRO CD   C N N 279 
PRO OXT  O N N 280 
PRO H    H N N 281 
PRO HA   H N N 282 
PRO HB2  H N N 283 
PRO HB3  H N N 284 
PRO HG2  H N N 285 
PRO HG3  H N N 286 
PRO HD2  H N N 287 
PRO HD3  H N N 288 
PRO HXT  H N N 289 
SER N    N N N 290 
SER CA   C N S 291 
SER C    C N N 292 
SER O    O N N 293 
SER CB   C N N 294 
SER OG   O N N 295 
SER OXT  O N N 296 
SER H    H N N 297 
SER H2   H N N 298 
SER HA   H N N 299 
SER HB2  H N N 300 
SER HB3  H N N 301 
SER HG   H N N 302 
SER HXT  H N N 303 
THR N    N N N 304 
THR CA   C N S 305 
THR C    C N N 306 
THR O    O N N 307 
THR CB   C N R 308 
THR OG1  O N N 309 
THR CG2  C N N 310 
THR OXT  O N N 311 
THR H    H N N 312 
THR H2   H N N 313 
THR HA   H N N 314 
THR HB   H N N 315 
THR HG1  H N N 316 
THR HG21 H N N 317 
THR HG22 H N N 318 
THR HG23 H N N 319 
THR HXT  H N N 320 
TRP N    N N N 321 
TRP CA   C N S 322 
TRP C    C N N 323 
TRP O    O N N 324 
TRP CB   C N N 325 
TRP CG   C Y N 326 
TRP CD1  C Y N 327 
TRP CD2  C Y N 328 
TRP NE1  N Y N 329 
TRP CE2  C Y N 330 
TRP CE3  C Y N 331 
TRP CZ2  C Y N 332 
TRP CZ3  C Y N 333 
TRP CH2  C Y N 334 
TRP OXT  O N N 335 
TRP H    H N N 336 
TRP H2   H N N 337 
TRP HA   H N N 338 
TRP HB2  H N N 339 
TRP HB3  H N N 340 
TRP HD1  H N N 341 
TRP HE1  H N N 342 
TRP HE3  H N N 343 
TRP HZ2  H N N 344 
TRP HZ3  H N N 345 
TRP HH2  H N N 346 
TRP HXT  H N N 347 
TYR N    N N N 348 
TYR CA   C N S 349 
TYR C    C N N 350 
TYR O    O N N 351 
TYR CB   C N N 352 
TYR CG   C Y N 353 
TYR CD1  C Y N 354 
TYR CD2  C Y N 355 
TYR CE1  C Y N 356 
TYR CE2  C Y N 357 
TYR CZ   C Y N 358 
TYR OH   O N N 359 
TYR OXT  O N N 360 
TYR H    H N N 361 
TYR H2   H N N 362 
TYR HA   H N N 363 
TYR HB2  H N N 364 
TYR HB3  H N N 365 
TYR HD1  H N N 366 
TYR HD2  H N N 367 
TYR HE1  H N N 368 
TYR HE2  H N N 369 
TYR HH   H N N 370 
TYR HXT  H N N 371 
VAL N    N N N 372 
VAL CA   C N S 373 
VAL C    C N N 374 
VAL O    O N N 375 
VAL CB   C N N 376 
VAL CG1  C N N 377 
VAL CG2  C N N 378 
VAL OXT  O N N 379 
VAL H    H N N 380 
VAL H2   H N N 381 
VAL HA   H N N 382 
VAL HB   H N N 383 
VAL HG11 H N N 384 
VAL HG12 H N N 385 
VAL HG13 H N N 386 
VAL HG21 H N N 387 
VAL HG22 H N N 388 
VAL HG23 H N N 389 
VAL HXT  H N N 390 
# 
loop_
_chem_comp_bond.comp_id 
_chem_comp_bond.atom_id_1 
_chem_comp_bond.atom_id_2 
_chem_comp_bond.value_order 
_chem_comp_bond.pdbx_aromatic_flag 
_chem_comp_bond.pdbx_stereo_config 
_chem_comp_bond.pdbx_ordinal 
ALA N   CA   sing N N 1   
ALA N   H    sing N N 2   
ALA N   H2   sing N N 3   
ALA CA  C    sing N N 4   
ALA CA  CB   sing N N 5   
ALA CA  HA   sing N N 6   
ALA C   O    doub N N 7   
ALA C   OXT  sing N N 8   
ALA CB  HB1  sing N N 9   
ALA CB  HB2  sing N N 10  
ALA CB  HB3  sing N N 11  
ALA OXT HXT  sing N N 12  
ARG N   CA   sing N N 13  
ARG N   H    sing N N 14  
ARG N   H2   sing N N 15  
ARG CA  C    sing N N 16  
ARG CA  CB   sing N N 17  
ARG CA  HA   sing N N 18  
ARG C   O    doub N N 19  
ARG C   OXT  sing N N 20  
ARG CB  CG   sing N N 21  
ARG CB  HB2  sing N N 22  
ARG CB  HB3  sing N N 23  
ARG CG  CD   sing N N 24  
ARG CG  HG2  sing N N 25  
ARG CG  HG3  sing N N 26  
ARG CD  NE   sing N N 27  
ARG CD  HD2  sing N N 28  
ARG CD  HD3  sing N N 29  
ARG NE  CZ   sing N N 30  
ARG NE  HE   sing N N 31  
ARG CZ  NH1  sing N N 32  
ARG CZ  NH2  doub N N 33  
ARG NH1 HH11 sing N N 34  
ARG NH1 HH12 sing N N 35  
ARG NH2 HH21 sing N N 36  
ARG NH2 HH22 sing N N 37  
ARG OXT HXT  sing N N 38  
ASN N   CA   sing N N 39  
ASN N   H    sing N N 40  
ASN N   H2   sing N N 41  
ASN CA  C    sing N N 42  
ASN CA  CB   sing N N 43  
ASN CA  HA   sing N N 44  
ASN C   O    doub N N 45  
ASN C   OXT  sing N N 46  
ASN CB  CG   sing N N 47  
ASN CB  HB2  sing N N 48  
ASN CB  HB3  sing N N 49  
ASN CG  OD1  doub N N 50  
ASN CG  ND2  sing N N 51  
ASN ND2 HD21 sing N N 52  
ASN ND2 HD22 sing N N 53  
ASN OXT HXT  sing N N 54  
ASP N   CA   sing N N 55  
ASP N   H    sing N N 56  
ASP N   H2   sing N N 57  
ASP CA  C    sing N N 58  
ASP CA  CB   sing N N 59  
ASP CA  HA   sing N N 60  
ASP C   O    doub N N 61  
ASP C   OXT  sing N N 62  
ASP CB  CG   sing N N 63  
ASP CB  HB2  sing N N 64  
ASP CB  HB3  sing N N 65  
ASP CG  OD1  doub N N 66  
ASP CG  OD2  sing N N 67  
ASP OD2 HD2  sing N N 68  
ASP OXT HXT  sing N N 69  
CYS N   CA   sing N N 70  
CYS N   H    sing N N 71  
CYS N   H2   sing N N 72  
CYS CA  C    sing N N 73  
CYS CA  CB   sing N N 74  
CYS CA  HA   sing N N 75  
CYS C   O    doub N N 76  
CYS C   OXT  sing N N 77  
CYS CB  SG   sing N N 78  
CYS CB  HB2  sing N N 79  
CYS CB  HB3  sing N N 80  
CYS SG  HG   sing N N 81  
CYS OXT HXT  sing N N 82  
GLN N   CA   sing N N 83  
GLN N   H    sing N N 84  
GLN N   H2   sing N N 85  
GLN CA  C    sing N N 86  
GLN CA  CB   sing N N 87  
GLN CA  HA   sing N N 88  
GLN C   O    doub N N 89  
GLN C   OXT  sing N N 90  
GLN CB  CG   sing N N 91  
GLN CB  HB2  sing N N 92  
GLN CB  HB3  sing N N 93  
GLN CG  CD   sing N N 94  
GLN CG  HG2  sing N N 95  
GLN CG  HG3  sing N N 96  
GLN CD  OE1  doub N N 97  
GLN CD  NE2  sing N N 98  
GLN NE2 HE21 sing N N 99  
GLN NE2 HE22 sing N N 100 
GLN OXT HXT  sing N N 101 
GLU N   CA   sing N N 102 
GLU N   H    sing N N 103 
GLU N   H2   sing N N 104 
GLU CA  C    sing N N 105 
GLU CA  CB   sing N N 106 
GLU CA  HA   sing N N 107 
GLU C   O    doub N N 108 
GLU C   OXT  sing N N 109 
GLU CB  CG   sing N N 110 
GLU CB  HB2  sing N N 111 
GLU CB  HB3  sing N N 112 
GLU CG  CD   sing N N 113 
GLU CG  HG2  sing N N 114 
GLU CG  HG3  sing N N 115 
GLU CD  OE1  doub N N 116 
GLU CD  OE2  sing N N 117 
GLU OE2 HE2  sing N N 118 
GLU OXT HXT  sing N N 119 
GLY N   CA   sing N N 120 
GLY N   H    sing N N 121 
GLY N   H2   sing N N 122 
GLY CA  C    sing N N 123 
GLY CA  HA2  sing N N 124 
GLY CA  HA3  sing N N 125 
GLY C   O    doub N N 126 
GLY C   OXT  sing N N 127 
GLY OXT HXT  sing N N 128 
HIS N   CA   sing N N 129 
HIS N   H    sing N N 130 
HIS N   H2   sing N N 131 
HIS CA  C    sing N N 132 
HIS CA  CB   sing N N 133 
HIS CA  HA   sing N N 134 
HIS C   O    doub N N 135 
HIS C   OXT  sing N N 136 
HIS CB  CG   sing N N 137 
HIS CB  HB2  sing N N 138 
HIS CB  HB3  sing N N 139 
HIS CG  ND1  sing Y N 140 
HIS CG  CD2  doub Y N 141 
HIS ND1 CE1  doub Y N 142 
HIS ND1 HD1  sing N N 143 
HIS CD2 NE2  sing Y N 144 
HIS CD2 HD2  sing N N 145 
HIS CE1 NE2  sing Y N 146 
HIS CE1 HE1  sing N N 147 
HIS NE2 HE2  sing N N 148 
HIS OXT HXT  sing N N 149 
HOH O   H1   sing N N 150 
HOH O   H2   sing N N 151 
ILE N   CA   sing N N 152 
ILE N   H    sing N N 153 
ILE N   H2   sing N N 154 
ILE CA  C    sing N N 155 
ILE CA  CB   sing N N 156 
ILE CA  HA   sing N N 157 
ILE C   O    doub N N 158 
ILE C   OXT  sing N N 159 
ILE CB  CG1  sing N N 160 
ILE CB  CG2  sing N N 161 
ILE CB  HB   sing N N 162 
ILE CG1 CD1  sing N N 163 
ILE CG1 HG12 sing N N 164 
ILE CG1 HG13 sing N N 165 
ILE CG2 HG21 sing N N 166 
ILE CG2 HG22 sing N N 167 
ILE CG2 HG23 sing N N 168 
ILE CD1 HD11 sing N N 169 
ILE CD1 HD12 sing N N 170 
ILE CD1 HD13 sing N N 171 
ILE OXT HXT  sing N N 172 
LEU N   CA   sing N N 173 
LEU N   H    sing N N 174 
LEU N   H2   sing N N 175 
LEU CA  C    sing N N 176 
LEU CA  CB   sing N N 177 
LEU CA  HA   sing N N 178 
LEU C   O    doub N N 179 
LEU C   OXT  sing N N 180 
LEU CB  CG   sing N N 181 
LEU CB  HB2  sing N N 182 
LEU CB  HB3  sing N N 183 
LEU CG  CD1  sing N N 184 
LEU CG  CD2  sing N N 185 
LEU CG  HG   sing N N 186 
LEU CD1 HD11 sing N N 187 
LEU CD1 HD12 sing N N 188 
LEU CD1 HD13 sing N N 189 
LEU CD2 HD21 sing N N 190 
LEU CD2 HD22 sing N N 191 
LEU CD2 HD23 sing N N 192 
LEU OXT HXT  sing N N 193 
LYS N   CA   sing N N 194 
LYS N   H    sing N N 195 
LYS N   H2   sing N N 196 
LYS CA  C    sing N N 197 
LYS CA  CB   sing N N 198 
LYS CA  HA   sing N N 199 
LYS C   O    doub N N 200 
LYS C   OXT  sing N N 201 
LYS CB  CG   sing N N 202 
LYS CB  HB2  sing N N 203 
LYS CB  HB3  sing N N 204 
LYS CG  CD   sing N N 205 
LYS CG  HG2  sing N N 206 
LYS CG  HG3  sing N N 207 
LYS CD  CE   sing N N 208 
LYS CD  HD2  sing N N 209 
LYS CD  HD3  sing N N 210 
LYS CE  NZ   sing N N 211 
LYS CE  HE2  sing N N 212 
LYS CE  HE3  sing N N 213 
LYS NZ  HZ1  sing N N 214 
LYS NZ  HZ2  sing N N 215 
LYS NZ  HZ3  sing N N 216 
LYS OXT HXT  sing N N 217 
MET N   CA   sing N N 218 
MET N   H    sing N N 219 
MET N   H2   sing N N 220 
MET CA  C    sing N N 221 
MET CA  CB   sing N N 222 
MET CA  HA   sing N N 223 
MET C   O    doub N N 224 
MET C   OXT  sing N N 225 
MET CB  CG   sing N N 226 
MET CB  HB2  sing N N 227 
MET CB  HB3  sing N N 228 
MET CG  SD   sing N N 229 
MET CG  HG2  sing N N 230 
MET CG  HG3  sing N N 231 
MET SD  CE   sing N N 232 
MET CE  HE1  sing N N 233 
MET CE  HE2  sing N N 234 
MET CE  HE3  sing N N 235 
MET OXT HXT  sing N N 236 
PHE N   CA   sing N N 237 
PHE N   H    sing N N 238 
PHE N   H2   sing N N 239 
PHE CA  C    sing N N 240 
PHE CA  CB   sing N N 241 
PHE CA  HA   sing N N 242 
PHE C   O    doub N N 243 
PHE C   OXT  sing N N 244 
PHE CB  CG   sing N N 245 
PHE CB  HB2  sing N N 246 
PHE CB  HB3  sing N N 247 
PHE CG  CD1  doub Y N 248 
PHE CG  CD2  sing Y N 249 
PHE CD1 CE1  sing Y N 250 
PHE CD1 HD1  sing N N 251 
PHE CD2 CE2  doub Y N 252 
PHE CD2 HD2  sing N N 253 
PHE CE1 CZ   doub Y N 254 
PHE CE1 HE1  sing N N 255 
PHE CE2 CZ   sing Y N 256 
PHE CE2 HE2  sing N N 257 
PHE CZ  HZ   sing N N 258 
PHE OXT HXT  sing N N 259 
PRO N   CA   sing N N 260 
PRO N   CD   sing N N 261 
PRO N   H    sing N N 262 
PRO CA  C    sing N N 263 
PRO CA  CB   sing N N 264 
PRO CA  HA   sing N N 265 
PRO C   O    doub N N 266 
PRO C   OXT  sing N N 267 
PRO CB  CG   sing N N 268 
PRO CB  HB2  sing N N 269 
PRO CB  HB3  sing N N 270 
PRO CG  CD   sing N N 271 
PRO CG  HG2  sing N N 272 
PRO CG  HG3  sing N N 273 
PRO CD  HD2  sing N N 274 
PRO CD  HD3  sing N N 275 
PRO OXT HXT  sing N N 276 
SER N   CA   sing N N 277 
SER N   H    sing N N 278 
SER N   H2   sing N N 279 
SER CA  C    sing N N 280 
SER CA  CB   sing N N 281 
SER CA  HA   sing N N 282 
SER C   O    doub N N 283 
SER C   OXT  sing N N 284 
SER CB  OG   sing N N 285 
SER CB  HB2  sing N N 286 
SER CB  HB3  sing N N 287 
SER OG  HG   sing N N 288 
SER OXT HXT  sing N N 289 
THR N   CA   sing N N 290 
THR N   H    sing N N 291 
THR N   H2   sing N N 292 
THR CA  C    sing N N 293 
THR CA  CB   sing N N 294 
THR CA  HA   sing N N 295 
THR C   O    doub N N 296 
THR C   OXT  sing N N 297 
THR CB  OG1  sing N N 298 
THR CB  CG2  sing N N 299 
THR CB  HB   sing N N 300 
THR OG1 HG1  sing N N 301 
THR CG2 HG21 sing N N 302 
THR CG2 HG22 sing N N 303 
THR CG2 HG23 sing N N 304 
THR OXT HXT  sing N N 305 
TRP N   CA   sing N N 306 
TRP N   H    sing N N 307 
TRP N   H2   sing N N 308 
TRP CA  C    sing N N 309 
TRP CA  CB   sing N N 310 
TRP CA  HA   sing N N 311 
TRP C   O    doub N N 312 
TRP C   OXT  sing N N 313 
TRP CB  CG   sing N N 314 
TRP CB  HB2  sing N N 315 
TRP CB  HB3  sing N N 316 
TRP CG  CD1  doub Y N 317 
TRP CG  CD2  sing Y N 318 
TRP CD1 NE1  sing Y N 319 
TRP CD1 HD1  sing N N 320 
TRP CD2 CE2  doub Y N 321 
TRP CD2 CE3  sing Y N 322 
TRP NE1 CE2  sing Y N 323 
TRP NE1 HE1  sing N N 324 
TRP CE2 CZ2  sing Y N 325 
TRP CE3 CZ3  doub Y N 326 
TRP CE3 HE3  sing N N 327 
TRP CZ2 CH2  doub Y N 328 
TRP CZ2 HZ2  sing N N 329 
TRP CZ3 CH2  sing Y N 330 
TRP CZ3 HZ3  sing N N 331 
TRP CH2 HH2  sing N N 332 
TRP OXT HXT  sing N N 333 
TYR N   CA   sing N N 334 
TYR N   H    sing N N 335 
TYR N   H2   sing N N 336 
TYR CA  C    sing N N 337 
TYR CA  CB   sing N N 338 
TYR CA  HA   sing N N 339 
TYR C   O    doub N N 340 
TYR C   OXT  sing N N 341 
TYR CB  CG   sing N N 342 
TYR CB  HB2  sing N N 343 
TYR CB  HB3  sing N N 344 
TYR CG  CD1  doub Y N 345 
TYR CG  CD2  sing Y N 346 
TYR CD1 CE1  sing Y N 347 
TYR CD1 HD1  sing N N 348 
TYR CD2 CE2  doub Y N 349 
TYR CD2 HD2  sing N N 350 
TYR CE1 CZ   doub Y N 351 
TYR CE1 HE1  sing N N 352 
TYR CE2 CZ   sing Y N 353 
TYR CE2 HE2  sing N N 354 
TYR CZ  OH   sing N N 355 
TYR OH  HH   sing N N 356 
TYR OXT HXT  sing N N 357 
VAL N   CA   sing N N 358 
VAL N   H    sing N N 359 
VAL N   H2   sing N N 360 
VAL CA  C    sing N N 361 
VAL CA  CB   sing N N 362 
VAL CA  HA   sing N N 363 
VAL C   O    doub N N 364 
VAL C   OXT  sing N N 365 
VAL CB  CG1  sing N N 366 
VAL CB  CG2  sing N N 367 
VAL CB  HB   sing N N 368 
VAL CG1 HG11 sing N N 369 
VAL CG1 HG12 sing N N 370 
VAL CG1 HG13 sing N N 371 
VAL CG2 HG21 sing N N 372 
VAL CG2 HG22 sing N N 373 
VAL CG2 HG23 sing N N 374 
VAL OXT HXT  sing N N 375 
# 
loop_
_pdbx_audit_support.funding_organization 
_pdbx_audit_support.country 
_pdbx_audit_support.grant_number 
_pdbx_audit_support.ordinal 
'National Research Foundation (NRF, Korea)'           'Korea, Republic Of' 2020R1C1C1008451                     1 
'National Research Foundation (NRF, Korea)'           'Korea, Republic Of' 2019M3E5D6063955                     2 
'Ministry of Science, ICT and Future Planning (MSIP)' 'Korea, Republic Of' 'KRIBB Research Initiative Programs' 3 
# 
_pdbx_entity_nonpoly.entity_id   3 
_pdbx_entity_nonpoly.name        water 
_pdbx_entity_nonpoly.comp_id     HOH 
# 
_pdbx_initial_refinement_model.id               1 
_pdbx_initial_refinement_model.entity_id_list   ? 
_pdbx_initial_refinement_model.type             'experimental model' 
_pdbx_initial_refinement_model.source_name      PDB 
_pdbx_initial_refinement_model.accession_code   1CMI 
_pdbx_initial_refinement_model.details          ? 
# 
_pdbx_struct_assembly_auth_evidence.id                     1 
_pdbx_struct_assembly_auth_evidence.assembly_id            1 
_pdbx_struct_assembly_auth_evidence.experimental_support   none 
_pdbx_struct_assembly_auth_evidence.details                ? 
# 
